data_5D92
#
_entry.id   5D92
#
_cell.length_a   89.002
_cell.length_b   62.489
_cell.length_c   169.759
_cell.angle_alpha   90.000
_cell.angle_beta   99.770
_cell.angle_gamma   90.000
#
_symmetry.space_group_name_H-M   'P 1 21 1'
#
loop_
_entity.id
_entity.type
_entity.pdbx_description
1 polymer 'AF2299 protein,Phosphatidylinositol synthase'
2 non-polymer Octadecane
3 non-polymer 'MAGNESIUM ION'
4 non-polymer "5'-O-[(R)-{[(S)-{(2R)-2,3-bis[(9E)-octadec-9-enoyloxy]propoxy}(hydroxy)phosphoryl]oxy}(hydroxy)phosphoryl]cytidine"
#
_entity_poly.entity_id   1
_entity_poly.type   'polypeptide(L)'
_entity_poly.pdbx_seq_one_letter_code
;MRLAYVKNHEIYGEKLLGLTLRERIEKTLQRAGFDVRFFDELSLEEAEDYLIILEPVLILERDLLLEGRKILVSDGFTVG
YFFGGDFRTVFDGNLQSSIEKYLSLNNLESYEIWAIKLSNDNLKTAEKLLLSSLIGSGSLNKYARGLFAAIFLPIARLLA
DWGVSPDAVTVVGTLGVMAGALIFYPMGQLFWGTVVITVFVFSDIIDGLMARLLFREGPWGAFLDSYLDRVGDSSVFTGI
VIWFFLGGANPTIAILALICLVLSSLVSYSKARAEGLGLTANVGIAERSERLVVVLVATGLVGLGIPSWVLLVVLIVLAI
ASVVTIFQRVLTVREQAKAWTA
;
_entity_poly.pdbx_strand_id   D,A,B,C
#
loop_
_chem_comp.id
_chem_comp.type
_chem_comp.name
_chem_comp.formula
58A non-polymer 5'-O-[(R)-{[(S)-{(2R)-2,3-bis[(9E)-octadec-9-enoyloxy]propoxy}(hydroxy)phosphoryl]oxy}(hydroxy)phosphoryl]cytidine 'C48 H85 N3 O15 P2'
8K6 non-polymer Octadecane 'C18 H38'
MG non-polymer 'MAGNESIUM ION' 'Mg 2'
#
# COMPACT_ATOMS: atom_id res chain seq x y z
N MET A 1 44.91 -52.78 -2.24
CA MET A 1 44.30 -53.38 -1.06
C MET A 1 45.29 -53.43 0.09
N ARG A 2 44.89 -52.92 1.25
CA ARG A 2 45.77 -52.89 2.41
C ARG A 2 45.38 -53.97 3.41
N LEU A 3 46.39 -54.71 3.88
CA LEU A 3 46.16 -55.81 4.81
C LEU A 3 46.79 -55.61 6.19
N ALA A 4 46.03 -55.93 7.23
CA ALA A 4 46.56 -55.83 8.59
C ALA A 4 46.33 -57.15 9.32
N TYR A 5 47.42 -57.85 9.64
CA TYR A 5 47.33 -59.12 10.35
C TYR A 5 47.51 -59.01 11.87
N VAL A 6 46.47 -59.35 12.61
CA VAL A 6 46.54 -59.34 14.07
C VAL A 6 46.49 -60.76 14.62
N LYS A 7 47.38 -61.08 15.56
CA LYS A 7 47.44 -62.43 16.10
C LYS A 7 46.36 -62.67 17.15
N ASN A 8 45.68 -63.81 17.05
CA ASN A 8 44.61 -64.18 17.97
C ASN A 8 45.07 -64.43 19.40
N HIS A 9 44.28 -63.99 20.37
CA HIS A 9 44.63 -64.20 21.77
C HIS A 9 43.40 -64.58 22.59
N GLU A 10 43.65 -65.06 23.81
CA GLU A 10 42.60 -65.58 24.66
C GLU A 10 41.77 -64.43 25.22
N ILE A 11 42.39 -63.27 25.35
CA ILE A 11 41.74 -62.16 26.02
C ILE A 11 40.94 -61.30 25.05
N TYR A 12 41.15 -61.52 23.74
CA TYR A 12 40.45 -60.69 22.76
C TYR A 12 38.95 -60.97 22.81
N GLY A 13 38.59 -62.13 23.34
CA GLY A 13 37.20 -62.56 23.44
C GLY A 13 36.44 -61.90 24.56
N GLU A 14 37.16 -61.34 25.52
CA GLU A 14 36.53 -60.68 26.65
C GLU A 14 35.82 -59.40 26.21
N LYS A 15 34.66 -59.16 26.81
CA LYS A 15 33.85 -57.99 26.46
C LYS A 15 34.16 -56.79 27.35
N LEU A 16 34.45 -55.66 26.72
CA LEU A 16 34.75 -54.43 27.44
C LEU A 16 33.89 -53.26 26.95
N LEU A 17 33.05 -52.74 27.85
CA LEU A 17 32.16 -51.61 27.56
C LEU A 17 31.28 -51.87 26.34
N GLY A 18 30.81 -53.11 26.22
CA GLY A 18 29.81 -53.49 25.24
C GLY A 18 30.34 -54.21 24.02
N LEU A 19 31.61 -54.00 23.66
CA LEU A 19 32.20 -54.79 22.59
C LEU A 19 33.24 -55.78 23.14
N THR A 20 33.71 -56.70 22.30
CA THR A 20 34.87 -57.51 22.64
C THR A 20 36.09 -56.69 22.24
N LEU A 21 37.23 -56.95 22.87
CA LEU A 21 38.46 -56.30 22.45
C LEU A 21 38.86 -56.60 21.00
N ARG A 22 38.61 -57.84 20.56
CA ARG A 22 38.85 -58.23 19.17
C ARG A 22 38.07 -57.44 18.12
N GLU A 23 36.75 -57.38 18.28
CA GLU A 23 35.91 -56.60 17.38
C GLU A 23 36.32 -55.14 17.44
N ARG A 24 36.72 -54.69 18.61
CA ARG A 24 37.07 -53.29 18.83
C ARG A 24 38.35 -52.91 18.07
N ILE A 25 39.37 -53.77 18.14
CA ILE A 25 40.61 -53.50 17.41
C ILE A 25 40.37 -53.65 15.91
N GLU A 26 39.50 -54.60 15.54
CA GLU A 26 39.20 -54.82 14.13
C GLU A 26 38.49 -53.62 13.52
N LYS A 27 37.51 -53.08 14.22
CA LYS A 27 36.75 -51.93 13.74
C LYS A 27 37.63 -50.68 13.77
N THR A 28 38.50 -50.61 14.77
CA THR A 28 39.48 -49.52 14.87
C THR A 28 40.33 -49.51 13.59
N LEU A 29 40.84 -50.68 13.23
CA LEU A 29 41.69 -50.84 12.05
C LEU A 29 40.88 -50.61 10.77
N GLN A 30 39.59 -50.88 10.85
CA GLN A 30 38.67 -50.67 9.73
C GLN A 30 38.52 -49.17 9.50
N ARG A 31 38.51 -48.39 10.57
CA ARG A 31 38.41 -46.95 10.43
C ARG A 31 39.66 -46.38 9.78
N ALA A 32 40.77 -47.12 9.88
CA ALA A 32 42.01 -46.71 9.23
C ALA A 32 42.15 -47.18 7.79
N GLY A 33 41.15 -47.87 7.27
CA GLY A 33 41.20 -48.30 5.87
C GLY A 33 41.99 -49.58 5.67
N PHE A 34 41.97 -50.46 6.66
CA PHE A 34 42.68 -51.73 6.58
C PHE A 34 41.76 -52.94 6.60
N ASP A 35 42.07 -53.95 5.80
CA ASP A 35 41.35 -55.22 5.90
C ASP A 35 42.04 -56.10 6.92
N VAL A 36 41.29 -56.51 7.93
CA VAL A 36 41.88 -57.18 9.09
C VAL A 36 41.84 -58.70 8.98
N ARG A 37 43.00 -59.33 9.14
CA ARG A 37 43.09 -60.78 9.16
C ARG A 37 43.58 -61.25 10.53
N PHE A 38 42.73 -61.96 11.27
CA PHE A 38 43.18 -62.55 12.53
C PHE A 38 43.84 -63.90 12.28
N PHE A 39 45.02 -64.10 12.84
CA PHE A 39 45.75 -65.34 12.55
C PHE A 39 46.36 -66.00 13.80
N ASP A 40 46.21 -67.31 13.88
CA ASP A 40 46.97 -68.12 14.82
C ASP A 40 48.36 -68.44 14.27
N GLU A 41 48.40 -68.68 12.96
CA GLU A 41 49.65 -68.85 12.23
C GLU A 41 49.54 -68.15 10.88
N LEU A 42 50.54 -67.34 10.55
CA LEU A 42 50.42 -66.42 9.42
C LEU A 42 50.48 -67.07 8.05
N SER A 43 49.50 -66.74 7.21
CA SER A 43 49.56 -67.05 5.79
C SER A 43 49.51 -65.73 5.03
N LEU A 44 50.60 -65.36 4.37
CA LEU A 44 50.68 -64.03 3.78
C LEU A 44 50.03 -64.00 2.40
N GLU A 45 49.33 -62.91 2.10
CA GLU A 45 48.70 -62.73 0.80
C GLU A 45 49.34 -61.57 0.05
N GLU A 46 49.26 -61.60 -1.27
CA GLU A 46 49.81 -60.51 -2.08
C GLU A 46 48.97 -59.24 -1.93
N ALA A 47 49.63 -58.14 -1.57
CA ALA A 47 48.94 -56.88 -1.33
C ALA A 47 49.94 -55.73 -1.34
N GLU A 48 49.48 -54.54 -0.98
CA GLU A 48 50.38 -53.38 -0.95
C GLU A 48 50.91 -53.12 0.45
N ASP A 49 50.03 -52.70 1.36
CA ASP A 49 50.41 -52.42 2.74
C ASP A 49 50.20 -53.59 3.70
N TYR A 50 51.16 -53.79 4.60
CA TYR A 50 51.06 -54.82 5.64
C TYR A 50 51.26 -54.25 7.04
N LEU A 51 50.21 -54.34 7.87
CA LEU A 51 50.29 -53.84 9.24
C LEU A 51 50.21 -55.02 10.19
N ILE A 52 51.33 -55.32 10.86
CA ILE A 52 51.40 -56.48 11.73
C ILE A 52 51.41 -56.15 13.22
N ILE A 53 50.35 -56.58 13.90
CA ILE A 53 50.24 -56.43 15.35
C ILE A 53 50.38 -57.80 16.00
N LEU A 54 51.30 -57.94 16.94
CA LEU A 54 51.57 -59.22 17.58
C LEU A 54 50.98 -59.33 18.98
N GLU A 55 51.53 -58.54 19.91
CA GLU A 55 51.05 -58.52 21.28
C GLU A 55 49.62 -58.00 21.36
N PRO A 56 48.81 -58.57 22.26
CA PRO A 56 47.45 -58.06 22.45
C PRO A 56 47.46 -56.61 22.94
N VAL A 57 46.72 -55.74 22.27
CA VAL A 57 46.81 -54.32 22.55
C VAL A 57 45.46 -53.62 22.35
N LEU A 58 45.16 -52.68 23.26
CA LEU A 58 44.00 -51.81 23.09
C LEU A 58 44.48 -50.44 22.64
N ILE A 59 44.16 -50.08 21.40
CA ILE A 59 44.58 -48.79 20.85
C ILE A 59 43.60 -47.70 21.23
N LEU A 60 44.06 -46.72 21.99
CA LEU A 60 43.19 -45.65 22.48
C LEU A 60 43.18 -44.42 21.58
N GLU A 61 44.10 -44.36 20.61
CA GLU A 61 44.19 -43.19 19.74
C GLU A 61 43.04 -43.17 18.74
N ARG A 62 42.41 -42.01 18.59
CA ARG A 62 41.23 -41.91 17.74
C ARG A 62 41.55 -42.02 16.25
N ASP A 63 42.20 -40.99 15.71
CA ASP A 63 42.61 -41.02 14.31
C ASP A 63 44.06 -41.45 14.11
N LEU A 64 44.26 -42.60 13.48
CA LEU A 64 45.58 -43.11 13.18
C LEU A 64 45.93 -42.94 11.70
N LEU A 65 46.88 -42.07 11.37
CA LEU A 65 47.22 -41.87 9.98
C LEU A 65 48.57 -42.50 9.67
N LEU A 66 48.54 -43.54 8.84
CA LEU A 66 49.75 -44.27 8.46
C LEU A 66 50.17 -43.99 7.03
N GLU A 67 51.28 -43.29 6.88
CA GLU A 67 51.82 -42.95 5.57
C GLU A 67 53.27 -43.43 5.49
N GLY A 68 53.53 -44.40 4.62
CA GLY A 68 54.88 -44.93 4.50
C GLY A 68 55.20 -45.93 5.59
N ARG A 69 56.27 -46.69 5.37
CA ARG A 69 56.72 -47.69 6.33
C ARG A 69 57.23 -47.02 7.59
N LYS A 70 57.05 -47.69 8.73
CA LYS A 70 57.36 -47.16 10.06
C LYS A 70 57.14 -48.18 11.17
N ILE A 71 57.60 -47.85 12.38
CA ILE A 71 57.37 -48.67 13.57
C ILE A 71 56.39 -48.06 14.58
N LEU A 72 55.37 -48.83 14.95
CA LEU A 72 54.35 -48.34 15.87
C LEU A 72 54.72 -48.52 17.34
N VAL A 73 54.83 -47.41 18.08
CA VAL A 73 55.22 -47.47 19.49
C VAL A 73 54.28 -46.67 20.38
N SER A 74 54.09 -47.16 21.60
CA SER A 74 53.34 -46.43 22.63
C SER A 74 54.09 -46.41 23.96
N ASP A 75 54.49 -45.21 24.36
CA ASP A 75 55.20 -44.97 25.62
C ASP A 75 56.39 -45.91 25.84
N GLY A 76 57.18 -46.13 24.81
CA GLY A 76 58.39 -46.94 24.91
C GLY A 76 58.16 -48.38 24.50
N PHE A 77 56.90 -48.80 24.58
CA PHE A 77 56.46 -50.12 24.13
C PHE A 77 56.42 -50.16 22.61
N THR A 78 56.81 -51.29 22.02
CA THR A 78 56.60 -51.49 20.58
C THR A 78 55.38 -52.35 20.30
N VAL A 79 54.32 -51.69 19.82
CA VAL A 79 53.00 -52.31 19.64
C VAL A 79 52.85 -53.09 18.33
N GLY A 80 53.53 -52.64 17.28
CA GLY A 80 53.41 -53.30 15.99
C GLY A 80 54.30 -52.73 14.91
N TYR A 81 54.40 -53.45 13.79
CA TYR A 81 55.22 -53.03 12.68
C TYR A 81 54.40 -52.66 11.44
N PHE A 82 54.85 -51.68 10.68
CA PHE A 82 54.24 -51.41 9.38
C PHE A 82 55.23 -51.62 8.23
N PHE A 83 55.00 -52.69 7.46
CA PHE A 83 55.85 -53.06 6.33
C PHE A 83 55.13 -52.88 4.99
N GLY A 84 55.88 -52.60 3.92
CA GLY A 84 55.29 -52.48 2.61
C GLY A 84 55.13 -53.85 1.95
N GLY A 85 54.82 -53.85 0.65
CA GLY A 85 54.62 -55.09 -0.09
C GLY A 85 55.84 -55.98 -0.25
N ASP A 86 57.02 -55.36 -0.17
CA ASP A 86 58.30 -56.04 -0.32
C ASP A 86 58.45 -57.20 0.66
N PHE A 87 57.82 -57.05 1.82
CA PHE A 87 57.88 -58.04 2.89
C PHE A 87 57.32 -59.40 2.44
N ARG A 88 56.55 -59.41 1.36
CA ARG A 88 56.03 -60.66 0.81
C ARG A 88 57.15 -61.54 0.26
N THR A 89 58.23 -60.89 -0.15
CA THR A 89 59.40 -61.54 -0.72
C THR A 89 60.41 -61.89 0.37
N VAL A 90 60.06 -61.58 1.61
CA VAL A 90 60.93 -61.82 2.76
C VAL A 90 60.49 -63.02 3.59
N PHE A 91 59.26 -62.98 4.10
CA PHE A 91 58.77 -63.98 5.04
C PHE A 91 58.94 -65.39 4.47
N ASP A 92 59.73 -66.20 5.16
CA ASP A 92 59.99 -67.58 4.73
C ASP A 92 59.23 -68.62 5.53
N GLY A 93 58.37 -68.17 6.44
CA GLY A 93 57.60 -69.06 7.28
C GLY A 93 58.00 -69.01 8.73
N ASN A 94 59.13 -68.37 9.04
CA ASN A 94 59.49 -68.10 10.42
C ASN A 94 59.22 -66.64 10.76
N LEU A 95 58.59 -66.40 11.90
CA LEU A 95 58.13 -65.07 12.26
C LEU A 95 59.29 -64.15 12.66
N GLN A 96 59.89 -64.49 13.81
CA GLN A 96 60.97 -63.69 14.40
C GLN A 96 62.14 -63.47 13.46
N SER A 97 62.52 -64.51 12.73
CA SER A 97 63.66 -64.37 11.83
C SER A 97 63.38 -63.37 10.72
N SER A 98 62.23 -63.50 10.06
CA SER A 98 61.91 -62.58 8.97
C SER A 98 61.67 -61.15 9.44
N ILE A 99 61.08 -61.00 10.63
CA ILE A 99 60.87 -59.65 11.16
C ILE A 99 62.22 -58.99 11.47
N GLU A 100 63.08 -59.67 12.22
CA GLU A 100 64.36 -59.08 12.59
C GLU A 100 65.28 -58.88 11.37
N LYS A 101 65.13 -59.73 10.37
CA LYS A 101 65.90 -59.58 9.14
C LYS A 101 65.43 -58.35 8.38
N TYR A 102 64.11 -58.16 8.29
CA TYR A 102 63.58 -57.00 7.60
C TYR A 102 63.89 -55.70 8.35
N LEU A 103 64.00 -55.81 9.68
CA LEU A 103 64.36 -54.67 10.51
C LEU A 103 65.85 -54.33 10.37
N SER A 104 66.65 -55.35 10.09
CA SER A 104 68.09 -55.16 9.89
C SER A 104 68.36 -54.58 8.48
N LEU A 105 67.49 -54.95 7.55
CA LEU A 105 67.58 -54.53 6.15
C LEU A 105 67.11 -53.08 5.98
N ASN A 106 66.01 -52.76 6.64
CA ASN A 106 65.36 -51.46 6.50
C ASN A 106 65.42 -50.62 7.78
N ASN A 107 65.76 -49.35 7.59
CA ASN A 107 65.77 -48.34 8.64
C ASN A 107 64.45 -47.57 8.64
N LEU A 108 63.69 -47.80 9.70
CA LEU A 108 62.37 -47.20 9.86
C LEU A 108 62.36 -46.34 11.11
N GLU A 109 61.70 -45.19 11.02
CA GLU A 109 61.65 -44.29 12.15
C GLU A 109 60.59 -44.78 13.12
N SER A 110 60.41 -44.08 14.24
CA SER A 110 59.45 -44.53 15.24
C SER A 110 58.28 -43.59 15.41
N TYR A 111 57.05 -44.11 15.29
CA TYR A 111 55.87 -43.27 15.42
C TYR A 111 55.17 -43.53 16.74
N GLU A 112 54.89 -42.45 17.46
CA GLU A 112 54.32 -42.56 18.79
C GLU A 112 52.80 -42.67 18.70
N ILE A 113 52.22 -43.70 19.31
CA ILE A 113 50.77 -43.78 19.35
C ILE A 113 50.26 -44.00 20.77
N TRP A 114 48.97 -43.72 20.97
CA TRP A 114 48.37 -43.90 22.28
C TRP A 114 47.77 -45.30 22.33
N ALA A 115 48.35 -46.17 23.15
CA ALA A 115 47.88 -47.55 23.24
C ALA A 115 48.29 -48.19 24.55
N ILE A 116 47.62 -49.28 24.92
CA ILE A 116 47.92 -50.01 26.14
C ILE A 116 48.02 -51.51 25.90
N LYS A 117 49.07 -52.12 26.45
CA LYS A 117 49.27 -53.56 26.31
C LYS A 117 48.29 -54.31 27.18
N LEU A 118 47.62 -55.30 26.60
CA LEU A 118 46.64 -56.07 27.34
C LEU A 118 47.25 -57.11 28.28
N SER A 119 46.73 -57.15 29.51
CA SER A 119 47.09 -58.15 30.49
C SER A 119 45.83 -58.51 31.28
N ASN A 120 45.79 -59.69 31.90
CA ASN A 120 44.63 -60.07 32.69
C ASN A 120 44.39 -59.16 33.90
N ASP A 121 45.48 -58.76 34.55
CA ASP A 121 45.41 -57.91 35.74
C ASP A 121 44.95 -56.46 35.54
N ASN A 122 45.40 -55.81 34.47
CA ASN A 122 45.16 -54.39 34.26
C ASN A 122 43.87 -54.00 33.51
N LEU A 123 43.01 -54.97 33.27
CA LEU A 123 41.76 -54.72 32.54
C LEU A 123 40.95 -53.52 33.02
N LYS A 124 40.76 -53.43 34.34
CA LYS A 124 40.06 -52.29 34.94
C LYS A 124 40.68 -50.96 34.48
N THR A 125 42.00 -50.87 34.62
CA THR A 125 42.76 -49.70 34.18
C THR A 125 42.45 -49.35 32.73
N ALA A 126 42.57 -50.34 31.85
CA ALA A 126 42.26 -50.17 30.43
C ALA A 126 40.88 -49.57 30.20
N GLU A 127 39.88 -50.16 30.87
CA GLU A 127 38.51 -49.67 30.81
C GLU A 127 38.43 -48.19 31.17
N LYS A 128 39.04 -47.86 32.32
CA LYS A 128 39.12 -46.48 32.79
C LYS A 128 39.70 -45.54 31.75
N LEU A 129 40.87 -45.90 31.23
CA LEU A 129 41.53 -45.11 30.20
C LEU A 129 40.65 -44.88 28.97
N LEU A 130 40.06 -45.94 28.44
CA LEU A 130 39.20 -45.83 27.25
C LEU A 130 38.06 -44.86 27.50
N LEU A 131 37.44 -45.01 28.67
CA LEU A 131 36.35 -44.13 29.07
C LEU A 131 36.82 -42.68 29.16
N SER A 132 38.00 -42.49 29.73
CA SER A 132 38.55 -41.16 29.94
C SER A 132 38.90 -40.51 28.61
N SER A 133 39.25 -41.34 27.63
CA SER A 133 39.61 -40.82 26.32
C SER A 133 38.37 -40.42 25.54
N LEU A 134 37.27 -41.14 25.78
CA LEU A 134 36.07 -40.85 24.99
C LEU A 134 35.30 -39.61 25.46
N ILE A 135 35.17 -39.40 26.77
CA ILE A 135 34.35 -38.27 27.24
C ILE A 135 35.10 -36.94 27.22
N GLY A 136 34.44 -35.91 26.69
CA GLY A 136 34.91 -34.56 26.85
C GLY A 136 34.12 -33.91 27.99
N SER A 137 34.73 -32.94 28.64
CA SER A 137 33.99 -31.99 29.47
C SER A 137 34.64 -30.64 29.31
N GLY A 138 33.84 -29.63 28.99
CA GLY A 138 34.40 -28.30 28.80
C GLY A 138 34.86 -27.65 30.09
N SER A 139 36.08 -27.11 30.05
CA SER A 139 36.66 -26.35 31.14
C SER A 139 36.51 -26.98 32.51
N LEU A 140 36.71 -28.30 32.59
CA LEU A 140 36.57 -28.98 33.87
C LEU A 140 37.94 -29.23 34.50
N ASN A 141 38.02 -28.95 35.80
CA ASN A 141 39.21 -29.23 36.60
C ASN A 141 39.62 -30.69 36.48
N LYS A 142 40.93 -30.96 36.43
CA LYS A 142 41.38 -32.33 36.19
C LYS A 142 40.94 -33.25 37.35
N TYR A 143 40.73 -32.66 38.51
CA TYR A 143 40.14 -33.38 39.62
C TYR A 143 38.68 -33.59 39.31
N ALA A 144 38.03 -32.51 38.90
CA ALA A 144 36.62 -32.54 38.55
C ALA A 144 36.42 -33.47 37.35
N ARG A 145 37.36 -33.45 36.42
CA ARG A 145 37.30 -34.32 35.25
C ARG A 145 37.40 -35.79 35.67
N GLY A 146 38.35 -36.09 36.56
CA GLY A 146 38.53 -37.46 37.02
C GLY A 146 37.29 -37.92 37.74
N LEU A 147 36.74 -37.04 38.56
CA LEU A 147 35.54 -37.35 39.33
C LEU A 147 34.37 -37.60 38.41
N PHE A 148 34.26 -36.78 37.38
CA PHE A 148 33.16 -36.84 36.42
C PHE A 148 33.17 -38.18 35.67
N ALA A 149 34.36 -38.56 35.21
CA ALA A 149 34.50 -39.83 34.51
C ALA A 149 34.17 -40.97 35.48
N ALA A 150 34.61 -40.79 36.72
CA ALA A 150 34.35 -41.78 37.75
C ALA A 150 32.86 -41.94 37.99
N ILE A 151 32.10 -40.85 37.91
CA ILE A 151 30.67 -40.96 38.17
C ILE A 151 29.96 -41.50 36.95
N PHE A 152 30.55 -41.40 35.76
CA PHE A 152 29.79 -41.96 34.65
C PHE A 152 30.24 -43.37 34.29
N LEU A 153 31.28 -43.89 34.94
CA LEU A 153 31.67 -45.26 34.60
C LEU A 153 30.57 -46.33 34.83
N PRO A 154 29.86 -46.26 35.97
CA PRO A 154 28.75 -47.21 36.18
C PRO A 154 27.59 -47.09 35.20
N ILE A 155 27.27 -45.85 34.84
CA ILE A 155 26.25 -45.59 33.85
C ILE A 155 26.61 -46.16 32.49
N ALA A 156 27.84 -45.89 32.06
CA ALA A 156 28.31 -46.42 30.78
C ALA A 156 28.30 -47.94 30.79
N ARG A 157 28.71 -48.54 31.91
CA ARG A 157 28.69 -49.99 32.02
C ARG A 157 27.27 -50.55 31.93
N LEU A 158 26.35 -49.93 32.66
CA LEU A 158 24.96 -50.36 32.67
C LEU A 158 24.30 -50.27 31.31
N LEU A 159 24.47 -49.14 30.64
CA LEU A 159 23.85 -48.93 29.35
C LEU A 159 24.50 -49.80 28.29
N ALA A 160 25.79 -50.05 28.43
CA ALA A 160 26.46 -50.91 27.47
C ALA A 160 25.95 -52.33 27.62
N ASP A 161 25.82 -52.79 28.86
CA ASP A 161 25.34 -54.14 29.10
C ASP A 161 23.88 -54.35 28.71
N TRP A 162 23.04 -53.32 28.88
CA TRP A 162 21.63 -53.49 28.56
C TRP A 162 21.26 -53.41 27.08
N GLY A 163 22.19 -53.02 26.22
CA GLY A 163 21.90 -52.95 24.80
C GLY A 163 21.21 -51.67 24.36
N VAL A 164 21.30 -50.63 25.17
CA VAL A 164 20.73 -49.33 24.81
C VAL A 164 21.55 -48.55 23.78
N SER A 165 20.85 -48.06 22.75
CA SER A 165 21.48 -47.27 21.69
C SER A 165 21.59 -45.81 22.12
N PRO A 166 22.61 -45.10 21.60
CA PRO A 166 22.74 -43.67 21.92
C PRO A 166 21.56 -42.82 21.46
N ASP A 167 20.96 -43.17 20.33
CA ASP A 167 19.78 -42.47 19.84
C ASP A 167 18.66 -42.56 20.86
N ALA A 168 18.49 -43.75 21.42
CA ALA A 168 17.49 -43.98 22.44
C ALA A 168 17.73 -43.05 23.61
N VAL A 169 19.00 -42.92 24.01
CA VAL A 169 19.36 -42.03 25.10
C VAL A 169 19.04 -40.57 24.82
N THR A 170 19.43 -40.10 23.64
CA THR A 170 19.15 -38.71 23.26
C THR A 170 17.66 -38.41 23.30
N VAL A 171 16.90 -39.27 22.63
CA VAL A 171 15.45 -39.10 22.57
C VAL A 171 14.79 -39.16 23.95
N VAL A 172 15.13 -40.19 24.74
CA VAL A 172 14.58 -40.32 26.08
C VAL A 172 14.89 -39.10 26.95
N GLY A 173 16.13 -38.65 26.87
CA GLY A 173 16.55 -37.46 27.62
C GLY A 173 15.76 -36.24 27.25
N THR A 174 15.59 -36.04 25.94
CA THR A 174 14.85 -34.89 25.46
C THR A 174 13.38 -34.98 25.88
N LEU A 175 12.82 -36.18 25.83
CA LEU A 175 11.44 -36.37 26.27
C LEU A 175 11.31 -36.06 27.74
N GLY A 176 12.37 -36.36 28.49
CA GLY A 176 12.39 -36.04 29.91
C GLY A 176 12.38 -34.55 30.19
N VAL A 177 13.25 -33.84 29.48
CA VAL A 177 13.28 -32.39 29.58
C VAL A 177 11.93 -31.81 29.19
N MET A 178 11.36 -32.31 28.11
CA MET A 178 10.06 -31.84 27.63
C MET A 178 8.97 -32.12 28.66
N ALA A 179 9.09 -33.25 29.33
CA ALA A 179 8.12 -33.66 30.34
C ALA A 179 8.19 -32.69 31.51
N GLY A 180 9.39 -32.25 31.82
CA GLY A 180 9.58 -31.28 32.90
C GLY A 180 9.08 -29.89 32.51
N ALA A 181 9.37 -29.48 31.29
CA ALA A 181 9.08 -28.12 30.82
C ALA A 181 7.62 -27.85 30.45
N LEU A 182 7.00 -28.76 29.69
CA LEU A 182 5.66 -28.52 29.15
C LEU A 182 4.54 -29.07 30.02
N ILE A 183 4.88 -29.80 31.08
CA ILE A 183 3.86 -30.31 31.98
C ILE A 183 3.96 -29.66 33.35
N PHE A 184 5.07 -29.86 34.04
CA PHE A 184 5.21 -29.34 35.39
C PHE A 184 5.20 -27.81 35.46
N TYR A 185 5.95 -27.15 34.56
CA TYR A 185 5.97 -25.69 34.55
C TYR A 185 4.60 -25.04 34.30
N PRO A 186 3.86 -25.47 33.26
CA PRO A 186 2.53 -24.85 33.09
C PRO A 186 1.58 -25.11 34.25
N MET A 187 1.79 -26.21 34.97
CA MET A 187 1.01 -26.50 36.17
C MET A 187 1.33 -25.54 37.29
N GLY A 188 2.52 -24.95 37.23
CA GLY A 188 2.99 -24.04 38.26
C GLY A 188 3.99 -24.66 39.20
N GLN A 189 4.46 -25.87 38.87
CA GLN A 189 5.49 -26.52 39.67
C GLN A 189 6.82 -26.26 39.00
N LEU A 190 7.52 -25.23 39.46
CA LEU A 190 8.78 -24.82 38.86
C LEU A 190 9.93 -25.64 39.40
N PHE A 191 9.88 -25.92 40.70
CA PHE A 191 10.93 -26.68 41.36
C PHE A 191 11.03 -28.11 40.82
N TRP A 192 9.95 -28.87 40.91
CA TRP A 192 9.99 -30.27 40.49
C TRP A 192 10.24 -30.38 38.98
N GLY A 193 9.69 -29.43 38.23
CA GLY A 193 9.92 -29.36 36.80
C GLY A 193 11.40 -29.17 36.53
N THR A 194 12.00 -28.31 37.33
CA THR A 194 13.42 -28.03 37.23
C THR A 194 14.24 -29.27 37.56
N VAL A 195 13.79 -30.05 38.54
CA VAL A 195 14.58 -31.22 38.91
C VAL A 195 14.43 -32.32 37.85
N VAL A 196 13.29 -32.35 37.18
CA VAL A 196 13.08 -33.30 36.10
C VAL A 196 14.00 -32.98 34.93
N ILE A 197 13.94 -31.71 34.51
CA ILE A 197 14.81 -31.21 33.45
C ILE A 197 16.29 -31.42 33.77
N THR A 198 16.70 -31.04 34.97
CA THR A 198 18.10 -31.17 35.37
C THR A 198 18.52 -32.65 35.32
N VAL A 199 17.65 -33.54 35.79
CA VAL A 199 17.96 -34.97 35.75
C VAL A 199 18.14 -35.48 34.31
N PHE A 200 17.21 -35.13 33.42
CA PHE A 200 17.22 -35.64 32.05
C PHE A 200 18.12 -34.88 31.07
N VAL A 201 18.73 -33.79 31.53
CA VAL A 201 19.66 -33.00 30.72
C VAL A 201 21.04 -33.64 30.45
N PHE A 202 21.58 -34.39 31.39
CA PHE A 202 22.90 -35.02 31.22
C PHE A 202 22.92 -36.11 30.14
N SER A 203 21.74 -36.46 29.65
CA SER A 203 21.64 -37.41 28.56
C SER A 203 22.39 -36.99 27.30
N ASP A 204 22.64 -35.69 27.12
CA ASP A 204 23.44 -35.27 25.96
C ASP A 204 24.87 -35.82 26.05
N ILE A 205 25.42 -35.74 27.26
CA ILE A 205 26.77 -36.21 27.55
C ILE A 205 26.83 -37.72 27.50
N ILE A 206 25.71 -38.30 27.91
CA ILE A 206 25.57 -39.75 27.85
C ILE A 206 25.56 -40.24 26.41
N ASP A 207 24.73 -39.65 25.56
CA ASP A 207 24.67 -40.11 24.17
C ASP A 207 25.96 -39.84 23.43
N GLY A 208 26.70 -38.80 23.82
CA GLY A 208 27.97 -38.54 23.16
C GLY A 208 28.94 -39.66 23.51
N LEU A 209 28.98 -39.98 24.81
CA LEU A 209 29.79 -41.10 25.27
C LEU A 209 29.44 -42.44 24.66
N MET A 210 28.16 -42.75 24.57
CA MET A 210 27.75 -44.04 24.05
C MET A 210 28.00 -44.14 22.56
N ALA A 211 27.74 -43.05 21.84
CA ALA A 211 27.96 -43.06 20.40
C ALA A 211 29.44 -43.22 20.06
N ARG A 212 30.29 -42.64 20.90
CA ARG A 212 31.73 -42.75 20.74
C ARG A 212 32.25 -44.13 21.12
N LEU A 213 31.64 -44.71 22.14
CA LEU A 213 32.03 -46.00 22.70
C LEU A 213 31.62 -47.15 21.79
N LEU A 214 30.43 -47.06 21.21
CA LEU A 214 29.86 -48.11 20.37
C LEU A 214 30.25 -47.86 18.91
N PHE A 215 31.09 -46.84 18.72
CA PHE A 215 31.75 -46.50 17.46
C PHE A 215 30.84 -45.82 16.42
N ARG A 216 29.60 -45.53 16.79
CA ARG A 216 28.69 -44.87 15.88
C ARG A 216 28.95 -43.38 16.09
N GLU A 217 29.82 -42.81 15.23
CA GLU A 217 30.15 -41.39 15.28
C GLU A 217 29.54 -40.52 14.17
N GLY A 218 28.73 -41.11 13.31
CA GLY A 218 28.32 -40.49 12.06
C GLY A 218 27.55 -39.17 12.18
N PRO A 219 27.31 -38.52 11.02
CA PRO A 219 26.63 -37.25 10.78
C PRO A 219 25.22 -37.24 11.37
N TRP A 220 24.58 -38.40 11.37
CA TRP A 220 23.24 -38.56 11.91
C TRP A 220 23.27 -38.26 13.39
N GLY A 221 24.26 -38.80 14.09
CA GLY A 221 24.39 -38.56 15.51
C GLY A 221 24.49 -37.09 15.86
N ALA A 222 25.38 -36.38 15.17
CA ALA A 222 25.55 -34.94 15.37
C ALA A 222 24.25 -34.19 15.11
N PHE A 223 23.60 -34.52 13.99
CA PHE A 223 22.33 -33.89 13.65
C PHE A 223 21.35 -34.07 14.79
N LEU A 224 21.18 -35.29 15.23
CA LEU A 224 20.20 -35.60 16.26
C LEU A 224 20.48 -34.88 17.57
N ASP A 225 21.74 -34.92 18.03
CA ASP A 225 22.12 -34.14 19.22
C ASP A 225 21.78 -32.65 19.10
N SER A 226 22.25 -32.01 18.04
CA SER A 226 21.93 -30.59 17.82
C SER A 226 20.44 -30.31 17.82
N TYR A 227 19.69 -31.08 17.03
CA TYR A 227 18.28 -30.84 16.88
C TYR A 227 17.54 -31.02 18.19
N LEU A 228 17.72 -32.16 18.85
CA LEU A 228 17.01 -32.40 20.09
C LEU A 228 17.45 -31.44 21.20
N ASP A 229 18.67 -30.91 21.10
CA ASP A 229 19.14 -29.93 22.07
C ASP A 229 18.35 -28.63 21.88
N ARG A 230 18.19 -28.24 20.61
CA ARG A 230 17.37 -27.09 20.24
C ARG A 230 15.92 -27.23 20.72
N VAL A 231 15.35 -28.40 20.43
CA VAL A 231 13.99 -28.73 20.86
C VAL A 231 13.85 -28.62 22.36
N GLY A 232 14.82 -29.16 23.09
CA GLY A 232 14.81 -29.10 24.54
C GLY A 232 14.80 -27.68 25.08
N ASP A 233 15.75 -26.86 24.63
CA ASP A 233 15.84 -25.50 25.13
C ASP A 233 14.58 -24.68 24.79
N SER A 234 14.14 -24.81 23.54
CA SER A 234 12.92 -24.15 23.09
C SER A 234 11.74 -24.55 23.96
N SER A 235 11.68 -25.84 24.31
CA SER A 235 10.59 -26.34 25.16
C SER A 235 10.65 -25.72 26.55
N VAL A 236 11.86 -25.59 27.07
CA VAL A 236 12.06 -24.98 28.39
C VAL A 236 11.52 -23.55 28.45
N PHE A 237 11.99 -22.73 27.51
CA PHE A 237 11.51 -21.36 27.46
C PHE A 237 10.01 -21.30 27.20
N THR A 238 9.52 -22.20 26.35
CA THR A 238 8.10 -22.26 26.02
C THR A 238 7.28 -22.43 27.29
N GLY A 239 7.67 -23.41 28.09
CA GLY A 239 7.05 -23.65 29.37
C GLY A 239 7.08 -22.44 30.29
N ILE A 240 8.23 -21.78 30.40
CA ILE A 240 8.32 -20.58 31.25
C ILE A 240 7.32 -19.52 30.80
N VAL A 241 7.34 -19.23 29.49
CA VAL A 241 6.45 -18.25 28.87
C VAL A 241 4.98 -18.54 29.18
N ILE A 242 4.58 -19.78 28.91
CA ILE A 242 3.21 -20.20 29.16
C ILE A 242 2.84 -19.98 30.62
N TRP A 243 3.67 -20.48 31.54
CA TRP A 243 3.31 -20.39 32.95
C TRP A 243 3.16 -18.95 33.41
N PHE A 244 4.11 -18.09 33.05
CA PHE A 244 4.08 -16.72 33.55
C PHE A 244 3.08 -15.81 32.82
N PHE A 245 2.62 -16.21 31.64
CA PHE A 245 1.59 -15.40 30.98
C PHE A 245 0.19 -15.59 31.56
N LEU A 246 -0.07 -16.75 32.16
CA LEU A 246 -1.41 -17.03 32.69
C LEU A 246 -1.41 -17.04 34.22
N GLY A 247 -1.01 -18.17 34.81
CA GLY A 247 -1.12 -18.37 36.24
C GLY A 247 -0.01 -17.72 37.04
N GLY A 248 1.16 -17.62 36.44
CA GLY A 248 2.30 -16.98 37.11
C GLY A 248 2.06 -15.50 37.33
N ALA A 249 1.16 -14.93 36.53
CA ALA A 249 0.76 -13.54 36.65
C ALA A 249 1.93 -12.54 36.63
N ASN A 250 2.89 -12.77 35.73
CA ASN A 250 4.02 -11.87 35.56
C ASN A 250 4.36 -11.69 34.09
N PRO A 251 3.66 -10.78 33.42
CA PRO A 251 3.78 -10.53 31.98
C PRO A 251 5.19 -10.13 31.53
N THR A 252 5.90 -9.36 32.33
CA THR A 252 7.23 -8.88 31.93
C THR A 252 8.27 -9.99 31.91
N ILE A 253 8.16 -10.91 32.86
CA ILE A 253 8.99 -12.10 32.86
C ILE A 253 8.67 -12.99 31.67
N ALA A 254 7.38 -13.15 31.38
CA ALA A 254 6.95 -13.97 30.25
C ALA A 254 7.46 -13.40 28.93
N ILE A 255 7.40 -12.08 28.81
CA ILE A 255 7.90 -11.40 27.63
C ILE A 255 9.39 -11.59 27.48
N LEU A 256 10.12 -11.39 28.57
CA LEU A 256 11.58 -11.62 28.54
C LEU A 256 11.93 -13.05 28.16
N ALA A 257 11.15 -14.00 28.66
CA ALA A 257 11.37 -15.40 28.31
C ALA A 257 11.11 -15.65 26.83
N LEU A 258 10.03 -15.08 26.31
CA LEU A 258 9.73 -15.24 24.89
C LEU A 258 10.80 -14.64 23.97
N ILE A 259 11.22 -13.42 24.30
CA ILE A 259 12.31 -12.77 23.57
C ILE A 259 13.57 -13.65 23.64
N CYS A 260 13.87 -14.22 24.80
CA CYS A 260 15.03 -15.11 24.92
C CYS A 260 14.89 -16.37 24.08
N LEU A 261 13.65 -16.88 23.98
CA LEU A 261 13.37 -18.04 23.15
C LEU A 261 13.73 -17.74 21.70
N VAL A 262 13.19 -16.64 21.21
CA VAL A 262 13.45 -16.22 19.84
C VAL A 262 14.93 -15.98 19.59
N LEU A 263 15.57 -15.22 20.49
CA LEU A 263 16.99 -14.93 20.32
C LEU A 263 17.82 -16.21 20.33
N SER A 264 17.40 -17.19 21.13
CA SER A 264 18.10 -18.47 21.19
C SER A 264 18.01 -19.20 19.86
N SER A 265 16.79 -19.27 19.34
CA SER A 265 16.56 -19.86 18.03
C SER A 265 17.41 -19.19 16.96
N LEU A 266 17.50 -17.87 17.03
CA LEU A 266 18.26 -17.11 16.03
C LEU A 266 19.76 -17.31 16.17
N VAL A 267 20.23 -17.42 17.41
CA VAL A 267 21.65 -17.60 17.67
C VAL A 267 22.10 -18.99 17.19
N SER A 268 21.24 -19.99 17.36
CA SER A 268 21.56 -21.33 16.88
C SER A 268 21.49 -21.37 15.35
N TYR A 269 20.46 -20.73 14.81
CA TYR A 269 20.22 -20.74 13.38
C TYR A 269 21.37 -20.05 12.67
N SER A 270 21.94 -19.04 13.32
CA SER A 270 23.08 -18.32 12.76
C SER A 270 24.21 -19.29 12.47
N LYS A 271 24.61 -20.06 13.47
CA LYS A 271 25.67 -21.04 13.32
C LYS A 271 25.34 -22.14 12.30
N ALA A 272 24.15 -22.72 12.41
CA ALA A 272 23.74 -23.76 11.47
C ALA A 272 23.81 -23.27 10.02
N ARG A 273 23.20 -22.12 9.77
CA ARG A 273 23.19 -21.56 8.42
C ARG A 273 24.56 -21.17 7.92
N ALA A 274 25.37 -20.62 8.82
CA ALA A 274 26.73 -20.30 8.47
C ALA A 274 27.49 -21.54 8.01
N GLU A 275 27.38 -22.62 8.78
CA GLU A 275 28.06 -23.85 8.40
C GLU A 275 27.50 -24.39 7.08
N GLY A 276 26.21 -24.18 6.88
CA GLY A 276 25.55 -24.52 5.63
C GLY A 276 26.12 -23.80 4.43
N LEU A 277 26.55 -22.57 4.66
CA LEU A 277 27.12 -21.72 3.62
C LEU A 277 28.59 -21.98 3.38
N GLY A 278 29.15 -22.88 4.18
CA GLY A 278 30.55 -23.26 4.10
C GLY A 278 31.49 -22.42 4.94
N LEU A 279 30.98 -21.38 5.59
CA LEU A 279 31.86 -20.60 6.47
C LEU A 279 31.74 -21.18 7.87
N THR A 280 32.42 -20.58 8.84
CA THR A 280 32.32 -21.09 10.21
C THR A 280 32.21 -20.01 11.28
N ALA A 281 31.48 -20.28 12.35
CA ALA A 281 31.38 -19.30 13.42
C ALA A 281 31.20 -20.03 14.75
N ASN A 282 32.30 -20.29 15.45
CA ASN A 282 32.26 -20.90 16.77
C ASN A 282 32.20 -19.87 17.90
N VAL A 283 32.42 -18.62 17.53
CA VAL A 283 32.50 -17.51 18.48
C VAL A 283 31.25 -16.88 19.12
N GLY A 284 31.24 -16.93 20.45
CA GLY A 284 30.19 -16.32 21.26
C GLY A 284 30.56 -16.41 22.74
N ILE A 285 30.13 -15.43 23.52
CA ILE A 285 30.39 -15.39 24.96
C ILE A 285 29.62 -16.47 25.72
N ALA A 286 28.45 -16.78 25.18
CA ALA A 286 27.46 -17.68 25.77
C ALA A 286 27.56 -19.13 25.29
N GLU A 287 27.70 -20.05 26.22
CA GLU A 287 27.74 -21.47 25.89
C GLU A 287 26.51 -22.13 26.48
N ARG A 288 26.06 -23.19 25.81
CA ARG A 288 24.79 -23.85 26.12
C ARG A 288 24.63 -24.35 27.56
N SER A 289 25.65 -25.03 28.08
CA SER A 289 25.58 -25.55 29.44
C SER A 289 25.53 -24.47 30.51
N GLU A 290 26.28 -23.38 30.31
CA GLU A 290 26.30 -22.32 31.31
C GLU A 290 24.95 -21.61 31.39
N ARG A 291 24.43 -21.25 30.22
CA ARG A 291 23.09 -20.72 30.05
C ARG A 291 22.03 -21.59 30.69
N LEU A 292 22.10 -22.89 30.37
CA LEU A 292 21.22 -23.88 30.96
C LEU A 292 21.30 -23.82 32.48
N VAL A 293 22.51 -23.75 33.00
CA VAL A 293 22.71 -23.80 34.43
C VAL A 293 22.05 -22.60 35.11
N VAL A 294 22.38 -21.40 34.65
CA VAL A 294 21.82 -20.21 35.29
C VAL A 294 20.30 -20.16 35.19
N VAL A 295 19.77 -20.51 34.02
CA VAL A 295 18.31 -20.51 33.86
C VAL A 295 17.64 -21.50 34.79
N LEU A 296 18.15 -22.73 34.82
CA LEU A 296 17.56 -23.77 35.67
C LEU A 296 17.66 -23.46 37.15
N VAL A 297 18.82 -22.99 37.60
CA VAL A 297 19.02 -22.65 39.01
C VAL A 297 18.06 -21.53 39.41
N ALA A 298 18.00 -20.47 38.59
CA ALA A 298 17.13 -19.35 38.90
C ALA A 298 15.66 -19.77 38.94
N THR A 299 15.23 -20.51 37.92
CA THR A 299 13.83 -20.94 37.85
C THR A 299 13.47 -21.85 39.02
N GLY A 300 14.39 -22.76 39.38
CA GLY A 300 14.18 -23.65 40.50
C GLY A 300 14.04 -22.89 41.81
N LEU A 301 14.95 -21.93 42.00
CA LEU A 301 14.92 -21.07 43.18
C LEU A 301 13.58 -20.37 43.28
N VAL A 302 13.13 -19.78 42.17
CA VAL A 302 11.83 -19.11 42.18
C VAL A 302 10.73 -20.12 42.50
N GLY A 303 10.90 -21.35 42.01
CA GLY A 303 9.97 -22.43 42.30
C GLY A 303 9.92 -22.89 43.74
N LEU A 304 10.96 -22.56 44.51
CA LEU A 304 10.97 -22.89 45.93
C LEU A 304 10.47 -21.68 46.71
N GLY A 305 10.05 -20.65 45.97
CA GLY A 305 9.46 -19.46 46.57
C GLY A 305 10.31 -18.20 46.60
N ILE A 306 11.51 -18.25 46.03
CA ILE A 306 12.33 -17.05 45.94
C ILE A 306 11.61 -16.08 45.00
N PRO A 307 11.61 -14.78 45.33
CA PRO A 307 11.01 -13.72 44.49
C PRO A 307 11.43 -13.74 43.02
N SER A 308 10.46 -13.59 42.14
CA SER A 308 10.67 -13.81 40.71
C SER A 308 11.53 -12.77 39.98
N TRP A 309 11.80 -11.61 40.59
CA TRP A 309 12.59 -10.60 39.87
C TRP A 309 14.02 -11.06 39.63
N VAL A 310 14.48 -12.01 40.44
CA VAL A 310 15.80 -12.61 40.26
C VAL A 310 15.86 -13.27 38.88
N LEU A 311 14.78 -14.00 38.58
CA LEU A 311 14.60 -14.62 37.27
C LEU A 311 14.53 -13.55 36.20
N LEU A 312 13.87 -12.45 36.51
CA LEU A 312 13.73 -11.36 35.55
C LEU A 312 15.13 -10.86 35.16
N VAL A 313 15.95 -10.61 36.16
CA VAL A 313 17.31 -10.14 35.95
C VAL A 313 18.15 -11.12 35.14
N VAL A 314 18.09 -12.40 35.52
CA VAL A 314 18.90 -13.41 34.84
C VAL A 314 18.44 -13.50 33.38
N LEU A 315 17.14 -13.31 33.14
CA LEU A 315 16.61 -13.38 31.79
C LEU A 315 17.07 -12.18 30.97
N ILE A 316 17.13 -11.02 31.59
CA ILE A 316 17.63 -9.82 30.91
C ILE A 316 19.09 -10.03 30.48
N VAL A 317 19.91 -10.45 31.44
CA VAL A 317 21.33 -10.68 31.19
C VAL A 317 21.57 -11.74 30.11
N LEU A 318 20.79 -12.81 30.18
CA LEU A 318 20.85 -13.87 29.18
C LEU A 318 20.45 -13.36 27.80
N ALA A 319 19.42 -12.51 27.77
CA ALA A 319 18.97 -11.88 26.53
C ALA A 319 20.08 -11.05 25.90
N ILE A 320 20.69 -10.20 26.70
CA ILE A 320 21.76 -9.32 26.23
C ILE A 320 22.94 -10.14 25.70
N ALA A 321 23.30 -11.18 26.45
CA ALA A 321 24.37 -12.09 26.03
C ALA A 321 24.04 -12.75 24.69
N SER A 322 22.78 -13.12 24.50
CA SER A 322 22.37 -13.70 23.23
C SER A 322 22.50 -12.67 22.11
N VAL A 323 22.11 -11.43 22.38
CA VAL A 323 22.22 -10.36 21.39
C VAL A 323 23.66 -10.13 20.95
N VAL A 324 24.57 -9.95 21.91
CA VAL A 324 25.98 -9.69 21.58
C VAL A 324 26.59 -10.91 20.88
N THR A 325 26.11 -12.11 21.23
CA THR A 325 26.59 -13.31 20.56
C THR A 325 26.20 -13.24 19.08
N ILE A 326 24.94 -12.88 18.85
CA ILE A 326 24.42 -12.65 17.50
C ILE A 326 25.33 -11.66 16.77
N PHE A 327 25.67 -10.54 17.41
CA PHE A 327 26.59 -9.58 16.78
C PHE A 327 27.92 -10.15 16.39
N GLN A 328 28.54 -10.90 17.30
CA GLN A 328 29.81 -11.50 16.98
C GLN A 328 29.69 -12.41 15.76
N ARG A 329 28.71 -13.30 15.76
CA ARG A 329 28.58 -14.24 14.66
C ARG A 329 28.30 -13.56 13.31
N VAL A 330 27.32 -12.65 13.28
CA VAL A 330 27.01 -11.94 12.05
C VAL A 330 28.18 -11.11 11.53
N LEU A 331 28.88 -10.46 12.45
CA LEU A 331 30.04 -9.65 12.08
C LEU A 331 31.15 -10.53 11.51
N THR A 332 31.45 -11.65 12.16
CA THR A 332 32.57 -12.46 11.67
C THR A 332 32.22 -13.16 10.36
N VAL A 333 30.97 -13.57 10.18
CA VAL A 333 30.63 -14.21 8.91
C VAL A 333 30.67 -13.17 7.78
N ARG A 334 30.35 -11.92 8.13
CA ARG A 334 30.41 -10.82 7.17
C ARG A 334 31.87 -10.60 6.75
N GLU A 335 32.73 -10.57 7.76
CA GLU A 335 34.17 -10.41 7.57
C GLU A 335 34.73 -11.52 6.70
N GLN A 336 34.32 -12.75 6.99
CA GLN A 336 34.73 -13.92 6.22
C GLN A 336 34.29 -13.79 4.76
N ALA A 337 33.04 -13.42 4.51
CA ALA A 337 32.54 -13.32 3.15
C ALA A 337 33.32 -12.27 2.35
N LYS A 338 33.46 -11.08 2.95
CA LYS A 338 34.17 -9.96 2.32
C LYS A 338 35.64 -10.31 2.10
N ALA A 339 36.18 -11.16 2.98
CA ALA A 339 37.56 -11.61 2.89
C ALA A 339 37.69 -12.67 1.80
N TRP A 340 36.62 -13.41 1.59
CA TRP A 340 36.58 -14.48 0.59
C TRP A 340 36.55 -13.87 -0.79
N THR A 341 35.86 -12.75 -0.95
CA THR A 341 35.84 -12.12 -2.27
C THR A 341 37.23 -11.54 -2.57
N ALA A 342 37.98 -11.24 -1.52
CA ALA A 342 39.34 -10.70 -1.67
C ALA A 342 40.38 -11.72 -1.25
N MET B 1 44.60 -21.22 -18.29
CA MET B 1 44.09 -19.85 -18.25
C MET B 1 43.21 -19.56 -19.46
N ARG B 2 42.00 -19.06 -19.22
CA ARG B 2 41.10 -18.79 -20.32
C ARG B 2 41.02 -17.28 -20.59
N LEU B 3 41.13 -16.91 -21.86
CA LEU B 3 41.12 -15.52 -22.27
C LEU B 3 39.92 -15.17 -23.14
N ALA B 4 39.27 -14.04 -22.86
CA ALA B 4 38.16 -13.61 -23.68
C ALA B 4 38.34 -12.18 -24.16
N TYR B 5 38.51 -12.01 -25.47
CA TYR B 5 38.68 -10.68 -26.07
C TYR B 5 37.38 -10.09 -26.61
N VAL B 6 36.96 -8.98 -26.00
CA VAL B 6 35.76 -8.27 -26.45
C VAL B 6 36.10 -6.93 -27.10
N LYS B 7 35.48 -6.67 -28.26
CA LYS B 7 35.75 -5.45 -29.01
C LYS B 7 34.98 -4.26 -28.43
N ASN B 8 35.67 -3.13 -28.28
CA ASN B 8 35.05 -1.93 -27.72
C ASN B 8 33.97 -1.34 -28.62
N HIS B 9 32.88 -0.85 -28.04
CA HIS B 9 31.81 -0.26 -28.85
C HIS B 9 31.23 1.00 -28.22
N GLU B 10 30.46 1.77 -28.99
CA GLU B 10 29.96 3.05 -28.51
C GLU B 10 28.87 2.85 -27.48
N ILE B 11 28.17 1.73 -27.59
CA ILE B 11 27.00 1.53 -26.76
C ILE B 11 27.38 0.86 -25.44
N TYR B 12 28.60 0.34 -25.36
CA TYR B 12 29.02 -0.36 -24.15
C TYR B 12 29.09 0.63 -22.99
N GLY B 13 29.22 1.91 -23.34
CA GLY B 13 29.31 2.99 -22.38
C GLY B 13 28.01 3.40 -21.74
N GLU B 14 26.90 3.00 -22.35
CA GLU B 14 25.58 3.33 -21.83
C GLU B 14 25.31 2.60 -20.52
N LYS B 15 24.67 3.28 -19.59
CA LYS B 15 24.37 2.71 -18.28
C LYS B 15 23.00 2.05 -18.29
N LEU B 16 22.94 0.79 -17.86
CA LEU B 16 21.68 0.07 -17.82
C LEU B 16 21.44 -0.56 -16.45
N LEU B 17 20.40 -0.10 -15.77
CA LEU B 17 20.02 -0.61 -14.46
C LEU B 17 21.15 -0.53 -13.43
N GLY B 18 21.92 0.55 -13.50
CA GLY B 18 22.93 0.84 -12.50
C GLY B 18 24.35 0.53 -12.90
N LEU B 19 24.54 -0.42 -13.80
CA LEU B 19 25.87 -0.67 -14.35
C LEU B 19 25.97 -0.20 -15.79
N THR B 20 27.18 -0.19 -16.34
CA THR B 20 27.34 0.00 -17.78
C THR B 20 27.21 -1.37 -18.44
N LEU B 21 26.82 -1.40 -19.70
CA LEU B 21 26.79 -2.66 -20.44
C LEU B 21 28.15 -3.35 -20.53
N ARG B 22 29.21 -2.57 -20.66
CA ARG B 22 30.58 -3.09 -20.68
C ARG B 22 30.98 -3.84 -19.41
N GLU B 23 30.84 -3.19 -18.26
CA GLU B 23 31.15 -3.84 -16.98
C GLU B 23 30.26 -5.07 -16.79
N ARG B 24 29.03 -4.98 -17.26
CA ARG B 24 28.05 -6.06 -17.10
C ARG B 24 28.45 -7.30 -17.90
N ILE B 25 28.86 -7.11 -19.15
CA ILE B 25 29.29 -8.23 -19.98
C ILE B 25 30.61 -8.78 -19.44
N GLU B 26 31.45 -7.88 -18.93
CA GLU B 26 32.74 -8.30 -18.39
C GLU B 26 32.58 -9.18 -17.17
N LYS B 27 31.69 -8.79 -16.27
CA LYS B 27 31.45 -9.54 -15.04
C LYS B 27 30.72 -10.84 -15.37
N THR B 28 29.84 -10.78 -16.38
CA THR B 28 29.16 -11.97 -16.88
C THR B 28 30.18 -13.01 -17.34
N LEU B 29 31.15 -12.55 -18.15
CA LEU B 29 32.19 -13.42 -18.69
C LEU B 29 33.14 -13.90 -17.58
N GLN B 30 33.24 -13.09 -16.53
CA GLN B 30 34.06 -13.43 -15.37
C GLN B 30 33.40 -14.58 -14.63
N ARG B 31 32.08 -14.57 -14.60
CA ARG B 31 31.32 -15.64 -13.95
C ARG B 31 31.50 -16.94 -14.71
N ALA B 32 31.85 -16.85 -15.98
CA ALA B 32 32.12 -18.03 -16.80
C ALA B 32 33.57 -18.51 -16.70
N GLY B 33 34.38 -17.84 -15.88
CA GLY B 33 35.75 -18.26 -15.69
C GLY B 33 36.71 -17.77 -16.76
N PHE B 34 36.45 -16.59 -17.30
CA PHE B 34 37.30 -15.99 -18.33
C PHE B 34 37.94 -14.70 -17.87
N ASP B 35 39.21 -14.49 -18.24
CA ASP B 35 39.84 -13.20 -18.01
C ASP B 35 39.57 -12.32 -19.23
N VAL B 36 38.94 -11.16 -19.01
CA VAL B 36 38.45 -10.37 -20.13
C VAL B 36 39.43 -9.28 -20.57
N ARG B 37 39.75 -9.31 -21.86
CA ARG B 37 40.59 -8.29 -22.49
C ARG B 37 39.82 -7.53 -23.57
N PHE B 38 39.62 -6.24 -23.36
CA PHE B 38 39.00 -5.38 -24.37
C PHE B 38 39.99 -4.87 -25.42
N PHE B 39 39.62 -5.03 -26.69
CA PHE B 39 40.53 -4.68 -27.78
C PHE B 39 39.87 -3.89 -28.92
N ASP B 40 40.56 -2.85 -29.39
CA ASP B 40 40.21 -2.21 -30.65
C ASP B 40 40.79 -3.00 -31.82
N GLU B 41 42.01 -3.50 -31.61
CA GLU B 41 42.65 -4.42 -32.54
C GLU B 41 43.36 -5.50 -31.73
N LEU B 42 43.13 -6.75 -32.11
CA LEU B 42 43.53 -7.87 -31.27
C LEU B 42 45.04 -8.13 -31.22
N SER B 43 45.56 -8.25 -30.00
CA SER B 43 46.90 -8.77 -29.79
C SER B 43 46.73 -10.02 -28.94
N LEU B 44 47.02 -11.18 -29.52
CA LEU B 44 46.72 -12.44 -28.87
C LEU B 44 47.83 -12.87 -27.90
N GLU B 45 47.42 -13.46 -26.78
CA GLU B 45 48.36 -13.96 -25.77
C GLU B 45 48.26 -15.49 -25.68
N GLU B 46 49.34 -16.12 -25.24
CA GLU B 46 49.34 -17.57 -25.08
C GLU B 46 48.45 -18.04 -23.93
N ALA B 47 47.53 -18.94 -24.24
CA ALA B 47 46.56 -19.44 -23.28
C ALA B 47 45.95 -20.72 -23.81
N GLU B 48 44.92 -21.22 -23.13
CA GLU B 48 44.26 -22.44 -23.57
C GLU B 48 43.02 -22.12 -24.39
N ASP B 49 42.01 -21.57 -23.72
CA ASP B 49 40.76 -21.19 -24.35
C ASP B 49 40.71 -19.72 -24.81
N TYR B 50 40.13 -19.49 -25.98
CA TYR B 50 39.92 -18.15 -26.51
C TYR B 50 38.46 -17.90 -26.88
N LEU B 51 37.82 -16.97 -26.19
CA LEU B 51 36.43 -16.64 -26.47
C LEU B 51 36.37 -15.23 -27.05
N ILE B 52 36.04 -15.15 -28.33
CA ILE B 52 36.04 -13.88 -29.04
C ILE B 52 34.65 -13.33 -29.36
N ILE B 53 34.33 -12.20 -28.74
CA ILE B 53 33.08 -11.48 -28.99
C ILE B 53 33.40 -10.19 -29.75
N LEU B 54 32.75 -9.98 -30.89
CA LEU B 54 33.04 -8.81 -31.70
C LEU B 54 31.97 -7.74 -31.60
N GLU B 55 30.79 -8.07 -32.12
CA GLU B 55 29.63 -7.19 -32.08
C GLU B 55 29.15 -6.94 -30.66
N PRO B 56 28.67 -5.72 -30.37
CA PRO B 56 28.12 -5.42 -29.05
C PRO B 56 26.89 -6.27 -28.74
N VAL B 57 26.89 -6.93 -27.58
CA VAL B 57 25.87 -7.90 -27.24
C VAL B 57 25.55 -7.92 -25.75
N LEU B 58 24.27 -8.05 -25.41
CA LEU B 58 23.87 -8.27 -24.03
C LEU B 58 23.49 -9.73 -23.82
N ILE B 59 24.30 -10.44 -23.03
CA ILE B 59 24.05 -11.85 -22.76
C ILE B 59 23.07 -12.03 -21.61
N LEU B 60 21.91 -12.61 -21.88
CA LEU B 60 20.89 -12.76 -20.85
C LEU B 60 20.91 -14.10 -20.13
N GLU B 61 21.71 -15.05 -20.63
CA GLU B 61 21.74 -16.38 -20.02
C GLU B 61 22.52 -16.33 -18.72
N ARG B 62 21.96 -16.95 -17.67
CA ARG B 62 22.57 -16.86 -16.36
C ARG B 62 23.86 -17.68 -16.26
N ASP B 63 23.74 -19.00 -16.29
CA ASP B 63 24.94 -19.84 -16.29
C ASP B 63 25.33 -20.30 -17.69
N LEU B 64 26.48 -19.82 -18.16
CA LEU B 64 27.01 -20.22 -19.46
C LEU B 64 28.17 -21.21 -19.35
N LEU B 65 27.97 -22.45 -19.79
CA LEU B 65 29.05 -23.42 -19.69
C LEU B 65 29.65 -23.71 -21.06
N LEU B 66 30.91 -23.32 -21.23
CA LEU B 66 31.61 -23.51 -22.49
C LEU B 66 32.67 -24.61 -22.36
N GLU B 67 32.42 -25.73 -23.02
CA GLU B 67 33.34 -26.86 -23.02
C GLU B 67 33.71 -27.23 -24.45
N GLY B 68 34.97 -27.05 -24.80
CA GLY B 68 35.42 -27.34 -26.14
C GLY B 68 35.05 -26.22 -27.09
N ARG B 69 35.69 -26.20 -28.26
CA ARG B 69 35.45 -25.18 -29.27
C ARG B 69 34.03 -25.30 -29.84
N LYS B 70 33.45 -24.16 -30.21
CA LYS B 70 32.07 -24.05 -30.69
C LYS B 70 31.69 -22.63 -31.13
N ILE B 71 30.53 -22.49 -31.77
CA ILE B 71 29.98 -21.18 -32.16
C ILE B 71 28.75 -20.70 -31.38
N LEU B 72 28.82 -19.48 -30.84
CA LEU B 72 27.73 -18.91 -30.02
C LEU B 72 26.65 -18.19 -30.84
N VAL B 73 25.39 -18.66 -30.78
CA VAL B 73 24.32 -18.02 -31.57
C VAL B 73 23.01 -17.69 -30.83
N SER B 74 22.37 -16.59 -31.24
CA SER B 74 21.03 -16.20 -30.77
C SER B 74 20.09 -15.78 -31.93
N ASP B 75 19.04 -16.57 -32.16
CA ASP B 75 18.01 -16.36 -33.16
C ASP B 75 18.60 -16.03 -34.57
N GLY B 76 19.62 -16.77 -34.98
CA GLY B 76 20.21 -16.61 -36.31
C GLY B 76 21.44 -15.73 -36.27
N PHE B 77 21.51 -14.88 -35.26
CA PHE B 77 22.68 -14.05 -35.07
C PHE B 77 23.83 -14.90 -34.53
N THR B 78 25.03 -14.62 -35.03
CA THR B 78 26.27 -15.16 -34.49
C THR B 78 26.96 -14.14 -33.60
N VAL B 79 26.90 -14.38 -32.30
CA VAL B 79 27.37 -13.42 -31.32
C VAL B 79 28.88 -13.48 -31.08
N GLY B 80 29.45 -14.67 -31.21
CA GLY B 80 30.88 -14.81 -30.98
C GLY B 80 31.39 -16.22 -31.24
N TYR B 81 32.71 -16.36 -31.28
CA TYR B 81 33.33 -17.65 -31.53
C TYR B 81 34.11 -18.17 -30.31
N PHE B 82 34.11 -19.48 -30.11
CA PHE B 82 35.00 -20.06 -29.10
C PHE B 82 36.02 -20.99 -29.76
N PHE B 83 37.27 -20.53 -29.79
CA PHE B 83 38.39 -21.25 -30.40
C PHE B 83 39.37 -21.72 -29.33
N GLY B 84 40.08 -22.83 -29.57
CA GLY B 84 41.07 -23.26 -28.61
C GLY B 84 42.40 -22.54 -28.81
N GLY B 85 43.45 -23.00 -28.15
CA GLY B 85 44.74 -22.36 -28.26
C GLY B 85 45.42 -22.40 -29.62
N ASP B 86 45.07 -23.39 -30.41
CA ASP B 86 45.64 -23.58 -31.75
C ASP B 86 45.47 -22.34 -32.62
N PHE B 87 44.37 -21.62 -32.37
CA PHE B 87 44.03 -20.43 -33.14
C PHE B 87 45.09 -19.35 -33.03
N ARG B 88 45.97 -19.43 -32.03
CA ARG B 88 47.05 -18.47 -31.90
C ARG B 88 48.06 -18.61 -33.04
N THR B 89 48.15 -19.81 -33.58
CA THR B 89 49.08 -20.09 -34.67
C THR B 89 48.40 -19.87 -36.02
N VAL B 90 47.15 -19.42 -35.97
CA VAL B 90 46.36 -19.17 -37.17
C VAL B 90 46.23 -17.68 -37.44
N PHE B 91 45.68 -16.94 -36.48
CA PHE B 91 45.36 -15.52 -36.66
C PHE B 91 46.58 -14.73 -37.14
N ASP B 92 46.47 -14.15 -38.32
CA ASP B 92 47.56 -13.36 -38.91
C ASP B 92 47.37 -11.85 -38.81
N GLY B 93 46.28 -11.43 -38.19
CA GLY B 93 45.98 -10.01 -38.07
C GLY B 93 44.78 -9.66 -38.93
N ASN B 94 44.40 -10.58 -39.80
CA ASN B 94 43.17 -10.45 -40.57
C ASN B 94 42.09 -11.35 -39.97
N LEU B 95 40.90 -10.79 -39.81
CA LEU B 95 39.83 -11.45 -39.09
C LEU B 95 39.17 -12.59 -39.87
N GLN B 96 38.49 -12.23 -40.95
CA GLN B 96 37.73 -13.18 -41.76
C GLN B 96 38.55 -14.35 -42.28
N SER B 97 39.78 -14.07 -42.71
CA SER B 97 40.60 -15.13 -43.25
C SER B 97 40.90 -16.17 -42.18
N SER B 98 41.32 -15.72 -41.00
CA SER B 98 41.64 -16.64 -39.92
C SER B 98 40.40 -17.37 -39.41
N ILE B 99 39.26 -16.69 -39.42
CA ILE B 99 38.00 -17.31 -39.02
C ILE B 99 37.60 -18.43 -39.97
N GLU B 100 37.57 -18.11 -41.26
CA GLU B 100 37.16 -19.09 -42.26
C GLU B 100 38.16 -20.23 -42.35
N LYS B 101 39.42 -19.94 -42.05
CA LYS B 101 40.44 -20.98 -42.03
C LYS B 101 40.22 -21.94 -40.88
N TYR B 102 39.95 -21.40 -39.70
CA TYR B 102 39.72 -22.24 -38.54
C TYR B 102 38.42 -23.03 -38.70
N LEU B 103 37.46 -22.44 -39.41
CA LEU B 103 36.19 -23.11 -39.69
C LEU B 103 36.32 -24.21 -40.76
N SER B 104 37.25 -24.03 -41.70
CA SER B 104 37.48 -25.05 -42.72
C SER B 104 38.27 -26.20 -42.13
N LEU B 105 39.13 -25.87 -41.17
CA LEU B 105 40.00 -26.82 -40.50
C LEU B 105 39.22 -27.64 -39.47
N ASN B 106 38.37 -26.94 -38.71
CA ASN B 106 37.61 -27.53 -37.61
C ASN B 106 36.11 -27.55 -37.88
N ASN B 107 35.52 -28.70 -37.57
CA ASN B 107 34.07 -28.88 -37.62
C ASN B 107 33.44 -28.64 -36.26
N LEU B 108 32.71 -27.54 -36.17
CA LEU B 108 32.09 -27.13 -34.92
C LEU B 108 30.58 -27.06 -34.98
N GLU B 109 29.93 -27.50 -33.90
CA GLU B 109 28.47 -27.50 -33.85
C GLU B 109 28.03 -26.09 -33.49
N SER B 110 26.72 -25.87 -33.39
CA SER B 110 26.23 -24.53 -33.10
C SER B 110 25.56 -24.52 -31.74
N TYR B 111 25.98 -23.63 -30.85
CA TYR B 111 25.38 -23.62 -29.53
C TYR B 111 24.45 -22.43 -29.32
N GLU B 112 23.24 -22.73 -28.87
CA GLU B 112 22.18 -21.75 -28.69
C GLU B 112 22.34 -21.08 -27.34
N ILE B 113 22.40 -19.75 -27.30
CA ILE B 113 22.41 -19.07 -26.02
C ILE B 113 21.34 -17.99 -25.95
N TRP B 114 21.02 -17.56 -24.74
CA TRP B 114 20.01 -16.53 -24.59
C TRP B 114 20.77 -15.22 -24.57
N ALA B 115 20.60 -14.44 -25.63
CA ALA B 115 21.30 -13.18 -25.77
C ALA B 115 20.56 -12.26 -26.72
N ILE B 116 20.86 -10.98 -26.65
CA ILE B 116 20.24 -10.01 -27.53
C ILE B 116 21.32 -9.10 -28.12
N LYS B 117 21.26 -8.87 -29.42
CA LYS B 117 22.23 -8.01 -30.07
C LYS B 117 21.91 -6.58 -29.71
N LEU B 118 22.94 -5.85 -29.26
CA LEU B 118 22.76 -4.47 -28.88
C LEU B 118 22.65 -3.52 -30.06
N SER B 119 21.67 -2.63 -29.97
CA SER B 119 21.49 -1.57 -30.94
C SER B 119 21.03 -0.36 -30.14
N ASN B 120 21.25 0.84 -30.67
CA ASN B 120 20.83 2.03 -29.97
C ASN B 120 19.31 2.14 -29.80
N ASP B 121 18.57 1.74 -30.83
CA ASP B 121 17.11 1.80 -30.82
C ASP B 121 16.39 0.84 -29.85
N ASN B 122 16.89 -0.39 -29.75
CA ASN B 122 16.20 -1.44 -28.99
C ASN B 122 16.58 -1.52 -27.51
N LEU B 123 17.33 -0.54 -27.02
CA LEU B 123 17.78 -0.54 -25.63
C LEU B 123 16.66 -0.79 -24.61
N LYS B 124 15.52 -0.11 -24.77
CA LYS B 124 14.37 -0.34 -23.90
C LYS B 124 14.01 -1.82 -23.85
N THR B 125 13.88 -2.41 -25.04
CA THR B 125 13.59 -3.83 -25.20
C THR B 125 14.59 -4.66 -24.41
N ALA B 126 15.87 -4.38 -24.63
CA ALA B 126 16.95 -5.07 -23.91
C ALA B 126 16.73 -5.02 -22.41
N GLU B 127 16.45 -3.82 -21.88
CA GLU B 127 16.16 -3.64 -20.46
C GLU B 127 15.04 -4.57 -19.99
N LYS B 128 13.92 -4.54 -20.73
CA LYS B 128 12.77 -5.42 -20.46
C LYS B 128 13.17 -6.90 -20.38
N LEU B 129 13.88 -7.35 -21.42
CA LEU B 129 14.38 -8.71 -21.49
C LEU B 129 15.22 -9.04 -20.27
N LEU B 130 16.14 -8.13 -19.92
CA LEU B 130 17.03 -8.32 -18.79
C LEU B 130 16.20 -8.53 -17.52
N LEU B 131 15.15 -7.73 -17.37
CA LEU B 131 14.25 -7.88 -16.23
C LEU B 131 13.62 -9.28 -16.24
N SER B 132 13.21 -9.72 -17.42
CA SER B 132 12.54 -11.03 -17.57
C SER B 132 13.48 -12.20 -17.28
N SER B 133 14.77 -11.98 -17.47
CA SER B 133 15.79 -13.03 -17.30
C SER B 133 16.04 -13.40 -15.85
N LEU B 134 15.76 -12.46 -14.95
CA LEU B 134 16.03 -12.63 -13.52
C LEU B 134 15.08 -13.61 -12.85
N ILE B 135 13.90 -13.78 -13.42
CA ILE B 135 12.81 -14.53 -12.81
C ILE B 135 12.99 -16.05 -12.78
N GLY B 136 12.62 -16.64 -11.65
CA GLY B 136 12.51 -18.07 -11.48
C GLY B 136 13.51 -18.73 -10.54
N SER B 137 13.09 -19.84 -9.93
CA SER B 137 11.71 -20.33 -10.04
C SER B 137 10.67 -19.46 -9.38
N GLY B 138 9.71 -19.00 -10.19
CA GLY B 138 8.67 -18.09 -9.75
C GLY B 138 7.33 -18.75 -9.57
N SER B 139 6.26 -17.99 -9.78
CA SER B 139 4.91 -18.52 -9.71
C SER B 139 4.58 -19.40 -10.90
N LYS B 142 3.04 -20.48 -15.26
CA LYS B 142 3.98 -19.66 -16.00
C LYS B 142 3.34 -18.36 -16.50
N TYR B 143 2.02 -18.37 -16.58
CA TYR B 143 1.23 -17.20 -16.97
C TYR B 143 1.39 -16.19 -15.85
N ALA B 144 1.19 -16.68 -14.63
CA ALA B 144 1.27 -15.89 -13.43
C ALA B 144 2.66 -15.31 -13.28
N ARG B 145 3.68 -16.07 -13.68
CA ARG B 145 5.06 -15.59 -13.63
C ARG B 145 5.26 -14.39 -14.55
N GLY B 146 4.68 -14.47 -15.75
CA GLY B 146 4.79 -13.38 -16.70
C GLY B 146 4.13 -12.14 -16.15
N LEU B 147 2.97 -12.31 -15.53
CA LEU B 147 2.28 -11.17 -14.93
C LEU B 147 3.10 -10.61 -13.75
N PHE B 148 3.72 -11.53 -13.02
CA PHE B 148 4.54 -11.24 -11.84
C PHE B 148 5.74 -10.36 -12.15
N ALA B 149 6.44 -10.69 -13.23
CA ALA B 149 7.61 -9.92 -13.61
C ALA B 149 7.13 -8.51 -13.88
N ALA B 150 5.96 -8.42 -14.50
CA ALA B 150 5.37 -7.13 -14.77
C ALA B 150 5.04 -6.38 -13.49
N ILE B 151 4.57 -7.06 -12.43
CA ILE B 151 4.26 -6.22 -11.29
C ILE B 151 5.46 -5.85 -10.43
N PHE B 152 6.53 -6.63 -10.45
CA PHE B 152 7.65 -6.21 -9.63
C PHE B 152 8.77 -5.50 -10.40
N LEU B 153 8.64 -5.40 -11.71
CA LEU B 153 9.64 -4.72 -12.53
C LEU B 153 9.93 -3.23 -12.25
N PRO B 154 8.87 -2.42 -12.03
CA PRO B 154 9.13 -1.02 -11.69
C PRO B 154 9.85 -0.75 -10.38
N ILE B 155 9.56 -1.53 -9.34
CA ILE B 155 10.28 -1.38 -8.09
C ILE B 155 11.76 -1.70 -8.23
N ALA B 156 12.06 -2.83 -8.86
CA ALA B 156 13.44 -3.21 -9.10
C ALA B 156 14.16 -2.19 -9.96
N ARG B 157 13.45 -1.67 -10.97
CA ARG B 157 14.02 -0.65 -11.84
C ARG B 157 14.33 0.63 -11.08
N LEU B 158 13.38 1.08 -10.27
CA LEU B 158 13.52 2.29 -9.48
C LEU B 158 14.68 2.22 -8.49
N LEU B 159 14.75 1.11 -7.76
CA LEU B 159 15.79 0.94 -6.76
C LEU B 159 17.14 0.77 -7.43
N ALA B 160 17.15 0.14 -8.59
CA ALA B 160 18.39 -0.05 -9.33
C ALA B 160 18.90 1.31 -9.81
N ASP B 161 17.98 2.12 -10.34
CA ASP B 161 18.37 3.43 -10.84
C ASP B 161 18.83 4.38 -9.74
N TRP B 162 18.24 4.26 -8.56
CA TRP B 162 18.61 5.18 -7.47
C TRP B 162 19.93 4.82 -6.78
N GLY B 163 20.48 3.65 -7.09
CA GLY B 163 21.73 3.24 -6.50
C GLY B 163 21.56 2.59 -5.13
N VAL B 164 20.35 2.14 -4.84
CA VAL B 164 20.05 1.45 -3.59
C VAL B 164 20.56 0.01 -3.61
N SER B 165 21.25 -0.39 -2.55
CA SER B 165 21.76 -1.75 -2.44
C SER B 165 20.68 -2.71 -1.93
N PRO B 166 20.75 -3.99 -2.33
CA PRO B 166 19.82 -5.03 -1.87
C PRO B 166 19.85 -5.29 -0.37
N ASP B 167 21.01 -5.17 0.27
CA ASP B 167 21.09 -5.35 1.71
C ASP B 167 20.20 -4.34 2.42
N ALA B 168 20.26 -3.10 1.93
CA ALA B 168 19.44 -2.02 2.45
C ALA B 168 17.97 -2.38 2.35
N VAL B 169 17.59 -2.93 1.20
CA VAL B 169 16.21 -3.36 0.98
C VAL B 169 15.76 -4.45 1.94
N THR B 170 16.60 -5.47 2.12
CA THR B 170 16.29 -6.57 3.03
C THR B 170 16.09 -6.05 4.44
N VAL B 171 17.04 -5.25 4.91
CA VAL B 171 16.96 -4.68 6.25
C VAL B 171 15.74 -3.80 6.46
N VAL B 172 15.50 -2.88 5.53
CA VAL B 172 14.34 -1.99 5.62
C VAL B 172 13.04 -2.79 5.65
N GLY B 173 12.94 -3.79 4.79
CA GLY B 173 11.77 -4.65 4.74
C GLY B 173 11.52 -5.35 6.05
N THR B 174 12.58 -5.91 6.61
CA THR B 174 12.46 -6.61 7.89
C THR B 174 12.09 -5.67 9.01
N LEU B 175 12.64 -4.47 9.01
CA LEU B 175 12.29 -3.49 10.03
C LEU B 175 10.82 -3.14 9.90
N GLY B 176 10.33 -3.14 8.66
CA GLY B 176 8.93 -2.88 8.41
C GLY B 176 8.03 -3.97 8.97
N VAL B 177 8.41 -5.21 8.71
CA VAL B 177 7.70 -6.36 9.26
C VAL B 177 7.70 -6.32 10.80
N MET B 178 8.86 -6.04 11.38
CA MET B 178 8.99 -5.98 12.83
C MET B 178 8.10 -4.87 13.37
N ALA B 179 8.01 -3.78 12.63
CA ALA B 179 7.19 -2.64 13.02
C ALA B 179 5.72 -3.01 13.01
N GLY B 180 5.31 -3.81 12.03
CA GLY B 180 3.93 -4.24 11.94
C GLY B 180 3.56 -5.26 13.00
N ALA B 181 4.47 -6.21 13.23
CA ALA B 181 4.24 -7.35 14.11
C ALA B 181 4.37 -7.02 15.59
N LEU B 182 5.42 -6.29 15.95
CA LEU B 182 5.77 -6.05 17.34
C LEU B 182 5.20 -4.76 17.92
N ILE B 183 4.60 -3.93 17.06
CA ILE B 183 3.99 -2.69 17.54
C ILE B 183 2.47 -2.74 17.39
N PHE B 184 2.00 -2.82 16.16
CA PHE B 184 0.56 -2.79 15.91
C PHE B 184 -0.19 -3.97 16.50
N TYR B 185 0.33 -5.17 16.34
CA TYR B 185 -0.31 -6.36 16.90
C TYR B 185 -0.47 -6.33 18.43
N PRO B 186 0.60 -6.04 19.19
CA PRO B 186 0.40 -6.00 20.65
C PRO B 186 -0.58 -4.90 21.10
N MET B 187 -0.69 -3.85 20.30
CA MET B 187 -1.66 -2.78 20.55
C MET B 187 -3.09 -3.25 20.33
N GLY B 188 -3.24 -4.30 19.53
CA GLY B 188 -4.55 -4.82 19.20
C GLY B 188 -5.05 -4.44 17.82
N GLN B 189 -4.16 -3.86 17.02
CA GLN B 189 -4.50 -3.52 15.64
C GLN B 189 -3.98 -4.62 14.74
N LEU B 190 -4.86 -5.57 14.41
CA LEU B 190 -4.47 -6.74 13.63
C LEU B 190 -4.49 -6.45 12.14
N PHE B 191 -5.49 -5.68 11.69
CA PHE B 191 -5.63 -5.35 10.29
C PHE B 191 -4.47 -4.51 9.75
N TRP B 192 -4.26 -3.34 10.36
CA TRP B 192 -3.22 -2.43 9.88
C TRP B 192 -1.84 -3.04 10.03
N GLY B 193 -1.67 -3.80 11.11
CA GLY B 193 -0.44 -4.53 11.34
C GLY B 193 -0.22 -5.48 10.18
N THR B 194 -1.30 -6.15 9.79
CA THR B 194 -1.23 -7.08 8.67
C THR B 194 -0.90 -6.39 7.36
N VAL B 195 -1.43 -5.18 7.12
CA VAL B 195 -1.12 -4.56 5.84
C VAL B 195 0.32 -4.03 5.85
N VAL B 196 0.82 -3.65 7.01
CA VAL B 196 2.21 -3.20 7.11
C VAL B 196 3.16 -4.37 6.82
N ILE B 197 2.93 -5.47 7.53
CA ILE B 197 3.70 -6.69 7.31
C ILE B 197 3.65 -7.15 5.86
N THR B 198 2.44 -7.23 5.31
CA THR B 198 2.26 -7.67 3.94
C THR B 198 3.04 -6.75 2.98
N VAL B 199 2.97 -5.44 3.20
CA VAL B 199 3.71 -4.52 2.35
C VAL B 199 5.23 -4.75 2.42
N PHE B 200 5.77 -4.87 3.62
CA PHE B 200 7.22 -4.99 3.79
C PHE B 200 7.80 -6.39 3.62
N VAL B 201 6.92 -7.39 3.47
CA VAL B 201 7.33 -8.78 3.23
C VAL B 201 7.91 -9.11 1.86
N PHE B 202 7.44 -8.46 0.80
CA PHE B 202 7.91 -8.70 -0.56
C PHE B 202 9.36 -8.25 -0.78
N SER B 203 9.92 -7.57 0.20
CA SER B 203 11.32 -7.21 0.14
C SER B 203 12.27 -8.39 -0.03
N ASP B 204 11.86 -9.60 0.36
CA ASP B 204 12.74 -10.74 0.12
C ASP B 204 12.98 -10.99 -1.38
N ILE B 205 11.88 -10.92 -2.13
CA ILE B 205 11.90 -11.12 -3.57
C ILE B 205 12.56 -9.94 -4.27
N ILE B 206 12.37 -8.77 -3.67
CA ILE B 206 13.01 -7.56 -4.16
C ILE B 206 14.52 -7.66 -4.02
N ASP B 207 15.00 -8.02 -2.84
CA ASP B 207 16.44 -8.09 -2.65
C ASP B 207 17.02 -9.19 -3.52
N GLY B 208 16.23 -10.23 -3.82
CA GLY B 208 16.76 -11.26 -4.68
C GLY B 208 16.96 -10.74 -6.10
N LEU B 209 15.95 -10.04 -6.62
CA LEU B 209 16.07 -9.39 -7.93
C LEU B 209 17.20 -8.38 -7.99
N MET B 210 17.35 -7.55 -6.96
CA MET B 210 18.38 -6.53 -7.01
C MET B 210 19.76 -7.16 -6.90
N ALA B 211 19.90 -8.17 -6.05
CA ALA B 211 21.20 -8.82 -5.90
C ALA B 211 21.62 -9.54 -7.18
N ARG B 212 20.64 -10.07 -7.89
CA ARG B 212 20.86 -10.76 -9.16
C ARG B 212 21.18 -9.78 -10.28
N LEU B 213 20.51 -8.64 -10.22
CA LEU B 213 20.62 -7.58 -11.22
C LEU B 213 21.94 -6.86 -11.10
N LEU B 214 22.36 -6.59 -9.86
CA LEU B 214 23.57 -5.84 -9.65
C LEU B 214 24.81 -6.71 -9.50
N PHE B 215 24.71 -8.03 -9.69
CA PHE B 215 25.93 -8.82 -9.76
C PHE B 215 26.61 -9.03 -8.41
N ARG B 216 25.94 -8.64 -7.33
CA ARG B 216 26.54 -8.77 -6.01
C ARG B 216 26.37 -10.18 -5.46
N GLU B 217 25.17 -10.74 -5.47
CA GLU B 217 24.98 -12.13 -5.04
C GLU B 217 25.79 -12.48 -3.79
N GLY B 218 26.46 -13.61 -3.91
CA GLY B 218 27.12 -14.35 -2.85
C GLY B 218 26.49 -14.99 -1.64
N PRO B 219 27.33 -15.77 -0.92
CA PRO B 219 26.98 -16.50 0.29
C PRO B 219 26.45 -15.59 1.37
N TRP B 220 27.00 -14.38 1.43
CA TRP B 220 26.54 -13.40 2.41
C TRP B 220 25.13 -13.02 2.10
N GLY B 221 24.87 -12.77 0.82
CA GLY B 221 23.55 -12.40 0.37
C GLY B 221 22.49 -13.44 0.70
N ALA B 222 22.81 -14.69 0.35
CA ALA B 222 21.91 -15.81 0.66
C ALA B 222 21.65 -15.90 2.15
N PHE B 223 22.74 -15.83 2.92
CA PHE B 223 22.67 -15.88 4.37
C PHE B 223 21.73 -14.81 4.89
N LEU B 224 21.95 -13.58 4.46
CA LEU B 224 21.18 -12.46 4.96
C LEU B 224 19.69 -12.57 4.64
N ASP B 225 19.36 -12.91 3.39
CA ASP B 225 17.97 -13.16 3.04
C ASP B 225 17.32 -14.19 3.97
N SER B 226 17.95 -15.36 4.07
CA SER B 226 17.48 -16.41 4.97
C SER B 226 17.30 -15.99 6.42
N TYR B 227 18.34 -15.37 6.96
CA TYR B 227 18.36 -14.97 8.37
C TYR B 227 17.27 -13.98 8.68
N LEU B 228 17.24 -12.90 7.91
CA LEU B 228 16.25 -11.86 8.13
C LEU B 228 14.83 -12.37 7.87
N ASP B 229 14.71 -13.39 7.02
CA ASP B 229 13.41 -14.00 6.76
C ASP B 229 12.92 -14.74 8.01
N ARG B 230 13.84 -15.48 8.62
CA ARG B 230 13.57 -16.16 9.89
C ARG B 230 13.16 -15.17 10.98
N VAL B 231 13.94 -14.10 11.11
CA VAL B 231 13.66 -13.03 12.07
C VAL B 231 12.26 -12.47 11.85
N GLY B 232 11.92 -12.24 10.59
CA GLY B 232 10.61 -11.72 10.24
C GLY B 232 9.48 -12.62 10.71
N ASP B 233 9.55 -13.90 10.34
CA ASP B 233 8.48 -14.83 10.71
C ASP B 233 8.34 -14.95 12.22
N SER B 234 9.49 -15.09 12.89
CA SER B 234 9.52 -15.15 14.34
C SER B 234 8.87 -13.92 14.96
N SER B 235 9.14 -12.75 14.39
CA SER B 235 8.55 -11.51 14.90
C SER B 235 7.04 -11.52 14.74
N VAL B 236 6.57 -12.01 13.59
CA VAL B 236 5.13 -12.10 13.33
C VAL B 236 4.41 -12.95 14.39
N PHE B 237 4.90 -14.18 14.56
CA PHE B 237 4.31 -15.05 15.56
C PHE B 237 4.43 -14.48 16.97
N THR B 238 5.57 -13.84 17.25
CA THR B 238 5.81 -13.25 18.55
C THR B 238 4.71 -12.24 18.87
N GLY B 239 4.47 -11.35 17.91
CA GLY B 239 3.40 -10.38 18.02
C GLY B 239 2.03 -10.99 18.24
N ILE B 240 1.68 -12.01 17.47
CA ILE B 240 0.39 -12.67 17.65
C ILE B 240 0.24 -13.20 19.08
N VAL B 241 1.27 -13.94 19.51
CA VAL B 241 1.34 -14.51 20.84
C VAL B 241 1.13 -13.48 21.93
N ILE B 242 1.92 -12.40 21.86
CA ILE B 242 1.82 -11.31 22.82
C ILE B 242 0.40 -10.76 22.86
N TRP B 243 -0.16 -10.41 21.70
CA TRP B 243 -1.47 -9.78 21.70
C TRP B 243 -2.54 -10.67 22.33
N PHE B 244 -2.57 -11.94 21.94
CA PHE B 244 -3.64 -12.80 22.45
C PHE B 244 -3.41 -13.31 23.88
N PHE B 245 -2.18 -13.24 24.37
CA PHE B 245 -1.92 -13.61 25.77
C PHE B 245 -2.34 -12.52 26.76
N LEU B 246 -2.35 -11.27 26.30
CA LEU B 246 -2.67 -10.15 27.16
C LEU B 246 -4.01 -9.52 26.84
N GLY B 247 -4.01 -8.64 25.84
CA GLY B 247 -5.17 -7.84 25.52
C GLY B 247 -6.20 -8.58 24.69
N GLY B 248 -5.74 -9.51 23.87
CA GLY B 248 -6.64 -10.31 23.05
C GLY B 248 -7.54 -11.20 23.88
N ALA B 249 -7.09 -11.50 25.09
CA ALA B 249 -7.85 -12.31 26.05
C ALA B 249 -8.28 -13.65 25.45
N ASN B 250 -7.36 -14.29 24.75
CA ASN B 250 -7.62 -15.61 24.16
C ASN B 250 -6.39 -16.49 24.29
N PRO B 251 -6.24 -17.14 25.46
CA PRO B 251 -5.09 -17.98 25.80
C PRO B 251 -4.83 -19.14 24.85
N THR B 252 -5.88 -19.78 24.34
CA THR B 252 -5.71 -20.95 23.48
C THR B 252 -5.12 -20.62 22.11
N ILE B 253 -5.51 -19.46 21.57
CA ILE B 253 -4.92 -18.95 20.35
C ILE B 253 -3.47 -18.60 20.59
N ALA B 254 -3.20 -17.98 21.73
CA ALA B 254 -1.84 -17.60 22.09
C ALA B 254 -0.93 -18.82 22.22
N ILE B 255 -1.46 -19.89 22.82
CA ILE B 255 -0.71 -21.13 22.98
C ILE B 255 -0.39 -21.75 21.62
N LEU B 256 -1.42 -21.86 20.78
CA LEU B 256 -1.21 -22.39 19.42
C LEU B 256 -0.22 -21.57 18.61
N ALA B 257 -0.28 -20.25 18.76
CA ALA B 257 0.65 -19.37 18.07
C ALA B 257 2.07 -19.61 18.57
N LEU B 258 2.24 -19.73 19.89
CA LEU B 258 3.56 -19.99 20.45
C LEU B 258 4.15 -21.33 19.98
N ILE B 259 3.33 -22.38 20.01
CA ILE B 259 3.73 -23.68 19.48
C ILE B 259 4.15 -23.54 18.02
N CYS B 260 3.39 -22.77 17.23
CA CYS B 260 3.74 -22.57 15.83
C CYS B 260 5.06 -21.82 15.67
N LEU B 261 5.32 -20.89 16.58
CA LEU B 261 6.58 -20.14 16.58
C LEU B 261 7.75 -21.12 16.73
N VAL B 262 7.66 -21.94 17.77
CA VAL B 262 8.70 -22.92 18.05
C VAL B 262 8.86 -23.90 16.90
N LEU B 263 7.76 -24.46 16.42
CA LEU B 263 7.82 -25.42 15.32
C LEU B 263 8.42 -24.80 14.07
N SER B 264 8.17 -23.50 13.86
CA SER B 264 8.71 -22.80 12.71
C SER B 264 10.23 -22.70 12.83
N SER B 265 10.68 -22.29 14.00
CA SER B 265 12.11 -22.24 14.29
C SER B 265 12.76 -23.60 14.06
N LEU B 266 12.09 -24.66 14.48
CA LEU B 266 12.64 -26.00 14.36
C LEU B 266 12.66 -26.49 12.91
N VAL B 267 11.64 -26.11 12.15
CA VAL B 267 11.54 -26.52 10.75
C VAL B 267 12.63 -25.83 9.92
N SER B 268 12.93 -24.58 10.26
CA SER B 268 14.00 -23.86 9.58
C SER B 268 15.35 -24.43 9.98
N TYR B 269 15.49 -24.70 11.28
CA TYR B 269 16.74 -25.18 11.84
C TYR B 269 17.09 -26.55 11.27
N SER B 270 16.09 -27.38 11.01
CA SER B 270 16.33 -28.69 10.42
C SER B 270 17.09 -28.59 9.11
N LYS B 271 16.55 -27.79 8.19
CA LYS B 271 17.17 -27.57 6.89
C LYS B 271 18.54 -26.94 7.00
N ALA B 272 18.64 -25.89 7.80
CA ALA B 272 19.92 -25.22 8.00
C ALA B 272 21.03 -26.13 8.52
N ARG B 273 20.71 -26.86 9.58
CA ARG B 273 21.67 -27.75 10.22
C ARG B 273 22.05 -28.90 9.27
N ALA B 274 21.06 -29.40 8.53
CA ALA B 274 21.32 -30.44 7.54
C ALA B 274 22.30 -29.95 6.49
N GLU B 275 22.07 -28.76 5.95
CA GLU B 275 22.97 -28.20 4.95
C GLU B 275 24.35 -28.01 5.57
N GLY B 276 24.35 -27.69 6.87
CA GLY B 276 25.57 -27.57 7.65
C GLY B 276 26.38 -28.85 7.73
N LEU B 277 25.69 -30.00 7.75
CA LEU B 277 26.39 -31.27 7.82
C LEU B 277 26.82 -31.74 6.43
N GLY B 278 26.47 -30.95 5.44
CA GLY B 278 26.79 -31.22 4.05
C GLY B 278 25.75 -32.05 3.33
N LEU B 279 24.70 -32.48 4.04
CA LEU B 279 23.66 -33.22 3.35
C LEU B 279 22.61 -32.20 2.93
N THR B 280 21.52 -32.63 2.31
CA THR B 280 20.50 -31.67 1.90
C THR B 280 19.06 -32.10 2.15
N ALA B 281 18.18 -31.15 2.46
CA ALA B 281 16.77 -31.50 2.67
C ALA B 281 15.91 -30.31 2.24
N ASN B 282 15.46 -30.30 1.00
CA ASN B 282 14.56 -29.26 0.50
C ASN B 282 13.08 -29.62 0.66
N VAL B 283 12.82 -30.86 1.00
CA VAL B 283 11.45 -31.39 1.12
C VAL B 283 10.57 -31.13 2.34
N GLY B 284 9.43 -30.50 2.08
CA GLY B 284 8.41 -30.23 3.08
C GLY B 284 7.16 -29.65 2.46
N ILE B 285 6.00 -29.94 3.05
CA ILE B 285 4.72 -29.43 2.56
C ILE B 285 4.53 -27.92 2.76
N ALA B 286 5.14 -27.43 3.85
CA ALA B 286 5.00 -26.03 4.27
C ALA B 286 6.11 -25.13 3.74
N GLU B 287 5.71 -24.07 3.04
CA GLU B 287 6.65 -23.10 2.53
C GLU B 287 6.41 -21.77 3.20
N ARG B 288 7.47 -20.98 3.32
CA ARG B 288 7.45 -19.74 4.08
C ARG B 288 6.37 -18.78 3.61
N SER B 289 6.30 -18.58 2.30
CA SER B 289 5.30 -17.67 1.75
C SER B 289 3.87 -18.15 1.94
N GLU B 290 3.62 -19.45 1.83
CA GLU B 290 2.26 -19.96 1.97
C GLU B 290 1.75 -19.82 3.40
N ARG B 291 2.59 -20.27 4.33
CA ARG B 291 2.37 -20.08 5.77
C ARG B 291 2.11 -18.63 6.12
N LEU B 292 3.00 -17.77 5.62
CA LEU B 292 2.86 -16.34 5.79
C LEU B 292 1.50 -15.88 5.28
N VAL B 293 1.11 -16.35 4.11
CA VAL B 293 -0.12 -15.89 3.49
C VAL B 293 -1.32 -16.25 4.35
N VAL B 294 -1.44 -17.52 4.72
CA VAL B 294 -2.60 -17.94 5.50
C VAL B 294 -2.65 -17.25 6.86
N VAL B 295 -1.49 -17.12 7.51
CA VAL B 295 -1.45 -16.45 8.79
C VAL B 295 -1.88 -14.99 8.68
N LEU B 296 -1.31 -14.28 7.72
CA LEU B 296 -1.62 -12.87 7.53
C LEU B 296 -3.08 -12.63 7.15
N VAL B 297 -3.61 -13.44 6.22
CA VAL B 297 -4.99 -13.30 5.79
C VAL B 297 -5.93 -13.56 6.97
N ALA B 298 -5.68 -14.62 7.71
CA ALA B 298 -6.52 -14.95 8.85
C ALA B 298 -6.48 -13.85 9.90
N THR B 299 -5.28 -13.40 10.24
CA THR B 299 -5.12 -12.37 11.26
C THR B 299 -5.78 -11.05 10.84
N GLY B 300 -5.63 -10.70 9.57
CA GLY B 300 -6.26 -9.49 9.04
C GLY B 300 -7.77 -9.57 9.12
N LEU B 301 -8.29 -10.73 8.71
CA LEU B 301 -9.72 -11.00 8.79
C LEU B 301 -10.23 -10.83 10.21
N VAL B 302 -9.53 -11.43 11.17
CA VAL B 302 -9.94 -11.30 12.55
C VAL B 302 -9.88 -9.83 12.98
N GLY B 303 -8.89 -9.09 12.46
CA GLY B 303 -8.79 -7.67 12.72
C GLY B 303 -9.90 -6.84 12.13
N LEU B 304 -10.58 -7.38 11.12
CA LEU B 304 -11.72 -6.69 10.52
C LEU B 304 -13.00 -7.19 11.18
N GLY B 305 -12.84 -8.05 12.18
CA GLY B 305 -13.97 -8.55 12.95
C GLY B 305 -14.45 -9.98 12.72
N ILE B 306 -13.78 -10.75 11.87
CA ILE B 306 -14.14 -12.15 11.70
C ILE B 306 -13.84 -12.91 12.99
N PRO B 307 -14.73 -13.85 13.38
CA PRO B 307 -14.58 -14.70 14.56
C PRO B 307 -13.22 -15.39 14.66
N SER B 308 -12.64 -15.36 15.85
CA SER B 308 -11.25 -15.77 16.03
C SER B 308 -11.01 -17.27 15.87
N TRP B 309 -12.08 -18.07 15.85
CA TRP B 309 -11.93 -19.51 15.73
C TRP B 309 -11.35 -19.89 14.37
N VAL B 310 -11.53 -19.02 13.38
CA VAL B 310 -10.94 -19.20 12.05
C VAL B 310 -9.42 -19.26 12.17
N LEU B 311 -8.91 -18.30 12.94
CA LEU B 311 -7.49 -18.23 13.25
C LEU B 311 -7.07 -19.44 14.05
N LEU B 312 -7.93 -19.90 14.93
CA LEU B 312 -7.62 -21.05 15.75
C LEU B 312 -7.37 -22.25 14.84
N VAL B 313 -8.29 -22.46 13.90
CA VAL B 313 -8.20 -23.54 12.94
C VAL B 313 -6.95 -23.45 12.08
N VAL B 314 -6.68 -22.26 11.55
CA VAL B 314 -5.53 -22.10 10.66
C VAL B 314 -4.23 -22.34 11.43
N LEU B 315 -4.22 -21.98 12.72
CA LEU B 315 -3.03 -22.17 13.54
C LEU B 315 -2.83 -23.66 13.80
N ILE B 316 -3.93 -24.37 14.02
CA ILE B 316 -3.85 -25.81 14.22
C ILE B 316 -3.26 -26.48 12.99
N VAL B 317 -3.84 -26.18 11.83
CA VAL B 317 -3.39 -26.75 10.56
C VAL B 317 -1.92 -26.44 10.26
N LEU B 318 -1.52 -25.20 10.49
CA LEU B 318 -0.12 -24.81 10.30
C LEU B 318 0.82 -25.54 11.24
N ALA B 319 0.39 -25.72 12.49
CA ALA B 319 1.16 -26.46 13.48
C ALA B 319 1.40 -27.90 13.01
N ILE B 320 0.32 -28.56 12.62
CA ILE B 320 0.38 -29.95 12.17
C ILE B 320 1.28 -30.09 10.94
N ALA B 321 1.11 -29.17 9.99
CA ALA B 321 1.94 -29.15 8.79
C ALA B 321 3.43 -28.97 9.12
N SER B 322 3.73 -28.12 10.09
CA SER B 322 5.11 -27.95 10.52
C SER B 322 5.65 -29.23 11.12
N VAL B 323 4.83 -29.90 11.94
CA VAL B 323 5.26 -31.16 12.55
C VAL B 323 5.59 -32.23 11.52
N VAL B 324 4.67 -32.47 10.59
CA VAL B 324 4.90 -33.51 9.59
C VAL B 324 6.07 -33.11 8.69
N THR B 325 6.28 -31.82 8.49
CA THR B 325 7.42 -31.37 7.69
C THR B 325 8.72 -31.73 8.39
N ILE B 326 8.79 -31.42 9.69
CA ILE B 326 9.92 -31.80 10.52
C ILE B 326 10.21 -33.29 10.43
N PHE B 327 9.17 -34.10 10.58
CA PHE B 327 9.29 -35.55 10.49
C PHE B 327 9.89 -35.98 9.14
N GLN B 328 9.39 -35.39 8.06
CA GLN B 328 9.87 -35.66 6.70
C GLN B 328 11.36 -35.37 6.58
N ARG B 329 11.77 -34.19 7.05
CA ARG B 329 13.15 -33.75 6.94
C ARG B 329 14.07 -34.68 7.73
N VAL B 330 13.69 -34.98 8.97
CA VAL B 330 14.48 -35.88 9.81
C VAL B 330 14.60 -37.26 9.15
N LEU B 331 13.52 -37.72 8.54
CA LEU B 331 13.53 -39.01 7.85
C LEU B 331 14.48 -39.02 6.66
N THR B 332 14.43 -37.98 5.83
CA THR B 332 15.28 -38.00 4.64
C THR B 332 16.75 -37.80 5.02
N VAL B 333 17.04 -37.03 6.05
CA VAL B 333 18.43 -36.87 6.44
C VAL B 333 18.93 -38.19 7.03
N ARG B 334 18.03 -38.94 7.67
CA ARG B 334 18.37 -40.25 8.21
C ARG B 334 18.74 -41.20 7.06
N GLU B 335 17.88 -41.20 6.04
CA GLU B 335 18.08 -42.02 4.85
C GLU B 335 19.41 -41.69 4.18
N GLN B 336 19.68 -40.40 4.02
CA GLN B 336 20.92 -39.92 3.43
C GLN B 336 22.12 -40.39 4.24
N ALA B 337 22.07 -40.24 5.56
CA ALA B 337 23.19 -40.61 6.42
C ALA B 337 23.47 -42.11 6.33
N LYS B 338 22.43 -42.93 6.48
CA LYS B 338 22.57 -44.37 6.41
C LYS B 338 23.04 -44.84 5.02
N ALA B 339 22.68 -44.08 3.99
CA ALA B 339 23.10 -44.41 2.62
C ALA B 339 24.54 -44.00 2.40
N TRP B 340 24.95 -42.93 3.10
CA TRP B 340 26.30 -42.38 3.01
C TRP B 340 27.30 -43.30 3.69
N THR B 341 26.87 -43.92 4.79
CA THR B 341 27.74 -44.85 5.50
C THR B 341 27.97 -46.11 4.67
N ALA B 342 27.02 -46.41 3.77
CA ALA B 342 27.13 -47.57 2.90
C ALA B 342 27.39 -47.16 1.46
N MET C 1 -35.47 33.59 23.38
CA MET C 1 -34.21 32.99 23.81
C MET C 1 -34.44 31.62 24.43
N ARG C 2 -33.70 30.61 23.96
CA ARG C 2 -33.90 29.26 24.46
C ARG C 2 -32.75 28.81 25.39
N LEU C 3 -33.14 28.25 26.53
CA LEU C 3 -32.19 27.79 27.54
C LEU C 3 -32.21 26.28 27.74
N ALA C 4 -31.02 25.67 27.83
CA ALA C 4 -30.92 24.24 28.08
C ALA C 4 -29.98 24.01 29.26
N TYR C 5 -30.52 23.50 30.35
CA TYR C 5 -29.71 23.23 31.54
C TYR C 5 -29.22 21.78 31.65
N VAL C 6 -27.90 21.60 31.58
CA VAL C 6 -27.30 20.28 31.73
C VAL C 6 -26.50 20.16 33.03
N LYS C 7 -26.71 19.07 33.78
CA LYS C 7 -26.02 18.91 35.05
C LYS C 7 -24.58 18.42 34.89
N ASN C 8 -23.64 19.03 35.62
CA ASN C 8 -22.24 18.65 35.52
C ASN C 8 -21.96 17.24 36.05
N HIS C 9 -21.08 16.50 35.37
CA HIS C 9 -20.74 15.15 35.81
C HIS C 9 -19.23 14.88 35.64
N GLU C 10 -18.74 13.81 36.25
CA GLU C 10 -17.31 13.53 36.26
C GLU C 10 -16.82 13.04 34.90
N ILE C 11 -17.69 12.41 34.14
CA ILE C 11 -17.23 11.78 32.92
C ILE C 11 -17.30 12.74 31.75
N TYR C 12 -17.97 13.88 31.94
CA TYR C 12 -18.10 14.84 30.85
C TYR C 12 -16.73 15.41 30.52
N GLY C 13 -15.83 15.30 31.50
CA GLY C 13 -14.47 15.80 31.40
C GLY C 13 -13.57 14.90 30.57
N GLU C 14 -14.01 13.66 30.38
CA GLU C 14 -13.23 12.72 29.59
C GLU C 14 -13.19 13.16 28.15
N LYS C 15 -12.03 12.99 27.50
CA LYS C 15 -11.88 13.41 26.12
C LYS C 15 -12.19 12.26 25.18
N LEU C 16 -13.07 12.52 24.21
CA LEU C 16 -13.44 11.50 23.25
C LEU C 16 -13.30 11.98 21.81
N LEU C 17 -12.40 11.34 21.07
CA LEU C 17 -12.13 11.67 19.67
C LEU C 17 -11.77 13.14 19.46
N GLY C 18 -11.00 13.69 20.41
CA GLY C 18 -10.43 15.01 20.27
C GLY C 18 -11.13 16.10 21.05
N LEU C 19 -12.42 15.94 21.33
CA LEU C 19 -13.09 16.88 22.21
C LEU C 19 -13.41 16.25 23.56
N THR C 20 -13.84 17.06 24.53
CA THR C 20 -14.40 16.52 25.76
C THR C 20 -15.88 16.26 25.50
N LEU C 21 -16.47 15.34 26.25
CA LEU C 21 -17.91 15.12 26.16
C LEU C 21 -18.74 16.38 26.50
N ARG C 22 -18.27 17.14 27.48
CA ARG C 22 -18.91 18.41 27.85
C ARG C 22 -18.98 19.46 26.73
N GLU C 23 -17.83 19.77 26.15
CA GLU C 23 -17.79 20.73 25.03
C GLU C 23 -18.62 20.19 23.87
N ARG C 24 -18.61 18.88 23.70
CA ARG C 24 -19.32 18.23 22.60
C ARG C 24 -20.82 18.35 22.75
N ILE C 25 -21.35 18.12 23.95
CA ILE C 25 -22.78 18.24 24.18
C ILE C 25 -23.18 19.71 24.11
N GLU C 26 -22.30 20.59 24.58
CA GLU C 26 -22.59 22.02 24.55
C GLU C 26 -22.71 22.53 23.12
N LYS C 27 -21.76 22.13 22.27
CA LYS C 27 -21.75 22.57 20.88
C LYS C 27 -22.89 21.91 20.11
N THR C 28 -23.19 20.67 20.47
CA THR C 28 -24.33 19.96 19.89
C THR C 28 -25.62 20.73 20.16
N LEU C 29 -25.82 21.13 21.41
CA LEU C 29 -27.02 21.86 21.82
C LEU C 29 -27.03 23.27 21.21
N GLN C 30 -25.84 23.79 20.94
CA GLN C 30 -25.72 25.10 20.31
C GLN C 30 -26.20 24.96 18.88
N ARG C 31 -25.91 23.82 18.25
CA ARG C 31 -26.34 23.58 16.89
C ARG C 31 -27.87 23.45 16.85
N ALA C 32 -28.47 23.11 17.98
CA ALA C 32 -29.92 23.02 18.08
C ALA C 32 -30.56 24.36 18.44
N GLY C 33 -29.74 25.40 18.59
CA GLY C 33 -30.26 26.72 18.88
C GLY C 33 -30.52 26.94 20.36
N PHE C 34 -29.73 26.30 21.20
CA PHE C 34 -29.88 26.42 22.65
C PHE C 34 -28.67 27.05 23.33
N ASP C 35 -28.94 27.90 24.32
CA ASP C 35 -27.89 28.41 25.17
C ASP C 35 -27.71 27.46 26.35
N VAL C 36 -26.50 26.95 26.51
CA VAL C 36 -26.28 25.86 27.46
C VAL C 36 -25.85 26.40 28.82
N ARG C 37 -26.57 25.99 29.85
CA ARG C 37 -26.26 26.35 31.22
C ARG C 37 -25.90 25.08 31.98
N PHE C 38 -24.66 24.95 32.44
CA PHE C 38 -24.30 23.82 33.28
C PHE C 38 -24.62 24.10 34.75
N PHE C 39 -25.31 23.17 35.40
CA PHE C 39 -25.75 23.42 36.77
C PHE C 39 -25.51 22.25 37.74
N ASP C 40 -25.02 22.57 38.93
CA ASP C 40 -25.02 21.66 40.07
C ASP C 40 -26.36 21.66 40.80
N GLU C 41 -26.96 22.83 40.90
CA GLU C 41 -28.32 23.00 41.43
C GLU C 41 -29.05 24.02 40.57
N LEU C 42 -30.26 23.68 40.17
CA LEU C 42 -30.94 24.46 39.14
C LEU C 42 -31.43 25.82 39.63
N SER C 43 -31.07 26.85 38.87
CA SER C 43 -31.64 28.18 39.00
C SER C 43 -32.31 28.63 37.72
N LEU C 44 -33.63 28.78 37.72
CA LEU C 44 -34.31 29.05 36.47
C LEU C 44 -34.25 30.54 36.16
N GLU C 45 -34.08 30.86 34.89
CA GLU C 45 -34.03 32.23 34.40
C GLU C 45 -35.22 32.47 33.50
N GLU C 46 -35.65 33.73 33.36
CA GLU C 46 -36.77 34.00 32.47
C GLU C 46 -36.35 33.79 31.03
N ALA C 47 -37.11 32.94 30.34
CA ALA C 47 -36.82 32.55 28.97
C ALA C 47 -38.07 31.92 28.37
N GLU C 48 -37.93 31.37 27.17
CA GLU C 48 -39.06 30.72 26.53
C GLU C 48 -39.03 29.21 26.76
N ASP C 49 -38.05 28.55 26.15
CA ASP C 49 -37.85 27.12 26.26
C ASP C 49 -36.86 26.66 27.35
N TYR C 50 -37.20 25.57 28.03
CA TYR C 50 -36.32 24.97 29.03
C TYR C 50 -36.07 23.49 28.75
N LEU C 51 -34.81 23.16 28.48
CA LEU C 51 -34.44 21.77 28.19
C LEU C 51 -33.54 21.25 29.31
N ILE C 52 -34.06 20.34 30.12
CA ILE C 52 -33.30 19.85 31.27
C ILE C 52 -32.76 18.42 31.13
N ILE C 53 -31.43 18.33 31.08
CA ILE C 53 -30.70 17.06 31.04
C ILE C 53 -29.96 16.82 32.37
N LEU C 54 -30.18 15.68 33.02
CA LEU C 54 -29.54 15.43 34.31
C LEU C 54 -28.36 14.45 34.21
N GLU C 55 -28.69 13.21 33.90
CA GLU C 55 -27.68 12.15 33.74
C GLU C 55 -26.76 12.43 32.56
N PRO C 56 -25.47 12.08 32.69
CA PRO C 56 -24.51 12.22 31.60
C PRO C 56 -24.89 11.38 30.38
N VAL C 57 -24.95 12.02 29.22
CA VAL C 57 -25.45 11.40 28.00
C VAL C 57 -24.70 11.92 26.77
N LEU C 58 -24.41 11.02 25.83
CA LEU C 58 -23.85 11.41 24.55
C LEU C 58 -24.89 11.38 23.43
N ILE C 59 -25.24 12.56 22.93
CA ILE C 59 -26.24 12.67 21.87
C ILE C 59 -25.60 12.46 20.50
N LEU C 60 -26.00 11.41 19.80
CA LEU C 60 -25.43 11.06 18.51
C LEU C 60 -26.17 11.62 17.29
N GLU C 61 -27.37 12.17 17.52
CA GLU C 61 -28.18 12.67 16.41
C GLU C 61 -27.68 13.98 15.80
N ARG C 62 -27.64 14.02 14.48
CA ARG C 62 -27.08 15.15 13.74
C ARG C 62 -28.00 16.38 13.83
N ASP C 63 -29.15 16.29 13.17
CA ASP C 63 -30.12 17.37 13.23
C ASP C 63 -31.22 17.11 14.27
N LEU C 64 -31.25 17.93 15.30
CA LEU C 64 -32.26 17.82 16.35
C LEU C 64 -33.33 18.90 16.23
N LEU C 65 -34.56 18.50 15.90
CA LEU C 65 -35.63 19.48 15.75
C LEU C 65 -36.62 19.39 16.91
N LEU C 66 -36.67 20.43 17.72
CA LEU C 66 -37.56 20.47 18.89
C LEU C 66 -38.73 21.43 18.67
N GLU C 67 -39.92 20.87 18.53
CA GLU C 67 -41.13 21.66 18.34
C GLU C 67 -42.16 21.33 19.40
N GLY C 68 -42.47 22.30 20.26
CA GLY C 68 -43.43 22.08 21.32
C GLY C 68 -42.84 21.34 22.51
N ARG C 69 -43.54 21.41 23.64
CA ARG C 69 -43.13 20.75 24.87
C ARG C 69 -43.20 19.24 24.67
N LYS C 70 -42.31 18.49 25.32
CA LYS C 70 -42.20 17.04 25.15
C LYS C 70 -41.15 16.38 26.06
N ILE C 71 -41.16 15.05 26.10
CA ILE C 71 -40.17 14.26 26.82
C ILE C 71 -39.17 13.50 25.94
N LEU C 72 -37.89 13.68 26.20
CA LEU C 72 -36.83 13.05 25.40
C LEU C 72 -36.46 11.65 25.88
N VAL C 73 -36.67 10.66 25.01
CA VAL C 73 -36.41 9.27 25.35
C VAL C 73 -35.57 8.55 24.30
N SER C 74 -34.73 7.62 24.75
CA SER C 74 -33.98 6.74 23.88
C SER C 74 -34.08 5.28 24.35
N ASP C 75 -34.71 4.46 23.52
CA ASP C 75 -34.90 3.03 23.76
C ASP C 75 -35.44 2.74 25.16
N GLY C 76 -36.42 3.52 25.60
CA GLY C 76 -37.09 3.31 26.86
C GLY C 76 -36.53 4.17 27.99
N PHE C 77 -35.27 4.58 27.85
CA PHE C 77 -34.63 5.47 28.80
C PHE C 77 -35.17 6.89 28.63
N THR C 78 -35.36 7.61 29.72
CA THR C 78 -35.66 9.04 29.64
C THR C 78 -34.44 9.92 29.92
N VAL C 79 -33.91 10.52 28.86
CA VAL C 79 -32.66 11.25 28.92
C VAL C 79 -32.83 12.70 29.42
N GLY C 80 -33.96 13.31 29.12
CA GLY C 80 -34.21 14.68 29.53
C GLY C 80 -35.59 15.18 29.19
N TYR C 81 -35.94 16.34 29.75
CA TYR C 81 -37.26 16.94 29.49
C TYR C 81 -37.24 18.25 28.72
N PHE C 82 -38.26 18.48 27.90
CA PHE C 82 -38.44 19.79 27.29
C PHE C 82 -39.74 20.43 27.76
N PHE C 83 -39.59 21.45 28.60
CA PHE C 83 -40.69 22.20 29.20
C PHE C 83 -40.76 23.63 28.67
N GLY C 84 -41.96 24.23 28.63
CA GLY C 84 -42.03 25.61 28.19
C GLY C 84 -41.73 26.55 29.35
N GLY C 85 -41.99 27.84 29.18
CA GLY C 85 -41.71 28.81 30.23
C GLY C 85 -42.51 28.75 31.51
N ASP C 86 -43.71 28.17 31.44
CA ASP C 86 -44.60 28.05 32.59
C ASP C 86 -43.94 27.33 33.76
N PHE C 87 -43.03 26.41 33.45
CA PHE C 87 -42.34 25.62 34.45
C PHE C 87 -41.53 26.49 35.42
N ARG C 88 -41.26 27.73 35.04
CA ARG C 88 -40.54 28.64 35.94
C ARG C 88 -41.40 29.01 37.15
N THR C 89 -42.70 28.97 36.95
CA THR C 89 -43.68 29.30 37.98
C THR C 89 -44.06 28.06 38.77
N VAL C 90 -43.46 26.93 38.41
CA VAL C 90 -43.73 25.65 39.04
C VAL C 90 -42.60 25.27 39.98
N PHE C 91 -41.39 25.17 39.43
CA PHE C 91 -40.23 24.68 40.18
C PHE C 91 -40.08 25.47 41.47
N ASP C 92 -40.20 24.77 42.60
CA ASP C 92 -40.09 25.38 43.91
C ASP C 92 -38.77 25.12 44.61
N GLY C 93 -37.85 24.46 43.91
CA GLY C 93 -36.56 24.13 44.48
C GLY C 93 -36.42 22.64 44.69
N ASN C 94 -37.53 21.92 44.57
CA ASN C 94 -37.47 20.46 44.55
C ASN C 94 -37.64 19.96 43.13
N LEU C 95 -36.80 19.02 42.74
CA LEU C 95 -36.74 18.58 41.36
C LEU C 95 -37.92 17.68 40.98
N GLN C 96 -37.95 16.50 41.61
CA GLN C 96 -38.95 15.47 41.33
C GLN C 96 -40.38 15.93 41.49
N SER C 97 -40.64 16.72 42.53
CA SER C 97 -41.99 17.20 42.79
C SER C 97 -42.47 18.10 41.67
N SER C 98 -41.65 19.06 41.29
CA SER C 98 -41.99 20.00 40.23
C SER C 98 -42.11 19.32 38.88
N ILE C 99 -41.28 18.29 38.67
CA ILE C 99 -41.33 17.51 37.46
C ILE C 99 -42.65 16.78 37.36
N GLU C 100 -43.01 16.06 38.41
CA GLU C 100 -44.24 15.28 38.43
C GLU C 100 -45.46 16.19 38.36
N LYS C 101 -45.32 17.40 38.89
CA LYS C 101 -46.41 18.37 38.81
C LYS C 101 -46.63 18.85 37.38
N TYR C 102 -45.53 19.17 36.69
CA TYR C 102 -45.63 19.61 35.31
C TYR C 102 -46.10 18.48 34.39
N LEU C 103 -45.77 17.26 34.76
CA LEU C 103 -46.21 16.08 34.02
C LEU C 103 -47.68 15.78 34.27
N SER C 104 -48.15 16.14 35.47
CA SER C 104 -49.55 15.97 35.83
C SER C 104 -50.42 17.02 35.17
N LEU C 105 -49.86 18.20 34.95
CA LEU C 105 -50.59 19.31 34.34
C LEU C 105 -50.74 19.12 32.84
N ASN C 106 -49.66 18.70 32.19
CA ASN C 106 -49.61 18.55 30.74
C ASN C 106 -49.44 17.10 30.33
N ASN C 107 -50.23 16.71 29.33
CA ASN C 107 -50.10 15.38 28.73
C ASN C 107 -49.21 15.51 27.51
N LEU C 108 -48.01 14.95 27.66
CA LEU C 108 -46.98 15.00 26.64
C LEU C 108 -46.57 13.62 26.14
N GLU C 109 -46.34 13.53 24.84
CA GLU C 109 -45.97 12.27 24.22
C GLU C 109 -44.48 12.05 24.45
N SER C 110 -43.97 10.93 23.95
CA SER C 110 -42.58 10.58 24.18
C SER C 110 -41.85 10.63 22.84
N TYR C 111 -40.76 11.38 22.77
CA TYR C 111 -40.05 11.50 21.51
C TYR C 111 -38.75 10.71 21.49
N GLU C 112 -38.58 9.90 20.45
CA GLU C 112 -37.44 9.00 20.35
C GLU C 112 -36.27 9.74 19.73
N ILE C 113 -35.12 9.72 20.40
CA ILE C 113 -33.93 10.30 19.82
C ILE C 113 -32.77 9.32 19.84
N TRP C 114 -31.75 9.61 19.04
CA TRP C 114 -30.59 8.74 18.99
C TRP C 114 -29.58 9.29 19.98
N ALA C 115 -29.36 8.52 21.04
CA ALA C 115 -28.46 8.94 22.11
C ALA C 115 -28.00 7.73 22.89
N ILE C 116 -26.90 7.87 23.63
CA ILE C 116 -26.40 6.78 24.44
C ILE C 116 -26.09 7.28 25.83
N LYS C 117 -26.53 6.51 26.84
CA LYS C 117 -26.28 6.89 28.22
C LYS C 117 -24.84 6.63 28.59
N LEU C 118 -24.22 7.64 29.18
CA LEU C 118 -22.82 7.56 29.57
C LEU C 118 -22.60 6.76 30.84
N SER C 119 -21.60 5.90 30.81
CA SER C 119 -21.17 5.14 31.97
C SER C 119 -19.65 5.08 31.88
N ASN C 120 -18.98 4.88 33.00
CA ASN C 120 -17.53 4.79 32.97
C ASN C 120 -17.04 3.59 32.15
N ASP C 121 -17.74 2.47 32.27
CA ASP C 121 -17.41 1.24 31.57
C ASP C 121 -17.58 1.24 30.05
N ASN C 122 -18.66 1.83 29.54
CA ASN C 122 -18.96 1.72 28.11
C ASN C 122 -18.37 2.77 27.15
N LEU C 123 -17.46 3.62 27.63
CA LEU C 123 -16.89 4.67 26.78
C LEU C 123 -16.34 4.23 25.40
N LYS C 124 -15.57 3.14 25.34
CA LYS C 124 -15.08 2.63 24.05
C LYS C 124 -16.24 2.41 23.07
N THR C 125 -17.25 1.70 23.55
CA THR C 125 -18.47 1.43 22.80
C THR C 125 -19.05 2.73 22.26
N ALA C 126 -19.22 3.70 23.17
CA ALA C 126 -19.72 5.03 22.81
C ALA C 126 -18.92 5.64 21.66
N GLU C 127 -17.60 5.61 21.78
CA GLU C 127 -16.70 6.09 20.74
C GLU C 127 -17.01 5.46 19.39
N LYS C 128 -17.09 4.13 19.40
CA LYS C 128 -17.44 3.35 18.21
C LYS C 128 -18.76 3.83 17.58
N LEU C 129 -19.79 3.92 18.43
CA LEU C 129 -21.09 4.40 18.01
C LEU C 129 -21.00 5.78 17.38
N LEU C 130 -20.31 6.71 18.03
CA LEU C 130 -20.17 8.07 17.53
C LEU C 130 -19.55 8.06 16.13
N LEU C 131 -18.52 7.24 15.97
CA LEU C 131 -17.86 7.10 14.67
C LEU C 131 -18.83 6.60 13.62
N SER C 132 -19.64 5.61 13.99
CA SER C 132 -20.58 5.03 13.03
C SER C 132 -21.68 6.04 12.69
N SER C 133 -21.94 6.94 13.65
CA SER C 133 -22.98 7.95 13.52
C SER C 133 -22.54 9.09 12.63
N LEU C 134 -21.23 9.34 12.56
CA LEU C 134 -20.74 10.48 11.81
C LEU C 134 -20.83 10.32 10.29
N ILE C 135 -20.76 9.09 9.78
CA ILE C 135 -20.72 8.91 8.33
C ILE C 135 -22.09 9.15 7.68
N GLY C 136 -22.14 10.14 6.79
CA GLY C 136 -23.32 10.40 5.96
C GLY C 136 -23.17 9.84 4.55
N SER C 137 -22.03 9.19 4.29
CA SER C 137 -21.61 8.92 2.93
C SER C 137 -21.62 7.45 2.51
N GLY C 138 -22.22 7.18 1.35
CA GLY C 138 -22.23 5.82 0.81
C GLY C 138 -23.40 4.92 1.16
N SER C 139 -23.78 4.10 0.18
CA SER C 139 -24.80 3.08 0.39
C SER C 139 -24.39 2.22 1.57
N LEU C 140 -25.31 2.03 2.52
CA LEU C 140 -25.00 1.30 3.74
C LEU C 140 -25.47 -0.16 3.79
N ASN C 141 -24.60 -1.03 4.29
CA ASN C 141 -24.98 -2.41 4.60
C ASN C 141 -24.54 -2.67 6.04
N LYS C 142 -25.40 -3.28 6.84
CA LYS C 142 -25.11 -3.40 8.27
C LYS C 142 -23.89 -4.26 8.62
N TYR C 143 -23.58 -5.22 7.75
CA TYR C 143 -22.36 -6.02 7.92
C TYR C 143 -21.17 -5.16 7.50
N ALA C 144 -21.32 -4.65 6.27
CA ALA C 144 -20.31 -3.86 5.63
C ALA C 144 -20.05 -2.55 6.35
N ARG C 145 -21.09 -1.88 6.84
CA ARG C 145 -20.89 -0.61 7.53
C ARG C 145 -20.10 -0.76 8.83
N GLY C 146 -20.45 -1.78 9.62
CA GLY C 146 -19.74 -1.98 10.86
C GLY C 146 -18.31 -2.35 10.63
N LEU C 147 -18.07 -3.28 9.70
CA LEU C 147 -16.68 -3.69 9.45
C LEU C 147 -15.86 -2.53 8.86
N PHE C 148 -16.47 -1.80 7.94
CA PHE C 148 -15.85 -0.66 7.24
C PHE C 148 -15.48 0.47 8.18
N ALA C 149 -16.40 0.86 9.05
CA ALA C 149 -16.15 1.90 10.03
C ALA C 149 -15.07 1.43 10.98
N ALA C 150 -15.15 0.13 11.28
CA ALA C 150 -14.17 -0.50 12.14
C ALA C 150 -12.79 -0.35 11.54
N ILE C 151 -12.69 -0.35 10.21
CA ILE C 151 -11.36 -0.22 9.66
C ILE C 151 -10.86 1.22 9.72
N PHE C 152 -11.76 2.20 9.82
CA PHE C 152 -11.28 3.57 9.89
C PHE C 152 -11.19 4.17 11.30
N LEU C 153 -11.60 3.43 12.33
CA LEU C 153 -11.50 3.99 13.68
C LEU C 153 -10.10 4.39 14.23
N PRO C 154 -9.07 3.55 13.99
CA PRO C 154 -7.72 3.93 14.44
C PRO C 154 -7.12 5.17 13.79
N ILE C 155 -7.38 5.33 12.49
CA ILE C 155 -6.94 6.52 11.77
C ILE C 155 -7.57 7.79 12.31
N ALA C 156 -8.89 7.77 12.50
CA ALA C 156 -9.57 8.92 13.06
C ALA C 156 -9.05 9.25 14.44
N ARG C 157 -8.79 8.21 15.24
CA ARG C 157 -8.24 8.43 16.57
C ARG C 157 -6.85 9.08 16.52
N LEU C 158 -6.00 8.55 15.64
CA LEU C 158 -4.64 9.04 15.44
C LEU C 158 -4.58 10.50 14.99
N LEU C 159 -5.39 10.82 13.99
CA LEU C 159 -5.42 12.17 13.43
C LEU C 159 -6.02 13.12 14.44
N ALA C 160 -6.95 12.63 15.24
CA ALA C 160 -7.54 13.47 16.26
C ALA C 160 -6.47 13.80 17.30
N ASP C 161 -5.68 12.80 17.69
CA ASP C 161 -4.65 13.06 18.69
C ASP C 161 -3.53 13.97 18.18
N TRP C 162 -3.17 13.87 16.89
CA TRP C 162 -2.06 14.70 16.40
C TRP C 162 -2.36 16.17 16.08
N GLY C 163 -3.63 16.56 16.08
CA GLY C 163 -3.94 17.96 15.81
C GLY C 163 -4.01 18.26 14.31
N VAL C 164 -4.15 17.23 13.49
CA VAL C 164 -4.28 17.39 12.05
C VAL C 164 -5.65 17.90 11.59
N SER C 165 -5.64 18.91 10.74
CA SER C 165 -6.87 19.49 10.19
C SER C 165 -7.34 18.67 8.99
N PRO C 166 -8.66 18.64 8.74
CA PRO C 166 -9.26 17.95 7.59
C PRO C 166 -8.83 18.48 6.23
N ASP C 167 -8.58 19.79 6.15
CA ASP C 167 -8.10 20.40 4.90
C ASP C 167 -6.78 19.78 4.49
N ALA C 168 -5.89 19.59 5.47
CA ALA C 168 -4.60 18.96 5.22
C ALA C 168 -4.78 17.59 4.61
N VAL C 169 -5.72 16.82 5.17
CA VAL C 169 -6.02 15.49 4.66
C VAL C 169 -6.52 15.51 3.23
N THR C 170 -7.48 16.40 2.95
CA THR C 170 -8.03 16.53 1.62
C THR C 170 -6.95 16.85 0.59
N VAL C 171 -6.15 17.86 0.91
CA VAL C 171 -5.07 18.28 0.03
C VAL C 171 -4.04 17.18 -0.20
N VAL C 172 -3.57 16.56 0.88
CA VAL C 172 -2.60 15.47 0.73
C VAL C 172 -3.14 14.32 -0.11
N GLY C 173 -4.38 13.93 0.14
CA GLY C 173 -5.00 12.87 -0.63
C GLY C 173 -5.09 13.17 -2.12
N THR C 174 -5.55 14.37 -2.43
CA THR C 174 -5.69 14.79 -3.81
C THR C 174 -4.33 14.89 -4.50
N LEU C 175 -3.33 15.39 -3.78
CA LEU C 175 -1.98 15.51 -4.31
C LEU C 175 -1.45 14.11 -4.60
N GLY C 176 -1.87 13.15 -3.78
CA GLY C 176 -1.50 11.76 -3.96
C GLY C 176 -2.11 11.20 -5.23
N VAL C 177 -3.39 11.48 -5.42
CA VAL C 177 -4.08 11.10 -6.65
C VAL C 177 -3.39 11.70 -7.87
N MET C 178 -3.06 12.99 -7.79
CA MET C 178 -2.40 13.66 -8.89
C MET C 178 -1.05 13.03 -9.20
N ALA C 179 -0.36 12.61 -8.13
CA ALA C 179 0.95 11.98 -8.27
C ALA C 179 0.82 10.62 -8.95
N GLY C 180 -0.25 9.90 -8.65
CA GLY C 180 -0.50 8.61 -9.26
C GLY C 180 -0.93 8.71 -10.72
N ALA C 181 -1.79 9.68 -10.98
CA ALA C 181 -2.43 9.86 -12.28
C ALA C 181 -1.51 10.51 -13.31
N LEU C 182 -0.80 11.56 -12.90
CA LEU C 182 -0.02 12.37 -13.83
C LEU C 182 1.43 11.93 -13.95
N ILE C 183 1.85 11.00 -13.10
CA ILE C 183 3.22 10.49 -13.18
C ILE C 183 3.26 9.02 -13.61
N PHE C 184 2.68 8.14 -12.80
CA PHE C 184 2.73 6.71 -13.08
C PHE C 184 2.00 6.31 -14.36
N TYR C 185 0.79 6.83 -14.55
CA TYR C 185 0.03 6.53 -15.77
C TYR C 185 0.75 6.95 -17.06
N PRO C 186 1.22 8.21 -17.15
CA PRO C 186 1.93 8.57 -18.39
C PRO C 186 3.20 7.76 -18.62
N MET C 187 3.81 7.27 -17.56
CA MET C 187 4.98 6.38 -17.67
C MET C 187 4.60 5.03 -18.27
N GLY C 188 3.32 4.67 -18.13
CA GLY C 188 2.85 3.38 -18.59
C GLY C 188 2.67 2.37 -17.49
N GLN C 189 2.77 2.82 -16.25
CA GLN C 189 2.54 1.96 -15.11
C GLN C 189 1.11 2.17 -14.61
N LEU C 190 0.22 1.31 -15.07
CA LEU C 190 -1.20 1.41 -14.78
C LEU C 190 -1.54 0.79 -13.43
N PHE C 191 -0.90 -0.33 -13.12
CA PHE C 191 -1.16 -1.02 -11.86
C PHE C 191 -0.76 -0.17 -10.65
N TRP C 192 0.51 0.22 -10.58
CA TRP C 192 0.99 0.98 -9.42
C TRP C 192 0.33 2.35 -9.34
N GLY C 193 0.05 2.93 -10.51
CA GLY C 193 -0.66 4.19 -10.57
C GLY C 193 -2.03 4.00 -9.94
N THR C 194 -2.65 2.87 -10.27
CA THR C 194 -3.95 2.54 -9.72
C THR C 194 -3.91 2.32 -8.22
N VAL C 195 -2.86 1.69 -7.70
CA VAL C 195 -2.85 1.47 -6.26
C VAL C 195 -2.56 2.77 -5.53
N VAL C 196 -1.81 3.67 -6.16
CA VAL C 196 -1.55 4.97 -5.55
C VAL C 196 -2.83 5.79 -5.47
N ILE C 197 -3.50 5.90 -6.60
CA ILE C 197 -4.78 6.58 -6.66
C ILE C 197 -5.80 6.00 -5.69
N THR C 198 -5.95 4.67 -5.71
CA THR C 198 -6.92 4.02 -4.84
C THR C 198 -6.60 4.30 -3.37
N VAL C 199 -5.31 4.25 -3.01
CA VAL C 199 -4.90 4.54 -1.63
C VAL C 199 -5.24 5.98 -1.22
N PHE C 200 -4.92 6.94 -2.07
CA PHE C 200 -5.11 8.36 -1.70
C PHE C 200 -6.52 8.88 -1.95
N VAL C 201 -7.37 8.05 -2.54
CA VAL C 201 -8.78 8.37 -2.77
C VAL C 201 -9.68 8.40 -1.54
N PHE C 202 -9.41 7.52 -0.57
CA PHE C 202 -10.22 7.47 0.65
C PHE C 202 -10.09 8.69 1.57
N SER C 203 -9.15 9.56 1.26
CA SER C 203 -9.03 10.80 2.01
C SER C 203 -10.30 11.66 2.00
N ASP C 204 -11.15 11.48 0.99
CA ASP C 204 -12.41 12.20 0.97
C ASP C 204 -13.26 11.78 2.17
N ILE C 205 -13.28 10.47 2.41
CA ILE C 205 -14.04 9.88 3.50
C ILE C 205 -13.42 10.24 4.84
N ILE C 206 -12.10 10.36 4.83
CA ILE C 206 -11.39 10.78 6.02
C ILE C 206 -11.74 12.21 6.39
N ASP C 207 -11.64 13.12 5.43
CA ASP C 207 -11.94 14.51 5.75
C ASP C 207 -13.42 14.68 6.11
N GLY C 208 -14.29 13.83 5.58
CA GLY C 208 -15.69 13.94 5.97
C GLY C 208 -15.91 13.56 7.43
N LEU C 209 -15.33 12.43 7.82
CA LEU C 209 -15.38 12.01 9.23
C LEU C 209 -14.75 13.01 10.17
N MET C 210 -13.60 13.55 9.80
CA MET C 210 -12.91 14.47 10.68
C MET C 210 -13.65 15.80 10.77
N ALA C 211 -14.19 16.27 9.65
CA ALA C 211 -14.92 17.52 9.65
C ALA C 211 -16.17 17.41 10.51
N ARG C 212 -16.77 16.21 10.51
CA ARG C 212 -17.94 15.97 11.32
C ARG C 212 -17.59 15.86 12.80
N LEU C 213 -16.43 15.26 13.06
CA LEU C 213 -15.96 15.00 14.41
C LEU C 213 -15.46 16.25 15.14
N LEU C 214 -14.72 17.11 14.48
CA LEU C 214 -14.16 18.28 15.16
C LEU C 214 -15.14 19.44 15.00
N PHE C 215 -16.26 19.10 14.36
CA PHE C 215 -17.48 19.89 14.19
C PHE C 215 -17.40 21.03 13.19
N ARG C 216 -16.29 21.22 12.51
CA ARG C 216 -16.26 22.31 11.54
C ARG C 216 -16.74 21.88 10.17
N GLU C 217 -18.00 22.02 9.78
CA GLU C 217 -18.21 21.65 8.40
C GLU C 217 -18.50 22.90 7.61
N GLY C 218 -17.45 23.67 7.34
CA GLY C 218 -17.67 25.01 6.81
C GLY C 218 -18.30 24.99 5.44
N PRO C 219 -18.75 26.16 4.94
CA PRO C 219 -19.30 26.25 3.59
C PRO C 219 -18.17 25.78 2.68
N TRP C 220 -17.01 26.16 3.21
CA TRP C 220 -15.67 25.93 2.72
C TRP C 220 -15.28 24.46 2.70
N GLY C 221 -15.58 23.73 3.75
CA GLY C 221 -15.24 22.32 3.78
C GLY C 221 -15.87 21.60 2.59
N ALA C 222 -17.17 21.83 2.41
CA ALA C 222 -17.92 21.28 1.29
C ALA C 222 -17.28 21.72 -0.01
N PHE C 223 -16.98 23.01 -0.11
CA PHE C 223 -16.34 23.53 -1.31
C PHE C 223 -15.07 22.76 -1.64
N LEU C 224 -14.18 22.66 -0.67
CA LEU C 224 -12.89 22.05 -0.87
C LEU C 224 -13.01 20.59 -1.28
N ASP C 225 -13.86 19.83 -0.58
CA ASP C 225 -14.12 18.45 -1.00
C ASP C 225 -14.56 18.36 -2.46
N SER C 226 -15.61 19.10 -2.82
CA SER C 226 -16.08 19.11 -4.19
C SER C 226 -15.01 19.45 -5.22
N TYR C 227 -14.33 20.57 -4.98
CA TYR C 227 -13.34 21.05 -5.93
C TYR C 227 -12.20 20.08 -6.11
N LEU C 228 -11.59 19.68 -5.00
CA LEU C 228 -10.46 18.78 -5.07
C LEU C 228 -10.84 17.38 -5.59
N ASP C 229 -12.10 17.00 -5.40
CA ASP C 229 -12.60 15.73 -5.91
C ASP C 229 -12.65 15.79 -7.43
N ARG C 230 -13.18 16.92 -7.92
CA ARG C 230 -13.21 17.21 -9.36
C ARG C 230 -11.81 17.19 -9.96
N VAL C 231 -10.89 17.88 -9.30
CA VAL C 231 -9.49 17.92 -9.72
C VAL C 231 -8.91 16.51 -9.81
N GLY C 232 -9.19 15.70 -8.80
CA GLY C 232 -8.72 14.33 -8.77
C GLY C 232 -9.21 13.52 -9.95
N ASP C 233 -10.52 13.52 -10.18
CA ASP C 233 -11.08 12.72 -11.28
C ASP C 233 -10.53 13.19 -12.63
N SER C 234 -10.49 14.51 -12.81
CA SER C 234 -9.93 15.08 -14.02
C SER C 234 -8.50 14.62 -14.23
N SER C 235 -7.71 14.58 -13.15
CA SER C 235 -6.33 14.14 -13.27
C SER C 235 -6.25 12.68 -13.69
N VAL C 236 -7.12 11.85 -13.12
CA VAL C 236 -7.17 10.44 -13.47
C VAL C 236 -7.41 10.21 -14.96
N PHE C 237 -8.49 10.80 -15.47
CA PHE C 237 -8.80 10.68 -16.88
C PHE C 237 -7.68 11.28 -17.74
N THR C 238 -7.12 12.39 -17.29
CA THR C 238 -6.05 13.07 -18.02
C THR C 238 -4.88 12.11 -18.24
N GLY C 239 -4.45 11.48 -17.16
CA GLY C 239 -3.40 10.48 -17.21
C GLY C 239 -3.70 9.32 -18.14
N ILE C 240 -4.91 8.77 -18.05
CA ILE C 240 -5.28 7.67 -18.93
C ILE C 240 -5.17 8.08 -20.40
N VAL C 241 -5.78 9.22 -20.71
CA VAL C 241 -5.78 9.81 -22.04
C VAL C 241 -4.37 9.97 -22.60
N ILE C 242 -3.51 10.62 -21.82
CA ILE C 242 -2.12 10.82 -22.22
C ILE C 242 -1.47 9.48 -22.51
N TRP C 243 -1.57 8.53 -21.59
CA TRP C 243 -0.88 7.26 -21.77
C TRP C 243 -1.32 6.52 -23.02
N PHE C 244 -2.62 6.41 -23.26
CA PHE C 244 -3.06 5.61 -24.39
C PHE C 244 -2.92 6.36 -25.71
N PHE C 245 -2.80 7.69 -25.65
CA PHE C 245 -2.56 8.47 -26.85
C PHE C 245 -1.11 8.40 -27.29
N LEU C 246 -0.22 8.13 -26.34
CA LEU C 246 1.21 8.11 -26.62
C LEU C 246 1.80 6.70 -26.57
N GLY C 247 2.12 6.23 -25.38
CA GLY C 247 2.83 4.97 -25.24
C GLY C 247 1.95 3.74 -25.33
N GLY C 248 0.69 3.88 -24.90
CA GLY C 248 -0.25 2.77 -24.96
C GLY C 248 -0.62 2.33 -26.36
N ALA C 249 -0.45 3.23 -27.33
CA ALA C 249 -0.70 2.94 -28.74
C ALA C 249 -2.10 2.40 -28.98
N ASN C 250 -3.09 3.01 -28.34
CA ASN C 250 -4.50 2.64 -28.51
C ASN C 250 -5.36 3.89 -28.53
N PRO C 251 -5.47 4.52 -29.72
CA PRO C 251 -6.18 5.79 -29.93
C PRO C 251 -7.67 5.78 -29.56
N THR C 252 -8.38 4.68 -29.81
CA THR C 252 -9.82 4.63 -29.54
C THR C 252 -10.13 4.63 -28.04
N ILE C 253 -9.27 3.96 -27.26
CA ILE C 253 -9.36 3.99 -25.81
C ILE C 253 -9.08 5.40 -25.31
N ALA C 254 -8.06 6.03 -25.89
CA ALA C 254 -7.69 7.38 -25.51
C ALA C 254 -8.84 8.36 -25.79
N ILE C 255 -9.49 8.17 -26.93
CA ILE C 255 -10.63 9.00 -27.31
C ILE C 255 -11.79 8.82 -26.34
N LEU C 256 -12.13 7.58 -26.04
CA LEU C 256 -13.18 7.30 -25.08
C LEU C 256 -12.89 7.88 -23.70
N ALA C 257 -11.63 7.82 -23.29
CA ALA C 257 -11.21 8.38 -22.02
C ALA C 257 -11.36 9.90 -22.01
N LEU C 258 -10.95 10.54 -23.10
CA LEU C 258 -11.08 12.00 -23.22
C LEU C 258 -12.55 12.43 -23.15
N ILE C 259 -13.37 11.72 -23.90
CA ILE C 259 -14.81 11.92 -23.89
C ILE C 259 -15.36 11.77 -22.47
N CYS C 260 -14.89 10.76 -21.75
CA CYS C 260 -15.35 10.57 -20.38
C CYS C 260 -14.91 11.72 -19.48
N LEU C 261 -13.73 12.26 -19.74
CA LEU C 261 -13.22 13.42 -19.00
C LEU C 261 -14.17 14.59 -19.15
N VAL C 262 -14.47 14.92 -20.41
CA VAL C 262 -15.37 16.03 -20.71
C VAL C 262 -16.76 15.81 -20.12
N LEU C 263 -17.32 14.63 -20.34
CA LEU C 263 -18.66 14.32 -19.84
C LEU C 263 -18.68 14.42 -18.32
N SER C 264 -17.58 14.06 -17.68
CA SER C 264 -17.48 14.13 -16.23
C SER C 264 -17.55 15.59 -15.79
N SER C 265 -16.76 16.42 -16.45
CA SER C 265 -16.81 17.86 -16.19
C SER C 265 -18.21 18.42 -16.34
N LEU C 266 -18.91 17.98 -17.38
CA LEU C 266 -20.25 18.48 -17.65
C LEU C 266 -21.28 17.98 -16.63
N VAL C 267 -21.11 16.75 -16.19
CA VAL C 267 -22.03 16.15 -15.22
C VAL C 267 -21.88 16.84 -13.86
N SER C 268 -20.64 17.18 -13.50
CA SER C 268 -20.41 17.89 -12.25
C SER C 268 -20.93 19.32 -12.37
N TYR C 269 -20.65 19.94 -13.51
CA TYR C 269 -21.01 21.32 -13.73
C TYR C 269 -22.52 21.50 -13.73
N SER C 270 -23.26 20.50 -14.23
CA SER C 270 -24.72 20.61 -14.22
C SER C 270 -25.27 20.82 -12.81
N LYS C 271 -24.89 19.93 -11.90
CA LYS C 271 -25.33 20.03 -10.51
C LYS C 271 -24.84 21.30 -9.83
N ALA C 272 -23.55 21.59 -9.98
CA ALA C 272 -22.99 22.80 -9.38
C ALA C 272 -23.68 24.08 -9.83
N ARG C 273 -23.81 24.23 -11.14
CA ARG C 273 -24.42 25.42 -11.71
C ARG C 273 -25.90 25.52 -11.34
N ALA C 274 -26.59 24.37 -11.33
CA ALA C 274 -27.99 24.35 -10.91
C ALA C 274 -28.15 24.84 -9.48
N GLU C 275 -27.33 24.31 -8.57
CA GLU C 275 -27.42 24.74 -7.17
C GLU C 275 -27.07 26.22 -7.07
N GLY C 276 -26.15 26.66 -7.92
CA GLY C 276 -25.77 28.06 -8.04
C GLY C 276 -26.92 28.97 -8.44
N LEU C 277 -27.81 28.43 -9.26
CA LEU C 277 -28.97 29.16 -9.75
C LEU C 277 -30.11 29.13 -8.77
N GLY C 278 -29.90 28.42 -7.68
CA GLY C 278 -30.86 28.26 -6.60
C GLY C 278 -31.79 27.09 -6.79
N LEU C 279 -31.68 26.39 -7.92
CA LEU C 279 -32.51 25.21 -8.11
C LEU C 279 -31.69 24.03 -7.60
N THR C 280 -32.22 22.82 -7.71
CA THR C 280 -31.47 21.66 -7.25
C THR C 280 -31.54 20.46 -8.18
N ALA C 281 -30.46 19.68 -8.25
CA ALA C 281 -30.49 18.49 -9.08
C ALA C 281 -29.60 17.42 -8.46
N ASN C 282 -30.21 16.58 -7.64
CA ASN C 282 -29.52 15.45 -7.01
C ASN C 282 -29.60 14.16 -7.82
N VAL C 283 -30.45 14.18 -8.84
CA VAL C 283 -30.70 13.00 -9.66
C VAL C 283 -29.76 12.52 -10.77
N GLY C 284 -29.26 11.31 -10.60
CA GLY C 284 -28.41 10.66 -11.57
C GLY C 284 -28.11 9.21 -11.21
N ILE C 285 -27.94 8.37 -12.22
CA ILE C 285 -27.62 6.95 -12.07
C ILE C 285 -26.20 6.71 -11.55
N ALA C 286 -25.33 7.64 -11.94
CA ALA C 286 -23.89 7.60 -11.69
C ALA C 286 -23.42 8.33 -10.45
N GLU C 287 -22.71 7.61 -9.58
CA GLU C 287 -22.16 8.21 -8.38
C GLU C 287 -20.64 8.16 -8.50
N ARG C 288 -20.01 9.12 -7.85
CA ARG C 288 -18.57 9.35 -7.98
C ARG C 288 -17.74 8.12 -7.62
N SER C 289 -18.08 7.50 -6.50
CA SER C 289 -17.34 6.33 -6.05
C SER C 289 -17.49 5.13 -6.97
N GLU C 290 -18.68 4.92 -7.54
CA GLU C 290 -18.86 3.75 -8.41
C GLU C 290 -18.06 3.88 -9.71
N ARG C 291 -18.18 5.04 -10.35
CA ARG C 291 -17.36 5.39 -11.51
C ARG C 291 -15.87 5.23 -11.22
N LEU C 292 -15.44 5.81 -10.11
CA LEU C 292 -14.07 5.67 -9.66
C LEU C 292 -13.67 4.20 -9.56
N VAL C 293 -14.54 3.40 -8.95
CA VAL C 293 -14.22 2.00 -8.72
C VAL C 293 -14.01 1.26 -10.03
N VAL C 294 -14.99 1.36 -10.92
CA VAL C 294 -14.89 0.63 -12.18
C VAL C 294 -13.69 1.09 -13.01
N VAL C 295 -13.44 2.40 -13.04
CA VAL C 295 -12.30 2.91 -13.79
C VAL C 295 -10.99 2.39 -13.23
N LEU C 296 -10.82 2.50 -11.91
CA LEU C 296 -9.59 2.04 -11.28
C LEU C 296 -9.35 0.54 -11.41
N VAL C 297 -10.40 -0.26 -11.17
CA VAL C 297 -10.27 -1.71 -11.27
C VAL C 297 -9.92 -2.11 -12.71
N ALA C 298 -10.63 -1.55 -13.68
CA ALA C 298 -10.36 -1.88 -15.07
C ALA C 298 -8.94 -1.47 -15.48
N THR C 299 -8.54 -0.25 -15.13
CA THR C 299 -7.23 0.24 -15.49
C THR C 299 -6.12 -0.59 -14.85
N GLY C 300 -6.31 -0.95 -13.58
CA GLY C 300 -5.33 -1.78 -12.90
C GLY C 300 -5.20 -3.13 -13.55
N LEU C 301 -6.35 -3.74 -13.85
CA LEU C 301 -6.37 -5.02 -14.54
C LEU C 301 -5.63 -4.96 -15.87
N VAL C 302 -5.93 -3.94 -16.69
CA VAL C 302 -5.23 -3.81 -17.95
C VAL C 302 -3.73 -3.61 -17.72
N GLY C 303 -3.38 -2.90 -16.65
CA GLY C 303 -1.99 -2.72 -16.29
C GLY C 303 -1.28 -3.96 -15.83
N LEU C 304 -2.04 -4.97 -15.42
CA LEU C 304 -1.46 -6.25 -15.03
C LEU C 304 -1.48 -7.22 -16.21
N GLY C 305 -1.92 -6.72 -17.37
CA GLY C 305 -1.91 -7.52 -18.58
C GLY C 305 -3.24 -8.07 -19.08
N ILE C 306 -4.34 -7.73 -18.42
CA ILE C 306 -5.65 -8.14 -18.90
C ILE C 306 -5.88 -7.40 -20.23
N PRO C 307 -6.47 -8.08 -21.22
CA PRO C 307 -6.78 -7.47 -22.53
C PRO C 307 -7.53 -6.13 -22.46
N SER C 308 -7.05 -5.17 -23.26
CA SER C 308 -7.51 -3.79 -23.15
C SER C 308 -8.95 -3.55 -23.60
N TRP C 309 -9.55 -4.52 -24.31
CA TRP C 309 -10.91 -4.33 -24.81
C TRP C 309 -11.91 -4.24 -23.67
N VAL C 310 -11.54 -4.81 -22.53
CA VAL C 310 -12.34 -4.74 -21.31
C VAL C 310 -12.51 -3.28 -20.90
N LEU C 311 -11.38 -2.58 -20.94
CA LEU C 311 -11.34 -1.15 -20.67
C LEU C 311 -12.13 -0.40 -21.71
N LEU C 312 -12.08 -0.83 -22.97
CA LEU C 312 -12.82 -0.17 -24.03
C LEU C 312 -14.30 -0.20 -23.70
N VAL C 313 -14.78 -1.40 -23.37
CA VAL C 313 -16.18 -1.60 -23.04
C VAL C 313 -16.60 -0.76 -21.84
N VAL C 314 -15.77 -0.81 -20.79
CA VAL C 314 -16.09 -0.08 -19.56
C VAL C 314 -16.13 1.43 -19.81
N LEU C 315 -15.27 1.91 -20.72
CA LEU C 315 -15.21 3.32 -21.03
C LEU C 315 -16.46 3.73 -21.80
N ILE C 316 -16.90 2.84 -22.69
CA ILE C 316 -18.13 3.07 -23.45
C ILE C 316 -19.31 3.20 -22.49
N VAL C 317 -19.44 2.22 -21.59
CA VAL C 317 -20.54 2.22 -20.64
C VAL C 317 -20.54 3.46 -19.75
N LEU C 318 -19.36 3.86 -19.28
CA LEU C 318 -19.25 5.08 -18.47
C LEU C 318 -19.64 6.32 -19.25
N ALA C 319 -19.24 6.37 -20.52
CA ALA C 319 -19.61 7.49 -21.39
C ALA C 319 -21.14 7.59 -21.51
N ILE C 320 -21.78 6.46 -21.83
CA ILE C 320 -23.23 6.43 -22.00
C ILE C 320 -23.96 6.82 -20.71
N ALA C 321 -23.51 6.27 -19.59
CA ALA C 321 -24.09 6.61 -18.30
C ALA C 321 -23.96 8.08 -17.98
N SER C 322 -22.82 8.66 -18.31
CA SER C 322 -22.63 10.10 -18.11
C SER C 322 -23.58 10.91 -18.98
N VAL C 323 -23.74 10.50 -20.24
CA VAL C 323 -24.64 11.19 -21.15
C VAL C 323 -26.08 11.19 -20.65
N VAL C 324 -26.60 10.00 -20.33
CA VAL C 324 -27.98 9.91 -19.88
C VAL C 324 -28.16 10.64 -18.55
N THR C 325 -27.12 10.66 -17.72
CA THR C 325 -27.19 11.39 -16.47
C THR C 325 -27.35 12.88 -16.73
N ILE C 326 -26.51 13.40 -17.64
CA ILE C 326 -26.62 14.79 -18.08
C ILE C 326 -28.03 15.12 -18.56
N PHE C 327 -28.57 14.27 -19.42
CA PHE C 327 -29.93 14.46 -19.92
C PHE C 327 -30.96 14.52 -18.80
N GLN C 328 -30.84 13.60 -17.84
CA GLN C 328 -31.74 13.56 -16.68
C GLN C 328 -31.70 14.87 -15.91
N ARG C 329 -30.49 15.32 -15.60
CA ARG C 329 -30.30 16.54 -14.81
C ARG C 329 -30.86 17.75 -15.55
N VAL C 330 -30.53 17.89 -16.82
CA VAL C 330 -31.04 19.00 -17.62
C VAL C 330 -32.57 18.97 -17.67
N LEU C 331 -33.14 17.78 -17.78
CA LEU C 331 -34.58 17.65 -17.81
C LEU C 331 -35.23 18.08 -16.49
N THR C 332 -34.68 17.65 -15.36
CA THR C 332 -35.33 17.98 -14.09
C THR C 332 -35.13 19.46 -13.76
N VAL C 333 -33.99 20.04 -14.14
CA VAL C 333 -33.78 21.46 -13.88
C VAL C 333 -34.73 22.25 -14.78
N ARG C 334 -35.02 21.69 -15.96
CA ARG C 334 -35.97 22.33 -16.87
C ARG C 334 -37.37 22.35 -16.24
N GLU C 335 -37.78 21.20 -15.72
CA GLU C 335 -39.07 21.07 -15.06
C GLU C 335 -39.19 22.04 -13.87
N GLN C 336 -38.14 22.07 -13.06
CA GLN C 336 -38.07 22.96 -11.92
C GLN C 336 -38.17 24.41 -12.35
N ALA C 337 -37.39 24.79 -13.36
CA ALA C 337 -37.37 26.18 -13.82
C ALA C 337 -38.74 26.61 -14.35
N LYS C 338 -39.33 25.81 -15.24
CA LYS C 338 -40.63 26.15 -15.79
C LYS C 338 -41.74 26.17 -14.73
N ALA C 339 -41.61 25.35 -13.69
CA ALA C 339 -42.60 25.33 -12.63
C ALA C 339 -42.40 26.51 -11.67
N TRP C 340 -41.15 26.91 -11.52
CA TRP C 340 -40.74 28.00 -10.65
C TRP C 340 -41.16 29.34 -11.24
N THR C 341 -41.09 29.43 -12.56
CA THR C 341 -41.48 30.64 -13.28
C THR C 341 -43.00 30.83 -13.22
N ALA C 342 -43.72 29.73 -13.02
CA ALA C 342 -45.18 29.77 -12.92
C ALA C 342 -45.63 29.47 -11.49
N MET D 1 -55.07 44.90 -3.96
CA MET D 1 -55.01 44.95 -5.42
C MET D 1 -54.44 46.27 -5.91
N ARG D 2 -53.43 46.20 -6.78
CA ARG D 2 -52.80 47.43 -7.26
C ARG D 2 -53.29 47.63 -8.70
N LEU D 3 -53.71 48.84 -9.03
CA LEU D 3 -54.24 49.11 -10.37
C LEU D 3 -53.45 50.10 -11.22
N ALA D 4 -53.24 49.76 -12.49
CA ALA D 4 -52.54 50.68 -13.38
C ALA D 4 -53.39 50.86 -14.64
N TYR D 5 -53.91 52.06 -14.84
CA TYR D 5 -54.71 52.40 -16.02
C TYR D 5 -53.95 53.07 -17.16
N VAL D 6 -53.89 52.39 -18.29
CA VAL D 6 -53.24 52.94 -19.47
C VAL D 6 -54.30 53.25 -20.54
N LYS D 7 -54.22 54.44 -21.13
CA LYS D 7 -55.21 54.86 -22.10
C LYS D 7 -54.94 54.23 -23.47
N ASN D 8 -56.00 53.73 -24.10
CA ASN D 8 -55.88 53.08 -25.40
C ASN D 8 -55.48 54.05 -26.51
N HIS D 9 -54.63 53.59 -27.42
CA HIS D 9 -54.19 54.42 -28.53
C HIS D 9 -54.10 53.58 -29.81
N GLU D 10 -53.99 54.27 -30.94
CA GLU D 10 -54.02 53.57 -32.23
C GLU D 10 -52.71 52.82 -32.45
N ILE D 11 -51.64 53.31 -31.85
CA ILE D 11 -50.33 52.75 -32.12
C ILE D 11 -49.97 51.60 -31.18
N TYR D 12 -50.74 51.42 -30.11
CA TYR D 12 -50.39 50.38 -29.16
C TYR D 12 -50.55 49.01 -29.82
N GLY D 13 -51.37 48.99 -30.88
CA GLY D 13 -51.64 47.78 -31.63
C GLY D 13 -50.52 47.39 -32.57
N GLU D 14 -49.65 48.37 -32.85
CA GLU D 14 -48.51 48.15 -33.72
C GLU D 14 -47.48 47.20 -33.13
N LYS D 15 -46.93 46.35 -33.98
CA LYS D 15 -45.95 45.36 -33.56
C LYS D 15 -44.51 45.85 -33.69
N LEU D 16 -43.76 45.72 -32.60
CA LEU D 16 -42.36 46.14 -32.60
C LEU D 16 -41.46 45.02 -32.07
N LEU D 17 -40.58 44.53 -32.94
CA LEU D 17 -39.64 43.45 -32.60
C LEU D 17 -40.33 42.21 -32.06
N GLY D 18 -41.48 41.88 -32.63
CA GLY D 18 -42.16 40.63 -32.34
C GLY D 18 -43.34 40.73 -31.40
N LEU D 19 -43.36 41.74 -30.53
CA LEU D 19 -44.54 41.96 -29.71
C LEU D 19 -45.29 43.21 -30.17
N THR D 20 -46.49 43.43 -29.64
CA THR D 20 -47.17 44.70 -29.83
C THR D 20 -46.68 45.66 -28.74
N LEU D 21 -46.76 46.96 -29.00
CA LEU D 21 -46.44 47.94 -27.98
C LEU D 21 -47.33 47.83 -26.74
N ARG D 22 -48.60 47.52 -26.94
CA ARG D 22 -49.53 47.28 -25.84
C ARG D 22 -49.14 46.14 -24.90
N GLU D 23 -48.91 44.97 -25.45
CA GLU D 23 -48.49 43.82 -24.65
C GLU D 23 -47.17 44.13 -23.96
N ARG D 24 -46.29 44.87 -24.65
CA ARG D 24 -44.97 45.16 -24.12
C ARG D 24 -45.04 46.08 -22.90
N ILE D 25 -45.85 47.13 -22.99
CA ILE D 25 -45.99 48.05 -21.85
C ILE D 25 -46.75 47.35 -20.72
N GLU D 26 -47.71 46.50 -21.09
CA GLU D 26 -48.51 45.77 -20.11
C GLU D 26 -47.65 44.79 -19.31
N LYS D 27 -46.79 44.06 -20.01
CA LYS D 27 -45.91 43.08 -19.39
C LYS D 27 -44.85 43.80 -18.58
N THR D 28 -44.40 44.95 -19.07
CA THR D 28 -43.47 45.79 -18.33
C THR D 28 -44.06 46.15 -16.98
N LEU D 29 -45.31 46.63 -17.00
CA LEU D 29 -46.00 47.04 -15.78
C LEU D 29 -46.33 45.84 -14.89
N GLN D 30 -46.48 44.68 -15.52
CA GLN D 30 -46.75 43.42 -14.82
C GLN D 30 -45.52 42.98 -14.05
N ARG D 31 -44.34 43.21 -14.62
CA ARG D 31 -43.10 42.85 -13.97
C ARG D 31 -42.90 43.71 -12.72
N ALA D 32 -43.53 44.87 -12.70
CA ALA D 32 -43.48 45.75 -11.54
C ALA D 32 -44.56 45.41 -10.52
N GLY D 33 -45.34 44.38 -10.81
CA GLY D 33 -46.37 43.90 -9.90
C GLY D 33 -47.68 44.67 -9.97
N PHE D 34 -48.03 45.16 -11.15
CA PHE D 34 -49.28 45.90 -11.35
C PHE D 34 -50.23 45.19 -12.31
N ASP D 35 -51.52 45.22 -11.99
CA ASP D 35 -52.53 44.75 -12.91
C ASP D 35 -52.99 45.90 -13.82
N VAL D 36 -52.85 45.67 -15.13
CA VAL D 36 -53.03 46.72 -16.11
C VAL D 36 -54.45 46.74 -16.66
N ARG D 37 -55.09 47.91 -16.59
CA ARG D 37 -56.41 48.12 -17.14
C ARG D 37 -56.31 49.15 -18.26
N PHE D 38 -56.60 48.73 -19.49
CA PHE D 38 -56.66 49.66 -20.62
C PHE D 38 -58.02 50.32 -20.74
N PHE D 39 -58.03 51.65 -20.87
CA PHE D 39 -59.32 52.36 -20.88
C PHE D 39 -59.43 53.43 -21.97
N ASP D 40 -60.58 53.46 -22.64
CA ASP D 40 -60.97 54.59 -23.48
C ASP D 40 -61.58 55.67 -22.59
N GLU D 41 -62.34 55.22 -21.60
CA GLU D 41 -62.87 56.09 -20.56
C GLU D 41 -62.78 55.36 -19.22
N LEU D 42 -62.26 56.05 -18.21
CA LEU D 42 -61.89 55.40 -16.96
C LEU D 42 -63.11 55.01 -16.13
N SER D 43 -63.13 53.76 -15.68
CA SER D 43 -64.08 53.34 -14.65
C SER D 43 -63.26 52.87 -13.48
N LEU D 44 -63.33 53.60 -12.38
CA LEU D 44 -62.45 53.35 -11.25
C LEU D 44 -62.96 52.25 -10.33
N GLU D 45 -62.04 51.43 -9.83
CA GLU D 45 -62.37 50.37 -8.90
C GLU D 45 -61.69 50.67 -7.56
N GLU D 46 -62.24 50.16 -6.47
CA GLU D 46 -61.62 50.39 -5.17
C GLU D 46 -60.32 49.60 -5.06
N ALA D 47 -59.23 50.30 -4.75
CA ALA D 47 -57.92 49.69 -4.67
C ALA D 47 -56.97 50.59 -3.89
N GLU D 48 -55.69 50.26 -3.87
CA GLU D 48 -54.74 51.10 -3.16
C GLU D 48 -54.02 52.08 -4.07
N ASP D 49 -53.17 51.54 -4.94
CA ASP D 49 -52.41 52.34 -5.90
C ASP D 49 -53.05 52.46 -7.27
N TYR D 50 -52.96 53.65 -7.84
CA TYR D 50 -53.45 53.94 -9.19
C TYR D 50 -52.33 54.55 -10.04
N LEU D 51 -51.94 53.86 -11.10
CA LEU D 51 -50.89 54.37 -11.98
C LEU D 51 -51.49 54.71 -13.33
N ILE D 52 -51.58 56.01 -13.64
CA ILE D 52 -52.22 56.48 -14.86
C ILE D 52 -51.33 56.99 -15.98
N ILE D 53 -51.34 56.26 -17.10
CA ILE D 53 -50.62 56.65 -18.32
C ILE D 53 -51.59 57.10 -19.41
N LEU D 54 -51.40 58.28 -19.96
CA LEU D 54 -52.32 58.79 -20.98
C LEU D 54 -51.76 58.70 -22.40
N GLU D 55 -50.73 59.49 -22.67
CA GLU D 55 -50.07 59.48 -23.99
C GLU D 55 -49.41 58.13 -24.25
N PRO D 56 -49.43 57.67 -25.51
CA PRO D 56 -48.73 56.43 -25.84
C PRO D 56 -47.23 56.55 -25.59
N VAL D 57 -46.66 55.61 -24.84
CA VAL D 57 -45.27 55.72 -24.41
C VAL D 57 -44.59 54.35 -24.32
N LEU D 58 -43.34 54.30 -24.75
CA LEU D 58 -42.50 53.12 -24.58
C LEU D 58 -41.50 53.33 -23.45
N ILE D 59 -41.67 52.59 -22.35
CA ILE D 59 -40.79 52.71 -21.20
C ILE D 59 -39.56 51.84 -21.38
N LEU D 60 -38.38 52.46 -21.44
CA LEU D 60 -37.14 51.73 -21.68
C LEU D 60 -36.40 51.32 -20.41
N GLU D 61 -36.82 51.83 -19.26
CA GLU D 61 -36.14 51.52 -18.01
C GLU D 61 -36.44 50.10 -17.58
N ARG D 62 -35.41 49.36 -17.19
CA ARG D 62 -35.59 47.95 -16.87
C ARG D 62 -36.36 47.74 -15.57
N ASP D 63 -35.75 48.06 -14.43
CA ASP D 63 -36.49 47.93 -13.18
C ASP D 63 -37.10 49.25 -12.71
N LEU D 64 -38.43 49.31 -12.71
CA LEU D 64 -39.14 50.48 -12.22
C LEU D 64 -39.73 50.19 -10.84
N LEU D 65 -39.22 50.85 -9.80
CA LEU D 65 -39.75 50.58 -8.46
C LEU D 65 -40.59 51.75 -7.97
N LEU D 66 -41.88 51.52 -7.80
CA LEU D 66 -42.77 52.57 -7.34
C LEU D 66 -43.21 52.33 -5.91
N GLU D 67 -42.70 53.17 -5.01
CA GLU D 67 -43.01 53.11 -3.58
C GLU D 67 -43.52 54.47 -3.14
N GLY D 68 -44.79 54.55 -2.73
CA GLY D 68 -45.31 55.85 -2.33
C GLY D 68 -45.69 56.70 -3.52
N ARG D 69 -46.47 57.74 -3.26
CA ARG D 69 -46.93 58.66 -4.29
C ARG D 69 -45.77 59.43 -4.89
N LYS D 70 -45.89 59.75 -6.19
CA LYS D 70 -44.83 60.41 -6.97
C LYS D 70 -45.28 60.72 -8.40
N ILE D 71 -44.48 61.53 -9.11
CA ILE D 71 -44.72 61.83 -10.52
C ILE D 71 -43.71 61.20 -11.49
N LEU D 72 -44.18 60.49 -12.51
CA LEU D 72 -43.26 59.84 -13.44
C LEU D 72 -42.83 60.78 -14.57
N VAL D 73 -41.54 61.08 -14.66
CA VAL D 73 -41.04 62.00 -15.68
C VAL D 73 -39.83 61.46 -16.45
N SER D 74 -39.76 61.82 -17.72
CA SER D 74 -38.60 61.54 -18.57
C SER D 74 -38.18 62.78 -19.35
N ASP D 75 -36.99 63.28 -19.04
CA ASP D 75 -36.39 64.46 -19.69
C ASP D 75 -37.32 65.66 -19.77
N GLY D 76 -38.04 65.94 -18.70
CA GLY D 76 -38.91 67.11 -18.62
C GLY D 76 -40.35 66.78 -18.97
N PHE D 77 -40.51 65.70 -19.73
CA PHE D 77 -41.82 65.16 -20.10
C PHE D 77 -42.45 64.46 -18.89
N THR D 78 -43.75 64.61 -18.73
CA THR D 78 -44.49 63.83 -17.75
C THR D 78 -45.23 62.64 -18.38
N VAL D 79 -44.69 61.46 -18.12
CA VAL D 79 -45.15 60.23 -18.77
C VAL D 79 -46.38 59.63 -18.10
N GLY D 80 -46.50 59.81 -16.78
CA GLY D 80 -47.64 59.25 -16.06
C GLY D 80 -47.67 59.62 -14.61
N TYR D 81 -48.79 59.35 -13.95
CA TYR D 81 -48.94 59.66 -12.53
C TYR D 81 -49.07 58.45 -11.62
N PHE D 82 -48.54 58.54 -10.41
CA PHE D 82 -48.79 57.50 -9.40
C PHE D 82 -49.55 58.11 -8.22
N PHE D 83 -50.82 57.76 -8.10
CA PHE D 83 -51.68 58.27 -7.03
C PHE D 83 -52.07 57.17 -6.03
N GLY D 84 -52.31 57.54 -4.77
CA GLY D 84 -52.75 56.55 -3.80
C GLY D 84 -54.25 56.33 -3.84
N GLY D 85 -54.79 55.62 -2.84
CA GLY D 85 -56.21 55.31 -2.79
C GLY D 85 -57.16 56.48 -2.61
N ASP D 86 -56.64 57.56 -2.03
CA ASP D 86 -57.43 58.76 -1.76
C ASP D 86 -58.08 59.31 -3.03
N PHE D 87 -57.43 59.09 -4.16
CA PHE D 87 -57.93 59.58 -5.44
C PHE D 87 -59.29 59.00 -5.79
N ARG D 88 -59.68 57.90 -5.16
CA ARG D 88 -61.01 57.32 -5.39
C ARG D 88 -62.10 58.25 -4.88
N THR D 89 -61.74 59.04 -3.87
CA THR D 89 -62.65 59.99 -3.23
C THR D 89 -62.54 61.35 -3.92
N VAL D 90 -61.70 61.41 -4.95
CA VAL D 90 -61.46 62.64 -5.70
C VAL D 90 -62.15 62.65 -7.06
N PHE D 91 -61.82 61.67 -7.90
CA PHE D 91 -62.28 61.64 -9.29
C PHE D 91 -63.80 61.76 -9.38
N ASP D 92 -64.26 62.82 -10.02
CA ASP D 92 -65.69 63.06 -10.19
C ASP D 92 -66.23 62.75 -11.58
N GLY D 93 -65.38 62.22 -12.46
CA GLY D 93 -65.80 61.92 -13.81
C GLY D 93 -65.16 62.79 -14.88
N ASN D 94 -64.52 63.87 -14.45
CA ASN D 94 -63.71 64.70 -15.35
C ASN D 94 -62.22 64.44 -15.16
N LEU D 95 -61.51 64.29 -16.27
CA LEU D 95 -60.11 63.87 -16.23
C LEU D 95 -59.23 65.02 -15.73
N GLN D 96 -59.13 66.07 -16.54
CA GLN D 96 -58.27 67.20 -16.25
C GLN D 96 -58.57 67.85 -14.89
N SER D 97 -59.85 67.96 -14.58
CA SER D 97 -60.29 68.57 -13.33
C SER D 97 -59.82 67.76 -12.13
N SER D 98 -60.03 66.45 -12.17
CA SER D 98 -59.63 65.58 -11.07
C SER D 98 -58.12 65.56 -10.95
N ILE D 99 -57.44 65.67 -12.09
CA ILE D 99 -55.98 65.73 -12.08
C ILE D 99 -55.47 66.97 -11.37
N GLU D 100 -55.96 68.14 -11.79
CA GLU D 100 -55.48 69.39 -11.19
C GLU D 100 -55.91 69.50 -9.73
N LYS D 101 -57.05 68.90 -9.40
CA LYS D 101 -57.50 68.88 -8.01
C LYS D 101 -56.62 68.00 -7.13
N TYR D 102 -56.28 66.82 -7.62
CA TYR D 102 -55.43 65.92 -6.85
C TYR D 102 -54.01 66.48 -6.73
N LEU D 103 -53.60 67.24 -7.75
CA LEU D 103 -52.29 67.89 -7.73
C LEU D 103 -52.28 69.09 -6.80
N SER D 104 -53.43 69.74 -6.64
CA SER D 104 -53.56 70.87 -5.72
C SER D 104 -53.64 70.37 -4.28
N LEU D 105 -54.20 69.18 -4.12
CA LEU D 105 -54.38 68.54 -2.81
C LEU D 105 -53.06 67.95 -2.33
N ASN D 106 -52.35 67.31 -3.24
CA ASN D 106 -51.11 66.61 -2.91
C ASN D 106 -49.88 67.23 -3.56
N ASN D 107 -48.84 67.37 -2.74
CA ASN D 107 -47.52 67.83 -3.17
C ASN D 107 -46.63 66.64 -3.45
N LEU D 108 -46.33 66.43 -4.73
CA LEU D 108 -45.52 65.30 -5.15
C LEU D 108 -44.22 65.70 -5.82
N GLU D 109 -43.15 64.99 -5.51
CA GLU D 109 -41.86 65.30 -6.08
C GLU D 109 -41.81 64.70 -7.48
N SER D 110 -40.70 64.88 -8.19
CA SER D 110 -40.64 64.37 -9.55
C SER D 110 -39.60 63.26 -9.65
N TYR D 111 -40.02 62.10 -10.16
CA TYR D 111 -39.09 60.98 -10.27
C TYR D 111 -38.68 60.76 -11.71
N GLU D 112 -37.38 60.66 -11.95
CA GLU D 112 -36.87 60.55 -13.29
C GLU D 112 -36.85 59.11 -13.78
N ILE D 113 -37.46 58.83 -14.92
CA ILE D 113 -37.37 57.49 -15.48
C ILE D 113 -36.90 57.55 -16.92
N TRP D 114 -36.44 56.42 -17.42
CA TRP D 114 -35.96 56.32 -18.79
C TRP D 114 -37.11 55.86 -19.69
N ALA D 115 -37.59 56.75 -20.55
CA ALA D 115 -38.72 56.42 -21.42
C ALA D 115 -38.77 57.32 -22.65
N ILE D 116 -39.50 56.87 -23.66
CA ILE D 116 -39.66 57.64 -24.90
C ILE D 116 -41.13 57.70 -25.31
N LYS D 117 -41.60 58.89 -25.67
CA LYS D 117 -42.99 59.05 -26.10
C LYS D 117 -43.22 58.51 -27.51
N LEU D 118 -44.28 57.71 -27.62
CA LEU D 118 -44.65 57.08 -28.89
C LEU D 118 -45.36 57.96 -29.92
N SER D 119 -44.91 57.85 -31.17
CA SER D 119 -45.56 58.50 -32.30
C SER D 119 -45.46 57.50 -33.45
N ASN D 120 -46.34 57.59 -34.45
CA ASN D 120 -46.26 56.67 -35.58
C ASN D 120 -44.98 56.79 -36.40
N ASP D 121 -44.53 58.03 -36.59
CA ASP D 121 -43.32 58.35 -37.37
C ASP D 121 -41.97 57.94 -36.79
N ASN D 122 -41.80 58.10 -35.48
CA ASN D 122 -40.50 57.91 -34.82
C ASN D 122 -40.20 56.50 -34.33
N LEU D 123 -41.04 55.54 -34.72
CA LEU D 123 -40.90 54.15 -34.30
C LEU D 123 -39.48 53.59 -34.49
N LYS D 124 -38.86 53.83 -35.63
CA LYS D 124 -37.49 53.41 -35.87
C LYS D 124 -36.51 53.83 -34.76
N THR D 125 -36.53 55.12 -34.39
CA THR D 125 -35.69 55.63 -33.30
C THR D 125 -35.89 54.79 -32.03
N ALA D 126 -37.15 54.64 -31.64
CA ALA D 126 -37.55 53.85 -30.48
C ALA D 126 -36.94 52.46 -30.55
N GLU D 127 -37.09 51.81 -31.71
CA GLU D 127 -36.52 50.49 -31.96
C GLU D 127 -35.03 50.46 -31.67
N LYS D 128 -34.30 51.42 -32.25
CA LYS D 128 -32.87 51.56 -32.01
C LYS D 128 -32.53 51.65 -30.51
N LEU D 129 -33.19 52.56 -29.80
CA LEU D 129 -32.98 52.71 -28.37
C LEU D 129 -33.24 51.41 -27.60
N LEU D 130 -34.38 50.78 -27.88
CA LEU D 130 -34.78 49.54 -27.22
C LEU D 130 -33.72 48.47 -27.41
N LEU D 131 -33.24 48.35 -28.65
CA LEU D 131 -32.18 47.40 -28.97
C LEU D 131 -30.91 47.70 -28.18
N SER D 132 -30.55 48.98 -28.13
CA SER D 132 -29.30 49.41 -27.51
C SER D 132 -29.30 49.25 -25.99
N SER D 133 -30.46 49.32 -25.36
CA SER D 133 -30.51 49.20 -23.90
C SER D 133 -30.33 47.77 -23.43
N LEU D 134 -30.76 46.82 -24.25
CA LEU D 134 -30.72 45.40 -23.91
C LEU D 134 -29.35 44.74 -23.99
N ILE D 135 -28.47 45.28 -24.83
CA ILE D 135 -27.20 44.62 -25.12
C ILE D 135 -26.20 44.67 -23.96
N GLY D 136 -25.51 43.55 -23.76
CA GLY D 136 -24.40 43.48 -22.83
C GLY D 136 -23.19 42.82 -23.46
N ARG D 145 -18.84 52.49 -29.03
CA ARG D 145 -19.15 51.29 -28.27
C ARG D 145 -20.53 50.74 -28.63
N GLY D 146 -21.50 51.63 -28.76
CA GLY D 146 -22.86 51.29 -29.12
C GLY D 146 -23.04 50.69 -30.49
N LEU D 147 -22.23 51.16 -31.43
CA LEU D 147 -22.37 50.85 -32.85
C LEU D 147 -22.46 49.37 -33.20
N PHE D 148 -21.68 48.54 -32.50
CA PHE D 148 -21.68 47.10 -32.79
C PHE D 148 -23.09 46.54 -32.62
N ALA D 149 -23.80 47.00 -31.60
CA ALA D 149 -25.16 46.54 -31.33
C ALA D 149 -26.07 46.82 -32.52
N ALA D 150 -25.85 47.96 -33.16
CA ALA D 150 -26.65 48.34 -34.32
C ALA D 150 -26.53 47.30 -35.43
N ILE D 151 -25.36 46.68 -35.52
CA ILE D 151 -25.09 45.73 -36.59
C ILE D 151 -25.92 44.47 -36.39
N PHE D 152 -26.42 44.27 -35.18
CA PHE D 152 -27.24 43.09 -34.90
C PHE D 152 -28.73 43.40 -35.00
N LEU D 153 -29.08 44.65 -35.29
CA LEU D 153 -30.50 44.99 -35.42
C LEU D 153 -31.34 44.22 -36.46
N PRO D 154 -30.80 44.01 -37.68
CA PRO D 154 -31.57 43.22 -38.66
C PRO D 154 -31.85 41.75 -38.31
N ILE D 155 -30.89 41.10 -37.68
CA ILE D 155 -31.04 39.71 -37.25
C ILE D 155 -32.15 39.51 -36.25
N ALA D 156 -32.19 40.37 -35.23
CA ALA D 156 -33.24 40.29 -34.24
C ALA D 156 -34.57 40.44 -34.94
N ARG D 157 -34.64 41.33 -35.93
CA ARG D 157 -35.88 41.48 -36.66
C ARG D 157 -36.29 40.21 -37.42
N LEU D 158 -35.35 39.59 -38.12
CA LEU D 158 -35.66 38.39 -38.90
C LEU D 158 -36.17 37.23 -38.07
N LEU D 159 -35.49 36.96 -36.97
CA LEU D 159 -35.85 35.86 -36.10
C LEU D 159 -37.17 36.19 -35.45
N ALA D 160 -37.39 37.49 -35.23
CA ALA D 160 -38.63 37.92 -34.62
C ALA D 160 -39.75 37.61 -35.58
N ASP D 161 -39.55 37.87 -36.87
CA ASP D 161 -40.64 37.57 -37.78
C ASP D 161 -40.87 36.06 -37.86
N TRP D 162 -39.81 35.25 -37.77
CA TRP D 162 -40.05 33.81 -37.92
C TRP D 162 -40.59 33.03 -36.71
N GLY D 163 -40.65 33.65 -35.54
CA GLY D 163 -41.19 32.92 -34.41
C GLY D 163 -40.13 32.04 -33.75
N VAL D 164 -38.87 32.32 -34.04
CA VAL D 164 -37.75 31.58 -33.44
C VAL D 164 -37.46 31.91 -31.98
N SER D 165 -37.33 30.85 -31.17
CA SER D 165 -37.02 30.98 -29.75
C SER D 165 -35.52 31.12 -29.54
N PRO D 166 -35.13 31.81 -28.45
CA PRO D 166 -33.71 31.98 -28.09
C PRO D 166 -33.01 30.65 -27.81
N ASP D 167 -33.74 29.70 -27.25
CA ASP D 167 -33.21 28.37 -26.98
C ASP D 167 -32.74 27.71 -28.28
N ALA D 168 -33.55 27.86 -29.32
CA ALA D 168 -33.23 27.33 -30.64
C ALA D 168 -31.90 27.90 -31.13
N VAL D 169 -31.74 29.21 -30.93
CA VAL D 169 -30.51 29.90 -31.31
C VAL D 169 -29.29 29.36 -30.56
N THR D 170 -29.44 29.22 -29.24
CA THR D 170 -28.35 28.71 -28.41
C THR D 170 -27.92 27.32 -28.87
N VAL D 171 -28.90 26.45 -29.03
CA VAL D 171 -28.65 25.08 -29.47
C VAL D 171 -27.99 25.03 -30.84
N VAL D 172 -28.54 25.78 -31.80
CA VAL D 172 -27.95 25.82 -33.14
C VAL D 172 -26.50 26.30 -33.11
N GLY D 173 -26.24 27.35 -32.34
CA GLY D 173 -24.89 27.87 -32.21
C GLY D 173 -23.93 26.83 -31.67
N THR D 174 -24.37 26.14 -30.61
CA THR D 174 -23.52 25.12 -30.01
C THR D 174 -23.30 23.96 -30.95
N LEU D 175 -24.32 23.55 -31.69
CA LEU D 175 -24.15 22.48 -32.66
C LEU D 175 -23.16 22.90 -33.73
N GLY D 176 -23.17 24.18 -34.07
CA GLY D 176 -22.22 24.70 -35.03
C GLY D 176 -20.79 24.68 -34.56
N VAL D 177 -20.58 25.15 -33.33
CA VAL D 177 -19.27 25.10 -32.71
C VAL D 177 -18.76 23.68 -32.59
N MET D 178 -19.65 22.79 -32.14
CA MET D 178 -19.32 21.38 -31.97
C MET D 178 -18.97 20.77 -33.32
N ALA D 179 -19.68 21.21 -34.36
CA ALA D 179 -19.44 20.71 -35.71
C ALA D 179 -18.07 21.14 -36.21
N GLY D 180 -17.66 22.36 -35.86
CA GLY D 180 -16.35 22.84 -36.26
C GLY D 180 -15.22 22.18 -35.51
N ALA D 181 -15.42 22.02 -34.20
CA ALA D 181 -14.40 21.52 -33.29
C ALA D 181 -14.21 20.00 -33.36
N LEU D 182 -15.31 19.26 -33.35
CA LEU D 182 -15.28 17.81 -33.24
C LEU D 182 -15.28 17.08 -34.58
N ILE D 183 -15.49 17.81 -35.67
CA ILE D 183 -15.47 17.19 -36.99
C ILE D 183 -14.28 17.69 -37.80
N PHE D 184 -14.26 18.98 -38.08
CA PHE D 184 -13.23 19.55 -38.94
C PHE D 184 -11.83 19.45 -38.32
N TYR D 185 -11.71 19.78 -37.04
CA TYR D 185 -10.42 19.69 -36.36
C TYR D 185 -9.81 18.27 -36.34
N PRO D 186 -10.58 17.24 -35.91
CA PRO D 186 -9.97 15.91 -35.94
C PRO D 186 -9.62 15.44 -37.34
N MET D 187 -10.34 15.95 -38.33
CA MET D 187 -10.05 15.69 -39.74
C MET D 187 -8.73 16.34 -40.16
N GLY D 188 -8.34 17.38 -39.44
CA GLY D 188 -7.14 18.12 -39.77
C GLY D 188 -7.41 19.44 -40.47
N GLN D 189 -8.68 19.84 -40.50
CA GLN D 189 -9.04 21.13 -41.07
C GLN D 189 -9.20 22.15 -39.95
N LEU D 190 -8.13 22.90 -39.70
CA LEU D 190 -8.13 23.86 -38.59
C LEU D 190 -8.78 25.18 -38.99
N PHE D 191 -8.52 25.63 -40.20
CA PHE D 191 -9.07 26.88 -40.69
C PHE D 191 -10.59 26.88 -40.79
N TRP D 192 -11.14 25.96 -41.58
CA TRP D 192 -12.58 25.94 -41.80
C TRP D 192 -13.31 25.64 -40.50
N GLY D 193 -12.71 24.80 -39.67
CA GLY D 193 -13.25 24.51 -38.36
C GLY D 193 -13.33 25.77 -37.54
N THR D 194 -12.26 26.56 -37.62
CA THR D 194 -12.22 27.82 -36.90
C THR D 194 -13.25 28.82 -37.39
N VAL D 195 -13.49 28.89 -38.71
CA VAL D 195 -14.46 29.88 -39.18
C VAL D 195 -15.88 29.42 -38.84
N VAL D 196 -16.09 28.11 -38.79
CA VAL D 196 -17.40 27.59 -38.40
C VAL D 196 -17.69 27.93 -36.95
N ILE D 197 -16.72 27.58 -36.09
CA ILE D 197 -16.82 27.91 -34.67
C ILE D 197 -17.00 29.40 -34.44
N THR D 198 -16.19 30.23 -35.08
CA THR D 198 -16.27 31.68 -34.90
C THR D 198 -17.65 32.20 -35.32
N VAL D 199 -18.18 31.69 -36.43
CA VAL D 199 -19.51 32.09 -36.88
C VAL D 199 -20.60 31.73 -35.86
N PHE D 200 -20.57 30.50 -35.36
CA PHE D 200 -21.62 30.01 -34.46
C PHE D 200 -21.43 30.39 -32.99
N VAL D 201 -20.30 31.02 -32.69
CA VAL D 201 -19.99 31.51 -31.35
C VAL D 201 -20.82 32.73 -30.89
N PHE D 202 -21.14 33.64 -31.82
CA PHE D 202 -21.90 34.84 -31.48
C PHE D 202 -23.36 34.56 -31.09
N SER D 203 -23.78 33.32 -31.26
CA SER D 203 -25.10 32.94 -30.82
C SER D 203 -25.35 33.16 -29.32
N ASP D 204 -24.31 33.20 -28.49
CA ASP D 204 -24.55 33.49 -27.08
C ASP D 204 -25.12 34.90 -26.85
N ILE D 205 -24.52 35.87 -27.54
CA ILE D 205 -24.95 37.27 -27.43
C ILE D 205 -26.30 37.44 -28.09
N ILE D 206 -26.50 36.64 -29.14
CA ILE D 206 -27.79 36.63 -29.82
C ILE D 206 -28.90 36.11 -28.93
N ASP D 207 -28.72 34.94 -28.32
CA ASP D 207 -29.78 34.39 -27.49
C ASP D 207 -30.03 35.24 -26.25
N GLY D 208 -28.99 35.94 -25.77
CA GLY D 208 -29.20 36.80 -24.63
C GLY D 208 -30.07 38.00 -24.97
N LEU D 209 -29.72 38.60 -26.10
CA LEU D 209 -30.49 39.71 -26.66
C LEU D 209 -31.94 39.33 -26.95
N MET D 210 -32.13 38.16 -27.55
CA MET D 210 -33.46 37.72 -27.94
C MET D 210 -34.31 37.36 -26.72
N ALA D 211 -33.69 36.72 -25.74
CA ALA D 211 -34.41 36.32 -24.54
C ALA D 211 -34.87 37.54 -23.77
N ARG D 212 -34.05 38.60 -23.84
CA ARG D 212 -34.37 39.86 -23.19
C ARG D 212 -35.47 40.60 -23.96
N LEU D 213 -35.44 40.47 -25.28
CA LEU D 213 -36.39 41.16 -26.16
C LEU D 213 -37.81 40.57 -26.13
N LEU D 214 -37.95 39.24 -26.11
CA LEU D 214 -39.29 38.63 -26.15
C LEU D 214 -39.77 38.41 -24.71
N PHE D 215 -38.93 38.91 -23.81
CA PHE D 215 -39.09 39.08 -22.37
C PHE D 215 -39.00 37.81 -21.53
N ARG D 216 -38.74 36.66 -22.13
CA ARG D 216 -38.62 35.47 -21.32
C ARG D 216 -37.17 35.31 -20.87
N GLU D 217 -36.75 35.80 -19.71
CA GLU D 217 -35.37 35.47 -19.40
C GLU D 217 -35.30 34.48 -18.27
N GLY D 218 -35.62 33.22 -18.55
CA GLY D 218 -35.83 32.30 -17.44
C GLY D 218 -34.60 32.00 -16.61
N PRO D 219 -34.78 31.33 -15.46
CA PRO D 219 -33.68 30.91 -14.58
C PRO D 219 -32.82 30.00 -15.46
N TRP D 220 -33.63 29.36 -16.29
CA TRP D 220 -33.34 28.39 -17.32
C TRP D 220 -32.49 28.98 -18.43
N GLY D 221 -32.83 30.18 -18.88
CA GLY D 221 -32.05 30.79 -19.92
C GLY D 221 -30.59 30.92 -19.50
N ALA D 222 -30.37 31.46 -18.31
CA ALA D 222 -29.03 31.60 -17.74
C ALA D 222 -28.36 30.24 -17.65
N PHE D 223 -29.08 29.27 -17.10
CA PHE D 223 -28.52 27.92 -16.99
C PHE D 223 -28.04 27.39 -18.33
N LEU D 224 -28.92 27.43 -19.32
CA LEU D 224 -28.64 26.88 -20.64
C LEU D 224 -27.46 27.57 -21.29
N ASP D 225 -27.44 28.91 -21.25
CA ASP D 225 -26.29 29.65 -21.74
C ASP D 225 -24.97 29.19 -21.11
N SER D 226 -24.92 29.18 -19.76
CA SER D 226 -23.72 28.72 -19.08
C SER D 226 -23.29 27.31 -19.49
N TYR D 227 -24.23 26.38 -19.45
CA TYR D 227 -23.91 24.99 -19.74
C TYR D 227 -23.40 24.81 -21.16
N LEU D 228 -24.17 25.29 -22.13
CA LEU D 228 -23.80 25.13 -23.52
C LEU D 228 -22.53 25.90 -23.89
N ASP D 229 -22.24 26.96 -23.14
CA ASP D 229 -21.00 27.72 -23.35
C ASP D 229 -19.82 26.87 -22.94
N ARG D 230 -19.98 26.23 -21.77
CA ARG D 230 -18.99 25.26 -21.26
C ARG D 230 -18.76 24.12 -22.25
N VAL D 231 -19.85 23.55 -22.73
CA VAL D 231 -19.82 22.48 -23.72
C VAL D 231 -19.02 22.94 -24.94
N GLY D 232 -19.29 24.16 -25.39
CA GLY D 232 -18.58 24.71 -26.54
C GLY D 232 -17.07 24.78 -26.33
N ASP D 233 -16.65 25.39 -25.24
CA ASP D 233 -15.20 25.54 -25.00
C ASP D 233 -14.51 24.18 -24.86
N SER D 234 -15.15 23.29 -24.10
CA SER D 234 -14.65 21.94 -23.91
C SER D 234 -14.51 21.23 -25.25
N SER D 235 -15.49 21.43 -26.13
CA SER D 235 -15.46 20.81 -27.44
C SER D 235 -14.28 21.34 -28.26
N VAL D 236 -14.05 22.64 -28.17
CA VAL D 236 -12.93 23.27 -28.88
C VAL D 236 -11.58 22.66 -28.49
N PHE D 237 -11.31 22.65 -27.18
CA PHE D 237 -10.06 22.04 -26.71
C PHE D 237 -10.00 20.56 -27.05
N THR D 238 -11.13 19.87 -26.95
CA THR D 238 -11.19 18.45 -27.25
C THR D 238 -10.71 18.18 -28.68
N GLY D 239 -11.27 18.93 -29.61
CA GLY D 239 -10.86 18.86 -30.99
C GLY D 239 -9.38 19.12 -31.21
N ILE D 240 -8.87 20.19 -30.59
CA ILE D 240 -7.44 20.48 -30.74
C ILE D 240 -6.58 19.31 -30.26
N VAL D 241 -6.88 18.84 -29.05
CA VAL D 241 -6.19 17.71 -28.45
C VAL D 241 -6.16 16.47 -29.34
N ILE D 242 -7.35 16.07 -29.79
CA ILE D 242 -7.47 14.92 -30.67
C ILE D 242 -6.61 15.10 -31.91
N TRP D 243 -6.78 16.23 -32.60
CA TRP D 243 -6.08 16.43 -33.86
C TRP D 243 -4.55 16.38 -33.69
N PHE D 244 -4.06 17.08 -32.67
CA PHE D 244 -2.61 17.19 -32.48
C PHE D 244 -1.96 15.96 -31.86
N PHE D 245 -2.76 15.08 -31.25
CA PHE D 245 -2.18 13.85 -30.74
C PHE D 245 -1.93 12.81 -31.84
N LEU D 246 -2.68 12.89 -32.94
CA LEU D 246 -2.54 11.92 -34.02
C LEU D 246 -1.92 12.53 -35.29
N GLY D 247 -2.74 13.18 -36.11
CA GLY D 247 -2.32 13.64 -37.42
C GLY D 247 -1.53 14.93 -37.39
N GLY D 248 -1.80 15.79 -36.41
CA GLY D 248 -1.08 17.04 -36.27
C GLY D 248 0.37 16.77 -35.92
N ALA D 249 0.61 15.58 -35.37
CA ALA D 249 1.94 15.10 -35.02
C ALA D 249 2.71 16.06 -34.12
N ASN D 250 2.03 16.60 -33.12
CA ASN D 250 2.68 17.49 -32.16
C ASN D 250 2.14 17.20 -30.76
N PRO D 251 2.72 16.20 -30.09
CA PRO D 251 2.31 15.71 -28.78
C PRO D 251 2.36 16.78 -27.69
N THR D 252 3.34 17.68 -27.74
CA THR D 252 3.49 18.69 -26.70
C THR D 252 2.38 19.74 -26.76
N ILE D 253 1.96 20.07 -27.97
CA ILE D 253 0.81 20.95 -28.17
C ILE D 253 -0.45 20.26 -27.67
N ALA D 254 -0.58 18.97 -27.97
CA ALA D 254 -1.73 18.21 -27.53
C ALA D 254 -1.82 18.14 -26.01
N ILE D 255 -0.67 17.96 -25.38
CA ILE D 255 -0.60 17.93 -23.92
C ILE D 255 -1.00 19.27 -23.32
N LEU D 256 -0.44 20.34 -23.86
CA LEU D 256 -0.79 21.68 -23.40
C LEU D 256 -2.28 22.01 -23.58
N ALA D 257 -2.83 21.56 -24.70
CA ALA D 257 -4.24 21.76 -24.97
C ALA D 257 -5.10 20.99 -23.98
N LEU D 258 -4.70 19.75 -23.68
CA LEU D 258 -5.43 18.94 -22.73
C LEU D 258 -5.41 19.58 -21.33
N ILE D 259 -4.22 20.04 -20.93
CA ILE D 259 -4.07 20.76 -19.68
C ILE D 259 -4.97 21.98 -19.63
N CYS D 260 -5.04 22.73 -20.74
CA CYS D 260 -5.90 23.90 -20.80
C CYS D 260 -7.38 23.51 -20.71
N LEU D 261 -7.72 22.37 -21.29
CA LEU D 261 -9.08 21.85 -21.23
C LEU D 261 -9.48 21.62 -19.78
N VAL D 262 -8.64 20.88 -19.07
CA VAL D 262 -8.90 20.58 -17.67
C VAL D 262 -8.96 21.85 -16.83
N LEU D 263 -7.97 22.73 -16.98
CA LEU D 263 -7.95 23.96 -16.21
C LEU D 263 -9.17 24.83 -16.49
N SER D 264 -9.65 24.79 -17.74
CA SER D 264 -10.83 25.54 -18.13
C SER D 264 -12.06 25.01 -17.42
N SER D 265 -12.21 23.70 -17.46
CA SER D 265 -13.29 23.03 -16.76
C SER D 265 -13.28 23.38 -15.28
N LEU D 266 -12.08 23.41 -14.70
CA LEU D 266 -11.94 23.68 -13.28
C LEU D 266 -12.25 25.15 -12.96
N VAL D 267 -11.87 26.05 -13.87
CA VAL D 267 -12.10 27.49 -13.67
C VAL D 267 -13.60 27.80 -13.73
N SER D 268 -14.32 27.12 -14.63
CA SER D 268 -15.77 27.30 -14.73
C SER D 268 -16.45 26.68 -13.52
N TYR D 269 -15.99 25.50 -13.16
CA TYR D 269 -16.59 24.75 -12.06
C TYR D 269 -16.39 25.53 -10.76
N SER D 270 -15.26 26.22 -10.66
CA SER D 270 -14.99 27.04 -9.48
C SER D 270 -16.09 28.05 -9.24
N LYS D 271 -16.39 28.85 -10.27
CA LYS D 271 -17.44 29.84 -10.15
C LYS D 271 -18.79 29.21 -9.89
N ALA D 272 -19.14 28.18 -10.66
CA ALA D 272 -20.42 27.51 -10.47
C ALA D 272 -20.63 26.93 -9.06
N ARG D 273 -19.65 26.17 -8.60
CA ARG D 273 -19.72 25.53 -7.29
C ARG D 273 -19.74 26.56 -6.18
N ALA D 274 -18.95 27.63 -6.35
CA ALA D 274 -18.95 28.75 -5.40
C ALA D 274 -20.32 29.39 -5.29
N GLU D 275 -20.92 29.67 -6.44
CA GLU D 275 -22.25 30.28 -6.47
C GLU D 275 -23.28 29.34 -5.83
N GLY D 276 -23.06 28.04 -5.99
CA GLY D 276 -23.89 27.04 -5.35
C GLY D 276 -23.89 27.07 -3.84
N LEU D 277 -22.76 27.44 -3.26
CA LEU D 277 -22.63 27.52 -1.81
C LEU D 277 -23.11 28.84 -1.27
N GLY D 278 -23.53 29.71 -2.18
CA GLY D 278 -24.03 31.02 -1.82
C GLY D 278 -22.96 32.09 -1.75
N LEU D 279 -21.70 31.73 -1.96
CA LEU D 279 -20.69 32.78 -1.95
C LEU D 279 -20.50 33.24 -3.40
N THR D 280 -19.60 34.19 -3.63
CA THR D 280 -19.37 34.66 -5.00
C THR D 280 -17.92 34.87 -5.43
N ALA D 281 -17.61 34.64 -6.70
CA ALA D 281 -16.24 34.88 -7.18
C ALA D 281 -16.27 35.30 -8.64
N ASN D 282 -16.30 36.61 -8.89
CA ASN D 282 -16.23 37.14 -10.26
C ASN D 282 -14.81 37.45 -10.74
N VAL D 283 -13.86 37.43 -9.81
CA VAL D 283 -12.47 37.80 -10.09
C VAL D 283 -11.49 36.85 -10.77
N GLY D 284 -10.98 37.29 -11.91
CA GLY D 284 -9.96 36.56 -12.67
C GLY D 284 -9.46 37.38 -13.85
N ILE D 285 -8.20 37.19 -14.20
CA ILE D 285 -7.60 37.92 -15.33
C ILE D 285 -8.16 37.45 -16.67
N ALA D 286 -8.51 36.16 -16.71
CA ALA D 286 -8.97 35.48 -17.91
C ALA D 286 -10.49 35.46 -18.08
N GLU D 287 -10.95 35.97 -19.21
CA GLU D 287 -12.36 35.96 -19.52
C GLU D 287 -12.62 35.06 -20.72
N ARG D 288 -13.82 34.49 -20.77
CA ARG D 288 -14.19 33.48 -21.76
C ARG D 288 -14.02 33.92 -23.21
N SER D 289 -14.51 35.12 -23.52
CA SER D 289 -14.41 35.63 -24.88
C SER D 289 -12.98 35.90 -25.31
N GLU D 290 -12.14 36.39 -24.40
CA GLU D 290 -10.76 36.70 -24.78
C GLU D 290 -9.98 35.42 -25.09
N ARG D 291 -10.11 34.45 -24.19
CA ARG D 291 -9.57 33.10 -24.39
C ARG D 291 -10.03 32.49 -25.72
N LEU D 292 -11.34 32.55 -25.94
CA LEU D 292 -11.91 32.08 -27.20
C LEU D 292 -11.24 32.76 -28.39
N VAL D 293 -11.07 34.08 -28.29
CA VAL D 293 -10.53 34.84 -29.40
C VAL D 293 -9.10 34.41 -29.72
N VAL D 294 -8.24 34.41 -28.72
CA VAL D 294 -6.84 34.06 -28.95
C VAL D 294 -6.69 32.62 -29.45
N VAL D 295 -7.46 31.71 -28.87
CA VAL D 295 -7.41 30.32 -29.32
C VAL D 295 -7.83 30.19 -30.78
N LEU D 296 -8.96 30.82 -31.13
CA LEU D 296 -9.45 30.74 -32.50
C LEU D 296 -8.51 31.38 -33.52
N VAL D 297 -7.97 32.55 -33.19
CA VAL D 297 -7.05 33.23 -34.10
C VAL D 297 -5.79 32.39 -34.32
N ALA D 298 -5.22 31.89 -33.23
CA ALA D 298 -4.01 31.08 -33.32
C ALA D 298 -4.26 29.81 -34.13
N THR D 299 -5.35 29.11 -33.81
CA THR D 299 -5.67 27.87 -34.49
C THR D 299 -5.92 28.10 -35.98
N GLY D 300 -6.62 29.18 -36.29
CA GLY D 300 -6.88 29.52 -37.68
C GLY D 300 -5.61 29.81 -38.45
N LEU D 301 -4.73 30.60 -37.84
CA LEU D 301 -3.44 30.91 -38.43
C LEU D 301 -2.65 29.64 -38.73
N VAL D 302 -2.57 28.75 -37.74
CA VAL D 302 -1.88 27.48 -37.94
C VAL D 302 -2.55 26.68 -39.06
N GLY D 303 -3.87 26.79 -39.13
CA GLY D 303 -4.63 26.16 -40.20
C GLY D 303 -4.35 26.73 -41.57
N LEU D 304 -3.80 27.94 -41.61
CA LEU D 304 -3.41 28.56 -42.87
C LEU D 304 -1.95 28.29 -43.19
N GLY D 305 -1.29 27.52 -42.34
CA GLY D 305 0.09 27.12 -42.58
C GLY D 305 1.12 27.83 -41.73
N ILE D 306 0.69 28.69 -40.82
CA ILE D 306 1.62 29.33 -39.91
C ILE D 306 2.16 28.22 -39.00
N PRO D 307 3.47 28.25 -38.68
CA PRO D 307 4.07 27.26 -37.78
C PRO D 307 3.32 27.07 -36.45
N SER D 308 3.11 25.80 -36.08
CA SER D 308 2.23 25.48 -34.96
C SER D 308 2.76 25.86 -33.58
N TRP D 309 4.05 26.17 -33.50
CA TRP D 309 4.67 26.50 -32.22
C TRP D 309 4.15 27.77 -31.60
N VAL D 310 3.60 28.64 -32.43
CA VAL D 310 2.97 29.86 -31.96
C VAL D 310 1.83 29.49 -31.05
N LEU D 311 1.05 28.52 -31.50
CA LEU D 311 -0.06 28.00 -30.70
C LEU D 311 0.47 27.38 -29.43
N LEU D 312 1.60 26.70 -29.53
CA LEU D 312 2.15 26.07 -28.35
C LEU D 312 2.39 27.16 -27.32
N VAL D 313 3.04 28.22 -27.76
CA VAL D 313 3.32 29.31 -26.85
C VAL D 313 2.04 29.90 -26.26
N VAL D 314 1.06 30.17 -27.12
CA VAL D 314 -0.17 30.79 -26.62
C VAL D 314 -0.86 29.87 -25.63
N LEU D 315 -0.76 28.56 -25.84
CA LEU D 315 -1.45 27.64 -24.95
C LEU D 315 -0.78 27.66 -23.61
N ILE D 316 0.55 27.76 -23.62
CA ILE D 316 1.27 27.84 -22.37
C ILE D 316 0.76 29.07 -21.65
N VAL D 317 0.73 30.20 -22.35
CA VAL D 317 0.27 31.43 -21.73
C VAL D 317 -1.15 31.29 -21.23
N LEU D 318 -2.00 30.68 -22.04
CA LEU D 318 -3.39 30.48 -21.62
C LEU D 318 -3.47 29.60 -20.39
N ALA D 319 -2.65 28.56 -20.36
CA ALA D 319 -2.60 27.68 -19.20
C ALA D 319 -2.27 28.51 -17.98
N ILE D 320 -1.21 29.30 -18.09
CA ILE D 320 -0.79 30.12 -16.96
C ILE D 320 -1.89 31.07 -16.56
N ALA D 321 -2.52 31.70 -17.55
CA ALA D 321 -3.62 32.61 -17.25
C ALA D 321 -4.74 31.90 -16.53
N SER D 322 -5.04 30.68 -16.94
CA SER D 322 -6.05 29.91 -16.23
C SER D 322 -5.66 29.56 -14.79
N VAL D 323 -4.39 29.18 -14.59
CA VAL D 323 -3.94 28.81 -13.25
C VAL D 323 -4.05 29.89 -12.21
N VAL D 324 -3.53 31.07 -12.51
CA VAL D 324 -3.58 32.14 -11.53
C VAL D 324 -5.04 32.52 -11.28
N THR D 325 -5.88 32.37 -12.30
CA THR D 325 -7.29 32.69 -12.09
C THR D 325 -7.87 31.74 -11.06
N ILE D 326 -7.58 30.46 -11.23
CA ILE D 326 -8.00 29.46 -10.24
C ILE D 326 -7.52 29.86 -8.85
N PHE D 327 -6.24 30.21 -8.76
CA PHE D 327 -5.67 30.62 -7.49
C PHE D 327 -6.45 31.77 -6.88
N GLN D 328 -6.76 32.76 -7.71
CA GLN D 328 -7.53 33.90 -7.26
C GLN D 328 -8.89 33.48 -6.69
N ARG D 329 -9.61 32.68 -7.47
CA ARG D 329 -10.96 32.26 -7.12
C ARG D 329 -10.99 31.45 -5.84
N VAL D 330 -10.09 30.49 -5.74
CA VAL D 330 -10.00 29.66 -4.55
C VAL D 330 -9.68 30.51 -3.31
N LEU D 331 -8.82 31.52 -3.47
CA LEU D 331 -8.49 32.38 -2.33
C LEU D 331 -9.61 33.23 -1.73
N THR D 332 -10.39 33.89 -2.57
CA THR D 332 -11.41 34.81 -2.06
C THR D 332 -12.58 34.09 -1.39
N VAL D 333 -12.92 32.91 -1.89
CA VAL D 333 -14.00 32.13 -1.31
C VAL D 333 -13.55 31.70 0.08
N ARG D 334 -12.23 31.52 0.25
CA ARG D 334 -11.71 31.18 1.55
C ARG D 334 -11.94 32.34 2.52
N GLU D 335 -11.63 33.56 2.08
CA GLU D 335 -11.81 34.75 2.91
C GLU D 335 -13.27 34.92 3.35
N GLN D 336 -14.16 34.76 2.40
CA GLN D 336 -15.60 34.85 2.63
C GLN D 336 -15.95 33.79 3.67
N ALA D 337 -15.42 32.59 3.48
CA ALA D 337 -15.71 31.48 4.39
C ALA D 337 -15.20 31.90 5.76
N LYS D 338 -13.96 32.38 5.83
CA LYS D 338 -13.37 32.80 7.08
C LYS D 338 -14.15 33.97 7.67
N ALA D 339 -14.76 34.75 6.78
CA ALA D 339 -15.59 35.89 7.17
C ALA D 339 -16.95 35.44 7.68
N TRP D 340 -17.43 34.31 7.17
CA TRP D 340 -18.74 33.80 7.56
C TRP D 340 -18.77 33.21 8.97
N THR D 341 -17.69 32.57 9.40
CA THR D 341 -17.64 32.01 10.75
C THR D 341 -17.56 33.13 11.80
N ALA D 342 -17.07 34.30 11.39
CA ALA D 342 -16.97 35.43 12.29
C ALA D 342 -17.97 36.52 11.91
C11 8K6 E . 0.11 -30.56 30.42
C12 8K6 E . 0.41 -30.17 28.97
C13 8K6 E . 0.85 -31.40 28.19
C14 8K6 E . 2.25 -31.17 27.63
C15 8K6 E . 2.63 -32.32 26.69
C16 8K6 E . 4.04 -32.10 26.16
C17 8K6 E . 4.35 -33.15 25.08
C11 8K6 F . -2.63 -24.04 34.39
C12 8K6 F . -3.07 -24.54 33.01
C13 8K6 F . -1.85 -25.03 32.23
C14 8K6 F . -2.28 -25.37 30.80
C15 8K6 F . -1.12 -26.07 30.08
C16 8K6 F . -1.01 -25.53 28.66
C17 8K6 F . 0.24 -26.10 28.00
C11 8K6 G . 1.50 -5.93 30.61
C12 8K6 G . 2.77 -5.35 31.25
C13 8K6 G . 3.94 -5.54 30.30
C14 8K6 G . 5.18 -4.87 30.88
C15 8K6 G . 6.20 -4.59 29.78
C16 8K6 G . 6.73 -5.91 29.21
C17 8K6 G . 8.01 -5.65 28.43
C11 8K6 H . 15.39 -52.93 19.17
C12 8K6 H . 16.49 -52.80 18.13
C13 8K6 H . 17.63 -51.95 18.68
C14 8K6 H . 17.17 -50.50 18.77
C15 8K6 H . 17.87 -49.80 19.93
C16 8K6 H . 17.21 -50.21 21.24
C17 8K6 H . 17.81 -49.38 22.38
C11 8K6 I . 19.50 -37.88 40.77
C12 8K6 I . 18.03 -37.56 41.08
C13 8K6 I . 17.95 -36.52 42.19
C14 8K6 I . 16.48 -36.21 42.49
C15 8K6 I . 16.32 -35.76 43.94
C16 8K6 I . 16.68 -34.28 44.06
C17 8K6 I . 16.25 -33.77 45.44
C11 8K6 J . 22.25 -38.81 35.09
C12 8K6 J . 21.82 -39.83 34.04
C13 8K6 J . 20.42 -39.48 33.53
C14 8K6 J . 20.03 -40.47 32.43
C15 8K6 J . 18.60 -40.17 31.97
C16 8K6 J . 18.15 -41.25 30.98
C17 8K6 J . 19.05 -41.21 29.74
C11 8K6 K . 16.63 -44.84 30.17
C12 8K6 K . 17.31 -44.27 28.92
C13 8K6 K . 17.57 -45.41 27.93
C14 8K6 K . 16.25 -46.11 27.60
C15 8K6 K . 16.46 -47.07 26.44
C16 8K6 K . 15.13 -47.77 26.12
C17 8K6 K . 15.31 -48.71 24.94
C11 8K6 L . 6.87 -34.48 41.80
C12 8K6 L . 7.46 -35.53 40.85
C13 8K6 L . 8.99 -35.37 40.81
C14 8K6 L . 9.60 -36.47 39.94
C15 8K6 L . 11.13 -36.36 40.01
C16 8K6 L . 11.77 -37.47 39.18
C17 8K6 L . 13.28 -37.34 39.23
C11 8K6 M . 41.09 -23.82 38.52
C12 8K6 M . 39.61 -23.42 38.43
C13 8K6 M . 38.92 -23.64 39.77
C14 8K6 M . 37.41 -23.73 39.58
C15 8K6 M . 36.78 -24.58 40.68
C16 8K6 M . 35.38 -25.02 40.26
C17 8K6 M . 34.48 -25.08 41.50
C11 8K6 N . 32.86 -23.25 37.01
C12 8K6 N . 31.51 -22.89 37.62
C13 8K6 N . 31.44 -23.41 39.06
C14 8K6 N . 30.05 -23.11 39.63
C15 8K6 N . 29.97 -23.63 41.07
C16 8K6 N . 28.59 -23.34 41.64
C17 8K6 N . 28.51 -23.86 43.08
C11 8K6 O . 7.04 -35.80 20.35
C12 8K6 O . 8.50 -36.24 20.41
C13 8K6 O . 8.83 -37.10 19.20
C14 8K6 O . 10.29 -37.54 19.28
C15 8K6 O . 10.62 -38.44 18.08
C16 8K6 O . 12.12 -38.74 18.08
C17 8K6 O . 12.50 -39.45 16.78
C11 8K6 P . 36.06 -42.29 42.58
C12 8K6 P . 34.63 -42.16 43.10
C13 8K6 P . 34.10 -40.76 42.78
C14 8K6 P . 32.80 -40.51 43.55
C15 8K6 P . 32.37 -39.06 43.34
C16 8K6 P . 31.15 -38.75 44.21
C17 8K6 P . 30.74 -37.30 44.00
MG MG Q . 24.57 -32.16 22.52
MG MG R . 25.61 -35.48 23.16
OAA 58A S . 26.00 -40.17 17.64
CAB 58A S . 25.27 -39.61 18.39
NAC 58A S . 24.04 -40.07 18.53
CAD 58A S . 23.19 -39.47 19.35
NAE 58A S . 21.84 -39.97 19.52
CAF 58A S . 23.62 -38.34 20.04
CAG 58A S . 24.92 -37.89 19.86
NAH 58A S . 25.73 -38.54 19.02
C1' 58A S . 27.06 -38.11 18.82
O4' 58A S . 27.58 -37.21 20.10
C2' 58A S . 27.11 -37.31 17.76
O2' 58A S . 27.60 -38.06 16.58
C3' 58A S . 28.12 -36.18 18.12
O3' 58A S . 29.20 -36.24 17.34
C4' 58A S . 28.55 -36.49 19.62
C5' 58A S . 28.65 -35.17 20.42
O5' 58A S . 27.77 -35.27 21.52
PAR 58A S . 28.37 -34.90 23.02
OAT 58A S . 27.45 -35.45 24.08
OAS 58A S . 29.76 -35.50 23.16
OAU 58A S . 28.45 -33.26 23.15
PAV 58A S . 27.10 -32.37 23.50
OAX 58A S . 26.68 -31.53 22.32
OAW 58A S . 25.98 -33.34 23.83
OAY 58A S . 27.41 -31.40 24.82
CAZ 58A S . 26.88 -31.78 26.07
CBA 58A S . 27.13 -30.63 27.05
OBB 58A S . 27.90 -31.06 28.13
CBU 58A S . 29.18 -30.48 28.20
OCK 58A S . 30.00 -30.75 27.36
CBV 58A S . 29.53 -29.48 29.33
CBW 58A S . 30.11 -30.18 30.61
CBX 58A S . 28.99 -30.61 31.61
CBY 58A S . 28.92 -29.69 32.86
CBZ 58A S . 28.36 -30.43 34.11
CCA 58A S . 27.72 -29.45 35.14
CCB 58A S . 27.45 -30.15 36.51
CCC 58A S . 26.89 -29.15 37.59
CCD 58A S . 26.16 -29.90 38.74
CCE 58A S . 25.02 -29.05 39.37
CCF 58A S . 24.08 -29.91 40.27
CCG 58A S . 23.47 -29.09 41.44
CCH 58A S . 23.12 -29.98 42.67
CCI 58A S . 21.63 -29.89 43.07
CCJ 58A S . 21.42 -29.18 44.42
CBC 58A S . 25.77 -30.10 27.55
OBD 58A S . 25.80 -30.10 28.97
CBE 58A S . 24.51 -30.06 29.56
OCL 58A S . 23.63 -30.77 29.14
CBF 58A S . 24.22 -29.12 30.74
CBG 58A S . 24.58 -29.74 32.11
CBH 58A S . 24.40 -28.73 33.28
CBI 58A S . 23.12 -29.03 34.16
CBJ 58A S . 23.25 -28.43 35.61
CBK 58A S . 21.93 -27.78 36.14
CBL 58A S . 21.92 -27.67 37.68
CBM 58A S . 20.53 -27.34 38.26
CBN 58A S . 20.62 -26.73 39.68
CBO 58A S . 19.25 -26.18 40.20
CBP 58A S . 18.86 -26.77 41.60
CBQ 58A S . 18.00 -25.75 42.44
CBR 58A S . 18.61 -25.48 43.84
CBS 58A S . 17.53 -25.52 44.95
CBT 58A S . 18.09 -26.00 46.30
C11 8K6 T . 3.36 -4.46 25.75
C12 8K6 T . 3.97 -5.54 24.85
C13 8K6 T . 5.45 -5.27 24.63
C14 8K6 T . 5.98 -6.15 23.52
C15 8K6 T . 7.50 -6.00 23.41
C16 8K6 T . 8.02 -6.91 22.30
C17 8K6 T . 9.55 -6.89 22.28
C11 8K6 U . 1.71 -0.50 23.84
C12 8K6 U . 2.50 -0.61 22.54
C13 8K6 U . 3.99 -0.79 22.85
C14 8K6 U . 4.76 -1.03 21.55
C15 8K6 U . 6.22 -1.30 21.88
C16 8K6 U . 6.96 -1.70 20.60
C17 8K6 U . 8.44 -1.91 20.90
C11 8K6 V . 7.58 -27.48 21.44
C12 8K6 V . 7.17 -28.75 20.70
C13 8K6 V . 8.33 -29.22 19.82
C14 8K6 V . 7.96 -30.55 19.16
C15 8K6 V . 9.07 -30.97 18.20
C16 8K6 V . 8.74 -32.32 17.59
C17 8K6 V . 9.94 -32.82 16.77
C11 8K6 W . 5.18 1.36 1.25
C12 8K6 W . 6.64 1.48 0.81
C13 8K6 W . 7.51 1.83 2.01
C14 8K6 W . 8.89 2.27 1.53
C15 8K6 W . 9.71 2.73 2.74
C16 8K6 W . 10.96 3.46 2.27
C17 8K6 W . 11.77 3.94 3.47
C11 8K6 X . 16.09 2.18 1.05
C12 8K6 X . 15.36 1.25 0.09
C13 8K6 X . 14.04 0.79 0.71
C14 8K6 X . 13.41 -0.28 -0.17
C15 8K6 X . 12.13 -0.80 0.50
C16 8K6 X . 11.46 -1.83 -0.40
C17 8K6 X . 10.14 -2.28 0.24
C11 8K6 Y . -5.16 -31.51 8.18
C12 8K6 Y . -5.43 -30.66 9.43
C13 8K6 Y . -6.93 -30.42 9.57
C14 8K6 Y . -7.21 -29.69 10.88
C15 8K6 Y . -8.71 -29.59 11.12
C16 8K6 Y . -8.97 -29.02 12.51
C17 8K6 Y . -10.47 -29.02 12.79
C11 8K6 Z . -7.56 -23.26 6.40
C12 8K6 Z . -8.68 -23.25 7.43
C13 8K6 Z . -9.87 -22.44 6.91
C14 8K6 Z . -11.00 -22.46 7.94
C15 8K6 Z . -12.25 -21.85 7.31
C16 8K6 Z . -13.40 -21.91 8.31
C17 8K6 Z . -14.63 -21.22 7.72
C11 8K6 AA . -13.18 -27.59 9.68
C12 8K6 AA . -11.82 -27.06 9.22
C13 8K6 AA . -11.44 -27.69 7.88
C14 8K6 AA . -10.11 -27.10 7.41
C15 8K6 AA . -9.73 -27.74 6.08
C16 8K6 AA . -8.37 -27.20 5.62
C17 8K6 AA . -7.91 -27.95 4.37
MG MG BA . 14.60 -14.93 1.09
MG MG CA . 15.20 -11.76 0.09
OAA 58A DA . 22.65 -11.11 -2.40
CAB 58A DA . 21.69 -10.88 -1.74
NAC 58A DA . 21.78 -9.90 -0.85
CAD 58A DA . 20.73 -9.59 -0.09
NAE 58A DA . 20.82 -8.53 0.88
CAF 58A DA . 19.56 -10.33 -0.24
CAG 58A DA . 19.52 -11.35 -1.19
NAH 58A DA . 20.60 -11.60 -1.93
C1' 58A DA . 20.57 -12.63 -2.89
O4' 58A DA . 19.03 -13.12 -3.19
C2' 58A DA . 21.23 -13.72 -2.49
O2' 58A DA . 22.57 -13.76 -3.11
C3' 58A DA . 20.39 -14.92 -2.99
O3' 58A DA . 21.11 -15.68 -3.82
C4' 58A DA . 19.17 -14.27 -3.78
C5' 58A DA . 17.90 -15.13 -3.64
O5' 58A DA . 17.03 -14.48 -2.73
PAR 58A DA . 15.45 -14.22 -3.20
OAT 58A DA . 14.94 -12.99 -2.49
OAS 58A DA . 15.38 -14.05 -4.70
OAU 58A DA . 14.54 -15.53 -2.77
PAV 58A DA . 13.64 -15.45 -1.39
OAX 58A DA . 13.89 -16.66 -0.52
OAW 58A DA . 14.08 -14.21 -0.67
OAY 58A DA . 12.02 -15.35 -1.80
CAZ 58A DA . 11.21 -16.49 -1.58
CBA 58A DA . 9.72 -16.13 -1.76
OBB 58A DA . 9.48 -15.58 -3.02
CBU 58A DA . 8.20 -15.89 -3.55
OCK 58A DA . 7.90 -17.03 -3.71
CBV 58A DA . 7.19 -14.76 -3.88
CBW 58A DA . 5.70 -15.21 -3.75
CBX 58A DA . 4.70 -14.16 -4.35
CBY 58A DA . 3.74 -13.56 -3.29
CBZ 58A DA . 2.95 -12.33 -3.86
CCA 58A DA . 1.42 -12.38 -3.56
CCB 58A DA . 0.71 -11.04 -3.93
CCC 58A DA . -0.83 -11.06 -3.63
CCD 58A DA . -1.36 -9.66 -3.20
CCE 58A DA . -2.21 -9.73 -1.90
CCF 58A DA . -2.56 -8.32 -1.35
CCG 58A DA . -3.91 -8.30 -0.58
CCH 58A DA . -4.50 -6.86 -0.46
CCI 58A DA . -6.05 -6.85 -0.47
CCJ 58A DA . -6.63 -5.70 0.38
CBC 58A DA . 9.26 -15.12 -0.67
OBD 58A DA . 7.85 -15.22 -0.58
CBE 58A DA . 7.22 -14.13 0.09
OCL 58A DA . 7.84 -13.44 0.84
CBF 58A DA . 5.72 -13.87 -0.13
CBG 58A DA . 4.99 -13.34 1.13
CBH 58A DA . 3.43 -13.51 1.04
CBI 58A DA . 2.66 -12.16 1.32
CBJ 58A DA . 1.16 -12.19 0.85
CBK 58A DA . 0.16 -12.12 2.05
CBL 58A DA . -1.14 -11.36 1.69
CBM 58A DA . -1.85 -10.82 2.97
CBN 58A DA . -2.91 -9.73 2.64
CBO 58A DA . -3.68 -9.27 3.92
CBP 58A DA . -4.79 -8.21 3.61
CBQ 58A DA . -6.00 -8.31 4.60
CBR 58A DA . -7.33 -8.61 3.87
CBS 58A DA . -8.49 -7.73 4.40
CBT 58A DA . -9.06 -6.79 3.32
C11 8K6 EA . -4.45 7.84 3.71
C12 8K6 EA . -4.30 9.33 3.42
C13 8K6 EA . -3.70 10.03 4.64
C14 8K6 EA . -3.50 11.52 4.33
C15 8K6 EA . -2.44 12.10 5.25
C16 8K6 EA . -3.09 12.96 6.34
C17 8K6 EA . -2.05 13.89 6.95
C11 8K6 FA . 4.57 13.40 -20.30
C12 8K6 FA . 3.32 13.55 -19.42
C13 8K6 FA . 3.27 14.96 -18.83
C14 8K6 FA . 1.93 15.18 -18.14
C15 8K6 FA . 1.88 16.59 -17.57
C16 8K6 FA . 0.55 16.80 -16.84
C17 8K6 FA . 0.66 18.04 -15.94
C11 8K6 GA . -6.58 4.75 -35.77
C12 8K6 GA . -7.42 5.95 -35.33
C13 8K6 GA . -8.83 5.47 -34.95
C14 8K6 GA . -9.65 6.65 -34.45
C15 8K6 GA . -10.99 6.16 -33.93
C16 8K6 GA . -11.72 7.29 -33.20
C17 8K6 GA . -13.03 6.77 -32.63
C11 8K6 HA . -14.02 -4.31 -28.85
C12 8K6 HA . -15.33 -3.65 -29.27
C13 8K6 HA . -16.35 -3.79 -28.14
C14 8K6 HA . -17.69 -3.20 -28.59
C15 8K6 HA . -18.71 -3.43 -27.47
C16 8K6 HA . -20.08 -2.92 -27.92
C17 8K6 HA . -21.10 -3.15 -26.82
C11 8K6 IA . 6.84 16.01 5.29
C12 8K6 IA . 5.39 15.92 4.79
C13 8K6 IA . 4.94 14.46 4.79
C14 8K6 IA . 3.46 14.37 4.42
C15 8K6 IA . 3.04 12.91 4.40
C16 8K6 IA . 1.53 12.80 4.16
C17 8K6 IA . 1.14 11.34 3.99
C11 8K6 JA . -4.19 4.82 17.66
C12 8K6 JA . -4.21 3.75 16.56
C13 8K6 JA . -3.34 4.20 15.39
C14 8K6 JA . -3.33 3.13 14.31
C15 8K6 JA . -2.76 3.70 13.02
C16 8K6 JA . -2.95 2.71 11.88
C17 8K6 JA . -2.34 3.27 10.60
MG MG KA . -15.98 14.36 -1.28
MG MG LA . -15.08 14.19 2.16
OAA 58A MA . -15.72 20.05 6.08
CAB 58A MA . -15.07 19.46 5.30
NAC 58A MA . -13.81 19.83 5.11
CAD 58A MA . -13.03 19.21 4.25
NAE 58A MA . -11.65 19.62 4.05
CAF 58A MA . -13.57 18.15 3.54
CAG 58A MA . -14.90 17.78 3.75
NAH 58A MA . -15.62 18.46 4.64
C1' 58A MA . -16.96 18.10 4.88
O4' 58A MA . -17.25 16.57 4.33
C2' 58A MA . -17.80 18.88 4.20
O2' 58A MA . -18.29 19.96 5.09
C3' 58A MA . -18.98 17.98 3.76
O3' 58A MA . -20.08 18.31 4.42
C4' 58A MA . -18.54 16.51 4.14
C5' 58A MA . -18.86 15.54 2.98
O5' 58A MA . -17.66 14.89 2.59
PAR 58A MA . -17.63 13.23 2.67
OAT 58A MA . -16.22 12.73 2.59
OAS 58A MA . -18.24 12.80 3.99
OAU 58A MA . -18.53 12.64 1.42
PAV 58A MA . -17.95 12.41 -0.11
OAX 58A MA . -18.73 13.26 -1.10
OAW 58A MA . -16.49 12.80 -0.17
OAY 58A MA . -18.12 10.81 -0.52
CAZ 58A MA . -16.98 9.98 -0.52
CBA 58A MA . -17.33 8.72 -1.34
OBB 58A MA . -17.34 7.60 -0.51
CBU 58A MA . -18.59 6.93 -0.51
OCK 58A MA . -19.57 7.49 -0.12
CBV 58A MA . -18.68 5.46 -1.00
CBW 58A MA . -18.27 4.42 0.10
CBX 58A MA . -16.86 3.80 -0.17
CBY 58A MA . -16.92 2.51 -1.04
CBZ 58A MA . -15.95 1.40 -0.52
CCA 58A MA . -15.46 0.44 -1.64
CCB 58A MA . -14.22 -0.40 -1.18
CCC 58A MA . -13.82 -1.51 -2.20
CCD 58A MA . -12.55 -2.29 -1.74
CCE 58A MA . -11.47 -2.38 -2.85
CCF 58A MA . -10.37 -3.43 -2.52
CCG 58A MA . -9.67 -3.97 -3.80
CCH 58A MA . -8.91 -5.31 -3.57
CCI 58A MA . -7.48 -5.27 -4.16
CCJ 58A MA . -6.77 -6.64 -4.07
CBC 58A MA . -16.27 8.53 -2.45
OBD 58A MA . -15.86 7.17 -2.45
CBE 58A MA . -14.53 7.01 -2.91
OCL 58A MA . -13.69 7.75 -2.53
CBF 58A MA . -14.19 5.88 -3.92
CBG 58A MA . -13.49 4.67 -3.26
CBH 58A MA . -13.26 3.50 -4.27
CBI 58A MA . -11.79 2.93 -4.30
CBJ 58A MA . -11.76 1.43 -4.76
CBK 58A MA . -11.04 1.21 -6.13
CBL 58A MA . -10.72 -0.28 -6.41
CBM 58A MA . -9.46 -0.50 -7.28
CBN 58A MA . -8.60 -1.68 -6.77
CBO 58A MA . -7.58 -2.19 -7.84
CBP 58A MA . -7.49 -3.76 -7.89
CBQ 58A MA . -6.62 -4.27 -9.08
CBR 58A MA . -6.31 -5.80 -8.97
CBS 58A MA . -4.83 -6.10 -8.66
CBT 58A MA . -4.61 -7.54 -8.19
C11 8K6 NA . -12.58 22.24 -49.80
C12 8K6 NA . -11.92 23.44 -50.46
C13 8K6 NA . -12.99 24.39 -51.00
C14 8K6 NA . -13.82 24.93 -49.84
C15 8K6 NA . -14.95 25.81 -50.38
C16 8K6 NA . -15.79 26.32 -49.21
C17 8K6 NA . -17.06 26.98 -49.74
C11 8K6 OA . -18.78 27.78 -43.69
C12 8K6 OA . -17.39 27.17 -43.87
C13 8K6 OA . -17.24 26.66 -45.31
C14 8K6 OA . -17.83 25.26 -45.42
C15 8K6 OA . -16.77 24.21 -45.15
C16 8K6 OA . -15.64 24.35 -46.18
C17 8K6 OA . -14.99 22.99 -46.42
C11 8K6 PA . -10.14 10.49 -36.18
C12 8K6 PA . -11.62 10.42 -35.79
C13 8K6 PA . -11.83 11.13 -34.45
C14 8K6 PA . -13.30 11.08 -34.06
C15 8K6 PA . -13.51 11.85 -32.76
C16 8K6 PA . -14.98 11.84 -32.37
C17 8K6 PA . -15.18 12.60 -31.06
C11 8K6 QA . -13.91 12.63 -38.99
C12 8K6 QA . -15.19 12.08 -38.39
C13 8K6 QA . -15.59 12.93 -37.19
C14 8K6 QA . -16.90 12.40 -36.61
C15 8K6 QA . -17.41 13.36 -35.53
C16 8K6 QA . -18.80 12.93 -35.07
C17 8K6 QA . -19.39 14.00 -34.15
C11 8K6 RA . -24.05 12.94 -36.05
C12 8K6 RA . -23.57 12.53 -37.44
C13 8K6 RA . -22.10 12.95 -37.61
C14 8K6 RA . -21.62 12.58 -39.00
C15 8K6 RA . -20.15 12.99 -39.16
C16 8K6 RA . -19.64 12.58 -40.54
C17 8K6 RA . -18.18 12.98 -40.67
C11 8K6 SA . -35.09 28.13 -38.87
C12 8K6 SA . -35.49 27.22 -37.70
C13 8K6 SA . -36.69 27.82 -36.97
C14 8K6 SA . -36.90 27.10 -35.64
C15 8K6 SA . -38.27 27.46 -35.09
C16 8K6 SA . -38.51 26.73 -33.78
C17 8K6 SA . -39.92 27.05 -33.27
C11 8K6 TA . -33.11 28.76 -35.49
C12 8K6 TA . -32.22 29.79 -36.18
C13 8K6 TA . -30.77 29.60 -35.72
C14 8K6 TA . -29.89 30.69 -36.31
C15 8K6 TA . -28.51 30.61 -35.65
C16 8K6 TA . -27.59 31.68 -36.24
C17 8K6 TA . -26.21 31.55 -35.61
MG MG UA . -23.42 33.05 -22.48
MG MG VA . -26.30 34.44 -24.16
OAA 58A WA . -32.98 33.20 -21.75
CAB 58A WA . -32.07 32.77 -22.39
NAC 58A WA . -32.26 31.67 -23.10
CAD 58A WA . -31.28 31.15 -23.83
NAE 58A WA . -31.50 29.96 -24.60
CAF 58A WA . -30.05 31.79 -23.80
CAG 58A WA . -29.88 32.94 -23.04
NAH 58A WA . -30.91 33.40 -22.34
C1' 58A WA . -30.76 34.58 -21.56
O4' 58A WA . -29.32 35.31 -21.90
C2' 58A WA . -30.71 34.30 -20.25
O2' 58A WA . -32.05 34.49 -19.65
C3' 58A WA . -29.69 35.30 -19.65
O3' 58A WA . -30.30 36.12 -18.79
C4' 58A WA . -29.15 36.13 -20.89
C5' 58A WA . -27.65 36.45 -20.71
O5' 58A WA . -26.95 35.93 -21.82
PAR 58A WA . -26.03 36.96 -22.74
OAT 58A WA . -25.97 36.46 -24.16
OAS 58A WA . -26.64 38.35 -22.72
OAU 58A WA . -24.50 37.01 -22.11
PAV 58A WA . -23.35 35.93 -22.59
OAX 58A WA . -22.87 35.11 -21.41
OAW 58A WA . -23.97 35.02 -23.61
OAY 58A WA . -22.07 36.76 -23.27
CAZ 58A WA . -21.76 36.53 -24.62
CBA 58A WA . -20.27 36.86 -24.81
OBB 58A WA . -20.13 37.98 -25.61
CBU 58A WA . -19.71 39.14 -24.90
OCK 58A WA . -20.33 39.51 -23.96
CBV 58A WA . -18.43 39.91 -25.36
CBW 58A WA . -18.66 40.71 -26.69
CBX 58A WA . -18.41 39.83 -27.96
CBY 58A WA . -16.98 40.04 -28.55
CBZ 58A WA . -17.01 40.54 -30.03
CCA 58A WA . -15.68 40.24 -30.79
CCB 58A WA . -15.86 40.41 -32.33
CCC 58A WA . -14.51 40.43 -33.10
CCD 58A WA . -14.70 40.18 -34.63
CCE 58A WA . -13.74 39.09 -35.18
CCF 58A WA . -13.55 39.19 -36.72
CCG 58A WA . -12.22 38.54 -37.20
CCH 58A WA . -11.79 39.03 -38.61
CCI 58A WA . -11.54 37.85 -39.58
CCJ 58A WA . -11.23 38.32 -41.02
CBC 58A WA . -19.55 35.65 -25.46
OBD 58A WA . -18.43 36.13 -26.18
CBE 58A WA . -18.12 35.32 -27.32
OCL 58A WA . -18.92 34.54 -27.71
CBF 58A WA . -16.76 35.48 -28.04
CBG 58A WA . -16.85 36.22 -29.39
CBH 58A WA . -15.46 36.34 -30.09
CBI 58A WA . -15.31 35.43 -31.37
CBJ 58A WA . -14.35 36.07 -32.44
CBK 58A WA . -13.12 35.17 -32.80
CBL 58A WA . -12.36 35.70 -34.04
CBM 58A WA . -11.75 34.56 -34.91
CBN 58A WA . -10.46 35.02 -35.63
CBO 58A WA . -9.78 33.87 -36.45
CBP 58A WA . -9.67 34.19 -37.98
CBQ 58A WA . -8.43 33.51 -38.64
CBR 58A WA . -7.49 34.52 -39.35
CBS 58A WA . -7.26 34.16 -40.82
CBT 58A WA . -7.09 35.39 -41.72
#